data_1V9X
#
_entry.id   1V9X
#
loop_
_entity.id
_entity.type
_entity.pdbx_description
1 polymer 'poly (ADP-ribose) polymerase'
2 non-polymer 'ZINC ION'
#
_entity_poly.entity_id   1
_entity_poly.type   'polypeptide(L)'
_entity_poly.pdbx_seq_one_letter_code
;GSSGSSGHKPWRAEYAKSSRSSCKTCKSVINKENFRLGKLVQSTHFDGIMPMWNHASCILKKTKQIKSVDDVEGIESLRW
EDQQKIRKYVESGAGSNTSTSTGTSTSSSGPSSG
;
_entity_poly.pdbx_strand_id   A
#
# COMPACT_ATOMS: atom_id res chain seq x y z
N GLY A 1 -2.05 3.79 -21.39
CA GLY A 1 -3.41 4.07 -20.96
C GLY A 1 -3.66 5.55 -20.75
N SER A 2 -4.85 6.01 -21.13
CA SER A 2 -5.20 7.41 -20.99
C SER A 2 -6.12 7.62 -19.78
N SER A 3 -6.13 8.84 -19.26
CA SER A 3 -6.95 9.16 -18.10
C SER A 3 -6.99 10.68 -17.88
N GLY A 4 -7.80 11.11 -16.91
CA GLY A 4 -7.92 12.52 -16.61
C GLY A 4 -8.61 12.78 -15.28
N SER A 5 -8.02 12.27 -14.21
CA SER A 5 -8.58 12.45 -12.87
C SER A 5 -7.56 13.04 -11.91
N SER A 6 -7.39 14.36 -11.97
CA SER A 6 -6.44 15.04 -11.11
C SER A 6 -6.48 14.48 -9.69
N GLY A 7 -5.31 14.35 -9.08
CA GLY A 7 -5.23 13.82 -7.72
C GLY A 7 -5.27 12.31 -7.69
N HIS A 8 -4.29 11.72 -7.02
CA HIS A 8 -4.23 10.27 -6.92
C HIS A 8 -3.62 9.88 -5.57
N LYS A 9 -4.32 8.99 -4.87
CA LYS A 9 -3.88 8.51 -3.57
C LYS A 9 -2.59 7.70 -3.70
N PRO A 10 -1.71 7.82 -2.70
CA PRO A 10 -0.43 7.11 -2.67
C PRO A 10 -0.60 5.61 -2.47
N TRP A 11 -1.57 5.23 -1.64
CA TRP A 11 -1.86 3.83 -1.37
C TRP A 11 -3.22 3.42 -1.90
N ARG A 12 -3.36 2.15 -2.26
CA ARG A 12 -4.61 1.64 -2.79
C ARG A 12 -5.09 0.43 -1.99
N ALA A 13 -6.41 0.26 -1.91
CA ALA A 13 -6.99 -0.85 -1.18
C ALA A 13 -8.07 -1.56 -2.00
N GLU A 14 -7.91 -2.85 -2.19
CA GLU A 14 -8.87 -3.64 -2.95
C GLU A 14 -8.54 -5.12 -2.90
N TYR A 15 -9.57 -5.97 -2.93
CA TYR A 15 -9.38 -7.40 -2.88
C TYR A 15 -8.85 -7.93 -4.21
N ALA A 16 -7.70 -8.61 -4.15
CA ALA A 16 -7.10 -9.16 -5.36
C ALA A 16 -8.06 -10.10 -6.07
N LYS A 17 -8.30 -9.83 -7.35
CA LYS A 17 -9.20 -10.65 -8.16
C LYS A 17 -8.43 -11.74 -8.90
N SER A 18 -7.29 -12.13 -8.34
CA SER A 18 -6.45 -13.16 -8.96
C SER A 18 -5.28 -13.52 -8.05
N SER A 19 -4.50 -14.50 -8.47
CA SER A 19 -3.35 -14.96 -7.68
C SER A 19 -2.09 -14.95 -8.54
N ARG A 20 -2.02 -14.03 -9.48
CA ARG A 20 -0.87 -13.91 -10.37
C ARG A 20 0.18 -12.98 -9.77
N SER A 21 -0.28 -11.94 -9.09
CA SER A 21 0.61 -10.96 -8.47
C SER A 21 1.32 -11.56 -7.28
N SER A 22 2.54 -11.10 -7.02
CA SER A 22 3.34 -11.59 -5.90
C SER A 22 3.88 -10.43 -5.07
N CYS A 23 3.69 -10.51 -3.76
CA CYS A 23 4.16 -9.47 -2.84
C CYS A 23 5.63 -9.16 -3.09
N LYS A 24 6.07 -7.98 -2.67
CA LYS A 24 7.45 -7.56 -2.84
C LYS A 24 8.19 -7.58 -1.51
N THR A 25 7.46 -7.34 -0.42
CA THR A 25 8.06 -7.33 0.91
C THR A 25 8.49 -8.73 1.33
N CYS A 26 7.59 -9.70 1.17
CA CYS A 26 7.88 -11.08 1.53
C CYS A 26 8.22 -11.90 0.31
N LYS A 27 7.86 -11.40 -0.87
CA LYS A 27 8.14 -12.09 -2.13
C LYS A 27 7.30 -13.36 -2.24
N SER A 28 6.02 -13.25 -1.90
CA SER A 28 5.12 -14.40 -1.97
C SER A 28 3.94 -14.11 -2.89
N VAL A 29 3.09 -15.11 -3.11
CA VAL A 29 1.93 -14.96 -3.96
C VAL A 29 0.73 -14.42 -3.19
N ILE A 30 -0.04 -13.55 -3.82
CA ILE A 30 -1.22 -12.96 -3.20
C ILE A 30 -2.50 -13.55 -3.76
N ASN A 31 -2.97 -14.64 -3.16
CA ASN A 31 -4.18 -15.30 -3.60
C ASN A 31 -5.36 -14.32 -3.61
N LYS A 32 -6.20 -14.43 -4.64
CA LYS A 32 -7.35 -13.56 -4.78
C LYS A 32 -8.26 -13.65 -3.55
N GLU A 33 -9.15 -12.68 -3.40
CA GLU A 33 -10.06 -12.66 -2.26
C GLU A 33 -9.33 -12.28 -0.98
N ASN A 34 -8.22 -11.57 -1.13
CA ASN A 34 -7.43 -11.14 0.02
C ASN A 34 -7.21 -9.64 0.00
N PHE A 35 -7.02 -9.05 1.18
CA PHE A 35 -6.80 -7.61 1.30
C PHE A 35 -5.31 -7.28 1.19
N ARG A 36 -4.95 -6.57 0.12
CA ARG A 36 -3.56 -6.19 -0.11
C ARG A 36 -3.42 -4.67 -0.19
N LEU A 37 -2.19 -4.20 -0.34
CA LEU A 37 -1.91 -2.78 -0.44
C LEU A 37 -0.95 -2.48 -1.58
N GLY A 38 -1.27 -1.45 -2.36
CA GLY A 38 -0.41 -1.08 -3.48
C GLY A 38 0.11 0.34 -3.36
N LYS A 39 1.42 0.47 -3.15
CA LYS A 39 2.06 1.77 -3.01
C LYS A 39 2.32 2.39 -4.38
N LEU A 40 1.44 3.31 -4.79
CA LEU A 40 1.59 3.97 -6.08
C LEU A 40 2.71 5.01 -6.04
N VAL A 41 3.69 4.85 -6.92
CA VAL A 41 4.82 5.76 -6.99
C VAL A 41 4.96 6.36 -8.38
N GLN A 42 4.69 7.66 -8.48
CA GLN A 42 4.80 8.35 -9.77
C GLN A 42 6.24 8.40 -10.24
N SER A 43 6.42 8.43 -11.56
CA SER A 43 7.75 8.48 -12.15
C SER A 43 7.88 9.67 -13.09
N THR A 44 9.12 9.95 -13.52
CA THR A 44 9.38 11.06 -14.42
C THR A 44 9.45 10.59 -15.87
N HIS A 45 9.86 9.34 -16.06
CA HIS A 45 9.96 8.80 -17.40
C HIS A 45 8.58 8.34 -17.87
N PHE A 46 8.50 8.00 -19.15
CA PHE A 46 7.26 7.55 -19.75
C PHE A 46 7.07 6.04 -19.56
N ASP A 47 6.19 5.67 -18.64
CA ASP A 47 5.92 4.27 -18.35
C ASP A 47 4.76 4.13 -17.37
N GLY A 48 3.88 3.17 -17.66
CA GLY A 48 2.73 2.95 -16.79
C GLY A 48 3.12 2.82 -15.33
N ILE A 49 2.35 3.46 -14.46
CA ILE A 49 2.62 3.41 -13.02
C ILE A 49 2.85 1.97 -12.56
N MET A 50 3.77 1.80 -11.61
CA MET A 50 4.08 0.48 -11.07
C MET A 50 3.60 0.36 -9.64
N PRO A 51 2.38 -0.17 -9.46
CA PRO A 51 1.79 -0.36 -8.13
C PRO A 51 2.49 -1.45 -7.33
N MET A 52 3.24 -1.05 -6.30
CA MET A 52 3.96 -1.99 -5.46
C MET A 52 2.98 -2.86 -4.67
N TRP A 53 2.70 -4.05 -5.19
CA TRP A 53 1.79 -4.97 -4.53
C TRP A 53 2.44 -5.59 -3.30
N ASN A 54 1.79 -5.44 -2.15
CA ASN A 54 2.31 -5.99 -0.90
C ASN A 54 1.17 -6.31 0.07
N HIS A 55 1.21 -7.50 0.66
CA HIS A 55 0.19 -7.91 1.60
C HIS A 55 -0.08 -6.78 2.59
N ALA A 56 -1.36 -6.58 2.89
CA ALA A 56 -1.78 -5.55 3.82
C ALA A 56 -1.09 -5.71 5.17
N SER A 57 -0.60 -6.92 5.43
CA SER A 57 0.08 -7.22 6.69
C SER A 57 1.60 -7.05 6.54
N CYS A 58 2.07 -7.07 5.30
CA CYS A 58 3.50 -6.92 5.02
C CYS A 58 3.91 -5.47 5.10
N ILE A 59 2.96 -4.56 4.85
CA ILE A 59 3.24 -3.14 4.89
C ILE A 59 2.99 -2.57 6.28
N LEU A 60 1.82 -2.87 6.84
CA LEU A 60 1.46 -2.40 8.17
C LEU A 60 2.55 -2.72 9.18
N LYS A 61 3.23 -3.84 8.97
CA LYS A 61 4.30 -4.26 9.86
C LYS A 61 5.49 -3.31 9.79
N LYS A 62 5.62 -2.63 8.65
CA LYS A 62 6.71 -1.68 8.44
C LYS A 62 6.38 -0.33 9.10
N THR A 63 7.27 0.64 8.91
CA THR A 63 7.07 1.97 9.47
C THR A 63 7.17 3.04 8.41
N LYS A 64 6.61 4.21 8.70
CA LYS A 64 6.64 5.33 7.76
C LYS A 64 6.18 4.89 6.38
N GLN A 65 5.01 4.25 6.32
CA GLN A 65 4.47 3.77 5.06
C GLN A 65 3.19 4.53 4.69
N ILE A 66 2.25 4.58 5.62
CA ILE A 66 0.99 5.28 5.40
C ILE A 66 0.82 6.44 6.38
N LYS A 67 0.38 7.59 5.86
CA LYS A 67 0.18 8.76 6.69
C LYS A 67 -1.18 8.71 7.39
N SER A 68 -2.22 8.40 6.62
CA SER A 68 -3.57 8.32 7.18
C SER A 68 -4.48 7.49 6.27
N VAL A 69 -5.55 6.96 6.84
CA VAL A 69 -6.50 6.14 6.09
C VAL A 69 -7.03 6.90 4.87
N ASP A 70 -7.02 8.23 4.95
CA ASP A 70 -7.50 9.07 3.86
C ASP A 70 -6.61 8.92 2.63
N ASP A 71 -5.34 8.64 2.86
CA ASP A 71 -4.38 8.47 1.77
C ASP A 71 -4.63 7.16 1.03
N VAL A 72 -5.32 6.24 1.69
CA VAL A 72 -5.63 4.93 1.08
C VAL A 72 -6.90 5.00 0.25
N GLU A 73 -6.82 4.54 -0.99
CA GLU A 73 -7.97 4.55 -1.88
C GLU A 73 -8.71 3.21 -1.83
N GLY A 74 -10.04 3.27 -1.93
CA GLY A 74 -10.84 2.06 -1.89
C GLY A 74 -10.84 1.40 -0.52
N ILE A 75 -10.27 2.10 0.47
CA ILE A 75 -10.20 1.58 1.82
C ILE A 75 -11.60 1.34 2.39
N GLU A 76 -12.59 2.02 1.82
CA GLU A 76 -13.97 1.88 2.27
C GLU A 76 -14.59 0.58 1.74
N SER A 77 -13.91 -0.04 0.78
CA SER A 77 -14.39 -1.28 0.19
C SER A 77 -13.85 -2.49 0.95
N LEU A 78 -12.83 -2.26 1.76
CA LEU A 78 -12.22 -3.33 2.54
C LEU A 78 -13.13 -3.74 3.71
N ARG A 79 -12.90 -4.92 4.24
CA ARG A 79 -13.69 -5.43 5.35
C ARG A 79 -13.42 -4.63 6.62
N TRP A 80 -14.44 -4.50 7.46
CA TRP A 80 -14.32 -3.75 8.71
C TRP A 80 -12.96 -4.02 9.37
N GLU A 81 -12.71 -5.29 9.67
CA GLU A 81 -11.45 -5.69 10.31
C GLU A 81 -10.26 -5.10 9.56
N ASP A 82 -10.34 -5.12 8.23
CA ASP A 82 -9.27 -4.60 7.40
C ASP A 82 -9.14 -3.09 7.56
N GLN A 83 -10.24 -2.38 7.37
CA GLN A 83 -10.25 -0.93 7.50
C GLN A 83 -9.65 -0.49 8.83
N GLN A 84 -9.85 -1.31 9.87
CA GLN A 84 -9.33 -1.01 11.19
C GLN A 84 -7.80 -1.09 11.21
N LYS A 85 -7.27 -2.07 10.49
CA LYS A 85 -5.82 -2.27 10.41
C LYS A 85 -5.13 -1.00 9.92
N ILE A 86 -5.84 -0.21 9.12
CA ILE A 86 -5.29 1.03 8.58
C ILE A 86 -5.33 2.14 9.62
N ARG A 87 -6.55 2.56 9.98
CA ARG A 87 -6.73 3.62 10.96
C ARG A 87 -5.98 3.30 12.26
N LYS A 88 -6.03 2.03 12.67
CA LYS A 88 -5.37 1.59 13.88
C LYS A 88 -3.86 1.51 13.68
N TYR A 89 -3.40 1.91 12.50
CA TYR A 89 -1.98 1.89 12.18
C TYR A 89 -1.46 3.31 11.95
N VAL A 90 -2.26 4.13 11.28
CA VAL A 90 -1.87 5.51 11.00
C VAL A 90 -2.00 6.38 12.24
N GLU A 91 -2.99 6.07 13.07
CA GLU A 91 -3.22 6.83 14.30
C GLU A 91 -2.19 6.46 15.37
N SER A 92 -2.03 5.16 15.60
CA SER A 92 -1.07 4.68 16.59
C SER A 92 0.33 4.58 16.01
N GLY A 93 1.33 4.47 16.89
CA GLY A 93 2.70 4.38 16.44
C GLY A 93 2.93 3.19 15.53
N ALA A 94 3.10 3.46 14.24
CA ALA A 94 3.33 2.41 13.25
C ALA A 94 4.40 1.43 13.74
N GLY A 95 4.14 0.15 13.55
CA GLY A 95 5.09 -0.87 13.98
C GLY A 95 4.91 -1.25 15.43
N SER A 96 5.42 -2.42 15.80
CA SER A 96 5.32 -2.91 17.17
C SER A 96 6.69 -3.08 17.80
N ASN A 97 6.73 -3.32 19.10
CA ASN A 97 7.97 -3.50 19.83
C ASN A 97 9.03 -2.51 19.35
N THR A 98 8.62 -1.25 19.22
CA THR A 98 9.53 -0.19 18.77
C THR A 98 10.52 -0.72 17.75
N SER A 99 10.00 -1.37 16.71
CA SER A 99 10.84 -1.92 15.65
C SER A 99 10.80 -1.05 14.40
N THR A 100 11.68 -0.06 14.35
CA THR A 100 11.74 0.84 13.21
C THR A 100 13.03 0.65 12.41
N SER A 101 12.92 0.66 11.09
CA SER A 101 14.07 0.49 10.23
C SER A 101 13.98 1.39 9.01
N THR A 102 15.14 1.85 8.53
CA THR A 102 15.19 2.73 7.37
C THR A 102 14.90 1.97 6.08
N GLY A 103 13.67 2.08 5.59
CA GLY A 103 13.28 1.40 4.38
C GLY A 103 13.72 -0.06 4.37
N THR A 104 13.78 -0.65 3.18
CA THR A 104 14.18 -2.04 3.04
C THR A 104 15.52 -2.16 2.33
N SER A 105 16.23 -3.27 2.57
CA SER A 105 17.53 -3.50 1.96
C SER A 105 17.41 -3.54 0.43
N THR A 106 18.55 -3.42 -0.24
CA THR A 106 18.57 -3.45 -1.70
C THR A 106 18.77 -4.86 -2.22
N SER A 107 17.99 -5.24 -3.23
CA SER A 107 18.08 -6.58 -3.81
C SER A 107 18.16 -6.49 -5.33
N SER A 108 19.39 -6.45 -5.85
CA SER A 108 19.60 -6.36 -7.29
C SER A 108 18.54 -5.48 -7.95
N SER A 109 18.24 -4.36 -7.32
CA SER A 109 17.25 -3.42 -7.84
C SER A 109 17.73 -2.77 -9.13
N GLY A 110 17.21 -3.24 -10.26
CA GLY A 110 17.60 -2.68 -11.53
C GLY A 110 17.27 -3.61 -12.69
N PRO A 111 18.11 -4.64 -12.89
CA PRO A 111 17.91 -5.62 -13.97
C PRO A 111 16.72 -6.52 -13.72
N SER A 112 16.00 -6.27 -12.63
CA SER A 112 14.83 -7.06 -12.28
C SER A 112 14.09 -7.51 -13.53
N SER A 113 13.96 -8.82 -13.70
CA SER A 113 13.27 -9.39 -14.85
C SER A 113 11.76 -9.24 -14.72
N GLY A 114 11.17 -8.44 -15.60
CA GLY A 114 9.73 -8.24 -15.56
C GLY A 114 9.36 -6.92 -14.91
N GLY A 1 -10.44 11.28 -22.09
CA GLY A 1 -10.50 12.08 -23.30
C GLY A 1 -10.26 13.55 -23.02
N SER A 2 -11.02 14.11 -22.09
CA SER A 2 -10.89 15.52 -21.74
C SER A 2 -10.28 15.69 -20.35
N SER A 3 -10.79 14.91 -19.39
CA SER A 3 -10.29 14.97 -18.02
C SER A 3 -8.78 14.83 -17.99
N GLY A 4 -8.20 15.17 -16.83
CA GLY A 4 -6.75 15.07 -16.68
C GLY A 4 -6.29 15.35 -15.26
N SER A 5 -6.42 16.60 -14.83
CA SER A 5 -6.01 17.00 -13.50
C SER A 5 -6.81 16.25 -12.44
N SER A 6 -6.11 15.54 -11.56
CA SER A 6 -6.77 14.76 -10.51
C SER A 6 -5.75 14.28 -9.49
N GLY A 7 -6.06 14.47 -8.21
CA GLY A 7 -5.16 14.03 -7.15
C GLY A 7 -5.32 12.57 -6.82
N HIS A 8 -4.40 11.75 -7.28
CA HIS A 8 -4.45 10.32 -7.03
C HIS A 8 -3.87 10.03 -5.64
N LYS A 9 -4.47 9.04 -4.97
CA LYS A 9 -4.02 8.65 -3.64
C LYS A 9 -2.74 7.82 -3.72
N PRO A 10 -1.90 7.94 -2.68
CA PRO A 10 -0.63 7.22 -2.61
C PRO A 10 -0.83 5.72 -2.41
N TRP A 11 -1.74 5.35 -1.52
CA TRP A 11 -2.02 3.95 -1.24
C TRP A 11 -3.39 3.55 -1.79
N ARG A 12 -3.53 2.28 -2.16
CA ARG A 12 -4.78 1.78 -2.70
C ARG A 12 -5.26 0.56 -1.91
N ALA A 13 -6.58 0.35 -1.90
CA ALA A 13 -7.16 -0.78 -1.20
C ALA A 13 -8.17 -1.52 -2.06
N GLU A 14 -7.95 -2.82 -2.24
CA GLU A 14 -8.84 -3.64 -3.06
C GLU A 14 -8.46 -5.12 -2.96
N TYR A 15 -9.46 -5.99 -3.05
CA TYR A 15 -9.24 -7.42 -2.97
C TYR A 15 -8.73 -7.98 -4.30
N ALA A 16 -7.57 -8.64 -4.27
CA ALA A 16 -6.98 -9.21 -5.46
C ALA A 16 -7.96 -10.14 -6.16
N LYS A 17 -8.06 -10.01 -7.48
CA LYS A 17 -8.96 -10.83 -8.28
C LYS A 17 -8.20 -11.94 -8.99
N SER A 18 -7.08 -12.35 -8.41
CA SER A 18 -6.26 -13.40 -9.00
C SER A 18 -5.10 -13.77 -8.06
N SER A 19 -4.28 -14.70 -8.51
CA SER A 19 -3.13 -15.15 -7.72
C SER A 19 -1.87 -15.19 -8.56
N ARG A 20 -1.76 -14.26 -9.51
CA ARG A 20 -0.61 -14.19 -10.40
C ARG A 20 0.46 -13.26 -9.82
N SER A 21 0.01 -12.20 -9.16
CA SER A 21 0.92 -11.22 -8.56
C SER A 21 1.63 -11.82 -7.34
N SER A 22 2.79 -11.25 -7.01
CA SER A 22 3.57 -11.72 -5.87
C SER A 22 4.09 -10.55 -5.04
N CYS A 23 3.88 -10.61 -3.74
CA CYS A 23 4.33 -9.56 -2.84
C CYS A 23 5.81 -9.26 -3.05
N LYS A 24 6.25 -8.10 -2.56
CA LYS A 24 7.65 -7.69 -2.69
C LYS A 24 8.34 -7.71 -1.34
N THR A 25 7.59 -7.42 -0.29
CA THR A 25 8.14 -7.40 1.07
C THR A 25 8.54 -8.80 1.52
N CYS A 26 7.75 -9.79 1.14
CA CYS A 26 8.02 -11.18 1.50
C CYS A 26 8.38 -12.01 0.28
N LYS A 27 7.99 -11.51 -0.90
CA LYS A 27 8.27 -12.20 -2.15
C LYS A 27 7.42 -13.47 -2.27
N SER A 28 6.15 -13.35 -1.91
CA SER A 28 5.23 -14.49 -1.98
C SER A 28 4.07 -14.20 -2.93
N VAL A 29 3.21 -15.18 -3.12
CA VAL A 29 2.06 -15.04 -4.00
C VAL A 29 0.85 -14.49 -3.25
N ILE A 30 0.15 -13.57 -3.88
CA ILE A 30 -1.04 -12.96 -3.27
C ILE A 30 -2.32 -13.54 -3.86
N ASN A 31 -2.80 -14.63 -3.26
CA ASN A 31 -4.02 -15.27 -3.72
C ASN A 31 -5.19 -14.29 -3.72
N LYS A 32 -6.06 -14.42 -4.72
CA LYS A 32 -7.23 -13.56 -4.84
C LYS A 32 -8.10 -13.65 -3.60
N GLU A 33 -8.99 -12.67 -3.43
CA GLU A 33 -9.89 -12.66 -2.28
C GLU A 33 -9.14 -12.28 -1.02
N ASN A 34 -8.03 -11.57 -1.17
CA ASN A 34 -7.22 -11.16 -0.03
C ASN A 34 -7.01 -9.64 -0.03
N PHE A 35 -7.02 -9.05 1.15
CA PHE A 35 -6.83 -7.61 1.28
C PHE A 35 -5.36 -7.24 1.17
N ARG A 36 -4.99 -6.66 0.04
CA ARG A 36 -3.60 -6.26 -0.20
C ARG A 36 -3.49 -4.74 -0.27
N LEU A 37 -2.26 -4.25 -0.47
CA LEU A 37 -2.01 -2.82 -0.55
C LEU A 37 -1.01 -2.52 -1.66
N GLY A 38 -1.36 -1.57 -2.53
CA GLY A 38 -0.49 -1.20 -3.62
C GLY A 38 0.03 0.22 -3.49
N LYS A 39 1.32 0.36 -3.17
CA LYS A 39 1.94 1.66 -3.02
C LYS A 39 2.19 2.31 -4.37
N LEU A 40 1.32 3.25 -4.75
CA LEU A 40 1.45 3.94 -6.03
C LEU A 40 2.59 4.95 -5.98
N VAL A 41 3.59 4.75 -6.84
CA VAL A 41 4.74 5.65 -6.89
C VAL A 41 4.96 6.18 -8.31
N GLN A 42 5.08 7.49 -8.44
CA GLN A 42 5.30 8.11 -9.74
C GLN A 42 6.76 8.01 -10.16
N SER A 43 6.99 7.40 -11.31
CA SER A 43 8.35 7.23 -11.82
C SER A 43 8.83 8.51 -12.50
N THR A 44 10.15 8.60 -12.71
CA THR A 44 10.74 9.76 -13.34
C THR A 44 9.87 10.27 -14.48
N HIS A 45 9.58 9.39 -15.43
CA HIS A 45 8.76 9.76 -16.56
C HIS A 45 7.33 9.27 -16.35
N PHE A 46 6.48 9.56 -17.33
CA PHE A 46 5.08 9.15 -17.27
C PHE A 46 4.83 7.91 -18.11
N ASP A 47 5.78 6.98 -18.06
CA ASP A 47 5.66 5.74 -18.82
C ASP A 47 4.83 4.71 -18.07
N GLY A 48 3.69 5.14 -17.55
CA GLY A 48 2.83 4.24 -16.81
C GLY A 48 3.10 4.29 -15.31
N ILE A 49 2.37 3.46 -14.56
CA ILE A 49 2.53 3.41 -13.11
C ILE A 49 2.85 1.99 -12.65
N MET A 50 3.71 1.88 -11.64
CA MET A 50 4.09 0.57 -11.10
C MET A 50 3.52 0.38 -9.69
N PRO A 51 2.33 -0.23 -9.61
CA PRO A 51 1.66 -0.48 -8.33
C PRO A 51 2.38 -1.55 -7.50
N MET A 52 3.15 -1.10 -6.52
CA MET A 52 3.89 -2.02 -5.65
C MET A 52 2.93 -2.86 -4.81
N TRP A 53 2.64 -4.06 -5.28
CA TRP A 53 1.73 -4.96 -4.58
C TRP A 53 2.41 -5.55 -3.34
N ASN A 54 1.73 -5.47 -2.21
CA ASN A 54 2.27 -6.00 -0.96
C ASN A 54 1.14 -6.35 0.01
N HIS A 55 1.21 -7.54 0.58
CA HIS A 55 0.19 -7.99 1.52
C HIS A 55 -0.11 -6.87 2.52
N ALA A 56 -1.40 -6.66 2.76
CA ALA A 56 -1.84 -5.63 3.68
C ALA A 56 -1.18 -5.78 5.03
N SER A 57 -0.65 -6.97 5.30
CA SER A 57 0.02 -7.26 6.57
C SER A 57 1.52 -7.06 6.45
N CYS A 58 2.03 -7.13 5.22
CA CYS A 58 3.45 -6.96 4.96
C CYS A 58 3.85 -5.49 5.03
N ILE A 59 2.87 -4.61 4.80
CA ILE A 59 3.12 -3.18 4.83
C ILE A 59 2.86 -2.60 6.22
N LEU A 60 1.67 -2.87 6.75
CA LEU A 60 1.29 -2.39 8.07
C LEU A 60 2.37 -2.72 9.10
N LYS A 61 3.05 -3.83 8.90
CA LYS A 61 4.12 -4.26 9.81
C LYS A 61 5.31 -3.30 9.74
N LYS A 62 5.54 -2.74 8.56
CA LYS A 62 6.64 -1.80 8.36
C LYS A 62 6.34 -0.45 9.02
N THR A 63 7.23 0.50 8.82
CA THR A 63 7.06 1.84 9.39
C THR A 63 7.14 2.91 8.32
N LYS A 64 6.64 4.10 8.64
CA LYS A 64 6.67 5.21 7.69
C LYS A 64 6.14 4.79 6.33
N GLN A 65 4.99 4.13 6.32
CA GLN A 65 4.38 3.67 5.08
C GLN A 65 3.14 4.49 4.73
N ILE A 66 2.22 4.60 5.68
CA ILE A 66 1.00 5.35 5.47
C ILE A 66 0.89 6.51 6.47
N LYS A 67 0.32 7.62 6.01
CA LYS A 67 0.15 8.79 6.86
C LYS A 67 -1.21 8.79 7.54
N SER A 68 -2.26 8.52 6.76
CA SER A 68 -3.62 8.50 7.28
C SER A 68 -4.53 7.66 6.39
N VAL A 69 -5.59 7.12 6.98
CA VAL A 69 -6.54 6.30 6.23
C VAL A 69 -7.12 7.07 5.05
N ASP A 70 -7.01 8.38 5.10
CA ASP A 70 -7.52 9.24 4.03
C ASP A 70 -6.68 9.10 2.77
N ASP A 71 -5.41 8.75 2.96
CA ASP A 71 -4.49 8.60 1.84
C ASP A 71 -4.71 7.26 1.13
N VAL A 72 -5.48 6.39 1.77
CA VAL A 72 -5.78 5.08 1.21
C VAL A 72 -7.03 5.12 0.34
N GLU A 73 -6.91 4.64 -0.90
CA GLU A 73 -8.04 4.63 -1.82
C GLU A 73 -8.78 3.29 -1.76
N GLY A 74 -10.10 3.35 -1.86
CA GLY A 74 -10.91 2.15 -1.80
C GLY A 74 -10.92 1.52 -0.42
N ILE A 75 -10.43 2.26 0.57
CA ILE A 75 -10.40 1.76 1.94
C ILE A 75 -11.80 1.56 2.49
N GLU A 76 -12.77 2.27 1.91
CA GLU A 76 -14.16 2.17 2.34
C GLU A 76 -14.81 0.90 1.78
N SER A 77 -14.09 0.20 0.93
CA SER A 77 -14.59 -1.02 0.31
C SER A 77 -14.08 -2.26 1.06
N LEU A 78 -13.09 -2.05 1.91
CA LEU A 78 -12.50 -3.14 2.69
C LEU A 78 -13.39 -3.49 3.88
N ARG A 79 -13.22 -4.71 4.40
CA ARG A 79 -14.00 -5.17 5.53
C ARG A 79 -13.64 -4.39 6.80
N TRP A 80 -14.63 -4.18 7.66
CA TRP A 80 -14.42 -3.45 8.91
C TRP A 80 -13.06 -3.79 9.51
N GLU A 81 -12.84 -5.08 9.75
CA GLU A 81 -11.59 -5.54 10.34
C GLU A 81 -10.40 -4.98 9.56
N ASP A 82 -10.53 -4.94 8.25
CA ASP A 82 -9.46 -4.43 7.39
C ASP A 82 -9.27 -2.93 7.58
N GLN A 83 -10.36 -2.18 7.43
CA GLN A 83 -10.31 -0.74 7.59
C GLN A 83 -9.71 -0.35 8.94
N GLN A 84 -9.87 -1.22 9.92
CA GLN A 84 -9.35 -0.98 11.26
C GLN A 84 -7.83 -1.05 11.27
N LYS A 85 -7.29 -2.06 10.59
CA LYS A 85 -5.85 -2.25 10.51
C LYS A 85 -5.16 -0.99 10.00
N ILE A 86 -5.87 -0.22 9.18
CA ILE A 86 -5.33 1.01 8.63
C ILE A 86 -5.32 2.13 9.67
N ARG A 87 -6.51 2.56 10.08
CA ARG A 87 -6.63 3.62 11.08
C ARG A 87 -5.84 3.29 12.33
N LYS A 88 -5.87 2.02 12.73
CA LYS A 88 -5.16 1.57 13.91
C LYS A 88 -3.66 1.48 13.65
N TYR A 89 -3.25 1.90 12.46
CA TYR A 89 -1.84 1.87 12.08
C TYR A 89 -1.32 3.29 11.84
N VAL A 90 -2.14 4.13 11.22
CA VAL A 90 -1.76 5.51 10.95
C VAL A 90 -1.87 6.38 12.19
N GLU A 91 -2.80 6.02 13.07
CA GLU A 91 -3.01 6.77 14.30
C GLU A 91 -1.97 6.39 15.35
N SER A 92 -1.82 5.09 15.59
CA SER A 92 -0.87 4.59 16.58
C SER A 92 0.50 4.35 15.92
N GLY A 93 1.43 3.81 16.71
CA GLY A 93 2.76 3.54 16.20
C GLY A 93 2.76 2.46 15.14
N ALA A 94 3.23 2.80 13.95
CA ALA A 94 3.29 1.85 12.84
C ALA A 94 3.96 0.54 13.27
N GLY A 95 5.09 0.66 13.96
CA GLY A 95 5.82 -0.50 14.41
C GLY A 95 5.55 -0.82 15.87
N SER A 96 6.61 -1.10 16.62
CA SER A 96 6.48 -1.42 18.04
C SER A 96 7.41 -0.55 18.88
N ASN A 97 8.67 -0.47 18.47
CA ASN A 97 9.65 0.33 19.19
C ASN A 97 9.99 1.61 18.42
N THR A 98 9.33 2.70 18.80
CA THR A 98 9.56 3.99 18.15
C THR A 98 11.01 4.15 17.72
N SER A 99 11.92 4.04 18.67
CA SER A 99 13.34 4.17 18.39
C SER A 99 13.94 2.83 17.96
N THR A 100 13.98 2.59 16.65
CA THR A 100 14.52 1.35 16.12
C THR A 100 15.84 1.59 15.39
N SER A 101 16.67 0.56 15.32
CA SER A 101 17.96 0.66 14.65
C SER A 101 18.05 -0.32 13.49
N THR A 102 18.17 0.21 12.28
CA THR A 102 18.27 -0.62 11.08
C THR A 102 19.66 -0.55 10.47
N GLY A 103 19.92 -1.40 9.49
CA GLY A 103 21.22 -1.41 8.83
C GLY A 103 21.12 -1.74 7.36
N THR A 104 20.88 -3.01 7.05
CA THR A 104 20.77 -3.45 5.67
C THR A 104 20.01 -2.44 4.82
N SER A 105 20.24 -2.47 3.51
CA SER A 105 19.59 -1.55 2.60
C SER A 105 19.19 -2.25 1.30
N THR A 106 17.89 -2.34 1.07
CA THR A 106 17.37 -2.99 -0.14
C THR A 106 17.16 -1.98 -1.26
N SER A 107 17.94 -2.11 -2.33
CA SER A 107 17.84 -1.22 -3.47
C SER A 107 17.12 -1.89 -4.64
N SER A 108 16.22 -1.16 -5.27
CA SER A 108 15.46 -1.69 -6.41
C SER A 108 16.37 -1.94 -7.60
N SER A 109 16.73 -3.20 -7.82
CA SER A 109 17.61 -3.57 -8.93
C SER A 109 16.81 -4.26 -10.03
N GLY A 110 16.23 -3.48 -10.92
CA GLY A 110 15.45 -4.04 -12.01
C GLY A 110 13.98 -3.65 -11.94
N PRO A 111 13.69 -2.38 -12.21
CA PRO A 111 12.32 -1.85 -12.19
C PRO A 111 11.47 -2.39 -13.33
N SER A 112 10.63 -3.38 -13.02
CA SER A 112 9.77 -3.99 -14.02
C SER A 112 8.79 -4.96 -13.37
N SER A 113 7.59 -5.04 -13.92
CA SER A 113 6.56 -5.93 -13.39
C SER A 113 6.46 -7.21 -14.22
N GLY A 114 6.12 -8.31 -13.58
CA GLY A 114 5.99 -9.58 -14.27
C GLY A 114 4.55 -10.04 -14.38
N GLY A 1 -2.84 22.05 -22.36
CA GLY A 1 -3.77 20.94 -22.45
C GLY A 1 -3.06 19.59 -22.46
N SER A 2 -2.20 19.38 -21.46
CA SER A 2 -1.46 18.14 -21.35
C SER A 2 -2.19 17.15 -20.45
N SER A 3 -3.09 16.37 -21.05
CA SER A 3 -3.85 15.37 -20.30
C SER A 3 -2.93 14.47 -19.48
N GLY A 4 -3.52 13.64 -18.62
CA GLY A 4 -2.75 12.74 -17.80
C GLY A 4 -2.80 13.11 -16.33
N SER A 5 -2.37 14.33 -16.00
CA SER A 5 -2.37 14.80 -14.63
C SER A 5 -3.66 14.41 -13.92
N SER A 6 -3.56 13.54 -12.92
CA SER A 6 -4.71 13.08 -12.18
C SER A 6 -4.46 13.19 -10.67
N GLY A 7 -5.53 13.12 -9.89
CA GLY A 7 -5.41 13.22 -8.45
C GLY A 7 -5.76 11.91 -7.75
N HIS A 8 -4.84 10.96 -7.81
CA HIS A 8 -5.07 9.66 -7.18
C HIS A 8 -4.32 9.61 -5.84
N LYS A 9 -4.80 8.73 -4.97
CA LYS A 9 -4.19 8.55 -3.65
C LYS A 9 -2.86 7.81 -3.76
N PRO A 10 -2.01 7.98 -2.74
CA PRO A 10 -0.69 7.34 -2.69
C PRO A 10 -0.80 5.82 -2.50
N TRP A 11 -1.75 5.40 -1.67
CA TRP A 11 -1.95 3.98 -1.40
C TRP A 11 -3.27 3.49 -1.97
N ARG A 12 -3.32 2.23 -2.34
CA ARG A 12 -4.53 1.64 -2.91
C ARG A 12 -4.98 0.43 -2.09
N ALA A 13 -6.30 0.26 -1.99
CA ALA A 13 -6.87 -0.86 -1.25
C ALA A 13 -7.95 -1.57 -2.05
N GLU A 14 -7.80 -2.88 -2.21
CA GLU A 14 -8.76 -3.68 -2.96
C GLU A 14 -8.41 -5.16 -2.88
N TYR A 15 -9.43 -6.00 -2.96
CA TYR A 15 -9.24 -7.45 -2.89
C TYR A 15 -8.77 -7.99 -4.24
N ALA A 16 -7.67 -8.73 -4.23
CA ALA A 16 -7.12 -9.31 -5.45
C ALA A 16 -8.16 -10.14 -6.18
N LYS A 17 -8.04 -10.22 -7.50
CA LYS A 17 -8.97 -10.98 -8.32
C LYS A 17 -8.35 -12.30 -8.78
N SER A 18 -7.02 -12.36 -8.74
CA SER A 18 -6.30 -13.56 -9.16
C SER A 18 -5.04 -13.75 -8.32
N SER A 19 -4.42 -14.92 -8.46
CA SER A 19 -3.20 -15.23 -7.72
C SER A 19 -1.97 -15.12 -8.61
N ARG A 20 -1.96 -14.09 -9.45
CA ARG A 20 -0.84 -13.86 -10.36
C ARG A 20 0.18 -12.91 -9.75
N SER A 21 -0.31 -11.90 -9.05
CA SER A 21 0.56 -10.92 -8.40
C SER A 21 1.27 -11.52 -7.19
N SER A 22 2.51 -11.12 -6.98
CA SER A 22 3.30 -11.63 -5.86
C SER A 22 3.85 -10.47 -5.02
N CYS A 23 3.71 -10.58 -3.70
CA CYS A 23 4.20 -9.56 -2.79
C CYS A 23 5.68 -9.28 -3.02
N LYS A 24 6.12 -8.11 -2.59
CA LYS A 24 7.52 -7.72 -2.75
C LYS A 24 8.25 -7.76 -1.41
N THR A 25 7.50 -7.55 -0.32
CA THR A 25 8.08 -7.56 1.01
C THR A 25 8.54 -8.95 1.40
N CYS A 26 7.67 -9.94 1.21
CA CYS A 26 7.98 -11.32 1.54
C CYS A 26 8.32 -12.11 0.28
N LYS A 27 7.96 -11.58 -0.87
CA LYS A 27 8.22 -12.23 -2.15
C LYS A 27 7.35 -13.47 -2.30
N SER A 28 6.09 -13.37 -1.90
CA SER A 28 5.16 -14.49 -2.00
C SER A 28 4.03 -14.16 -2.97
N VAL A 29 3.13 -15.13 -3.15
CA VAL A 29 1.99 -14.95 -4.05
C VAL A 29 0.77 -14.43 -3.29
N ILE A 30 0.04 -13.51 -3.91
CA ILE A 30 -1.15 -12.94 -3.31
C ILE A 30 -2.42 -13.48 -3.96
N ASN A 31 -2.93 -14.58 -3.42
CA ASN A 31 -4.14 -15.20 -3.95
C ASN A 31 -5.31 -14.22 -3.92
N LYS A 32 -6.25 -14.40 -4.82
CA LYS A 32 -7.43 -13.54 -4.91
C LYS A 32 -8.27 -13.65 -3.64
N GLU A 33 -9.14 -12.67 -3.43
CA GLU A 33 -10.00 -12.65 -2.26
C GLU A 33 -9.21 -12.30 -1.00
N ASN A 34 -8.10 -11.59 -1.19
CA ASN A 34 -7.26 -11.19 -0.07
C ASN A 34 -7.04 -9.69 -0.05
N PHE A 35 -6.98 -9.11 1.13
CA PHE A 35 -6.78 -7.67 1.29
C PHE A 35 -5.30 -7.31 1.19
N ARG A 36 -4.94 -6.60 0.12
CA ARG A 36 -3.55 -6.20 -0.10
C ARG A 36 -3.45 -4.68 -0.21
N LEU A 37 -2.22 -4.20 -0.37
CA LEU A 37 -1.98 -2.75 -0.49
C LEU A 37 -1.00 -2.47 -1.63
N GLY A 38 -1.34 -1.47 -2.45
CA GLY A 38 -0.48 -1.11 -3.56
C GLY A 38 -0.01 0.33 -3.49
N LYS A 39 1.29 0.52 -3.34
CA LYS A 39 1.87 1.86 -3.26
C LYS A 39 2.05 2.46 -4.65
N LEU A 40 1.29 3.50 -4.95
CA LEU A 40 1.38 4.17 -6.24
C LEU A 40 2.52 5.17 -6.27
N VAL A 41 3.60 4.81 -6.98
CA VAL A 41 4.77 5.68 -7.08
C VAL A 41 4.98 6.13 -8.52
N GLN A 42 4.84 7.42 -8.76
CA GLN A 42 5.02 7.98 -10.09
C GLN A 42 6.50 8.23 -10.38
N SER A 43 7.08 7.39 -11.22
CA SER A 43 8.50 7.52 -11.58
C SER A 43 8.67 7.60 -13.09
N THR A 44 8.52 6.44 -13.75
CA THR A 44 8.66 6.37 -15.20
C THR A 44 7.88 7.48 -15.88
N HIS A 45 6.64 7.67 -15.48
CA HIS A 45 5.80 8.70 -16.06
C HIS A 45 5.59 8.42 -17.55
N PHE A 46 5.54 7.13 -17.87
CA PHE A 46 5.34 6.70 -19.25
C PHE A 46 3.94 6.14 -19.46
N ASP A 47 2.94 6.88 -18.99
CA ASP A 47 1.56 6.46 -19.12
C ASP A 47 1.33 5.09 -18.48
N GLY A 48 2.00 4.86 -17.36
CA GLY A 48 1.86 3.59 -16.66
C GLY A 48 2.58 3.57 -15.33
N ILE A 49 1.82 3.44 -14.25
CA ILE A 49 2.40 3.42 -12.91
C ILE A 49 2.65 1.99 -12.45
N MET A 50 3.57 1.83 -11.50
CA MET A 50 3.91 0.52 -10.97
C MET A 50 3.51 0.40 -9.51
N PRO A 51 2.27 -0.05 -9.27
CA PRO A 51 1.75 -0.21 -7.91
C PRO A 51 2.42 -1.36 -7.16
N MET A 52 3.19 -1.01 -6.15
CA MET A 52 3.90 -2.02 -5.34
C MET A 52 2.91 -2.87 -4.56
N TRP A 53 2.59 -4.04 -5.11
CA TRP A 53 1.65 -4.96 -4.46
C TRP A 53 2.31 -5.67 -3.28
N ASN A 54 1.75 -5.46 -2.09
CA ASN A 54 2.28 -6.09 -0.89
C ASN A 54 1.17 -6.40 0.10
N HIS A 55 1.22 -7.59 0.69
CA HIS A 55 0.21 -8.00 1.65
C HIS A 55 -0.03 -6.87 2.64
N ALA A 56 -1.31 -6.64 2.93
CA ALA A 56 -1.71 -5.59 3.86
C ALA A 56 -0.99 -5.76 5.20
N SER A 57 -0.55 -6.97 5.49
CA SER A 57 0.14 -7.27 6.74
C SER A 57 1.65 -7.11 6.58
N CYS A 58 2.12 -7.15 5.33
CA CYS A 58 3.53 -6.99 5.03
C CYS A 58 3.95 -5.53 5.10
N ILE A 59 2.99 -4.64 4.85
CA ILE A 59 3.26 -3.20 4.88
C ILE A 59 3.02 -2.62 6.27
N LEU A 60 1.85 -2.94 6.83
CA LEU A 60 1.49 -2.45 8.15
C LEU A 60 2.59 -2.75 9.16
N LYS A 61 3.21 -3.92 9.04
CA LYS A 61 4.29 -4.32 9.93
C LYS A 61 5.43 -3.32 9.88
N LYS A 62 5.59 -2.65 8.75
CA LYS A 62 6.64 -1.66 8.58
C LYS A 62 6.24 -0.32 9.18
N THR A 63 7.10 0.68 9.03
CA THR A 63 6.84 2.02 9.55
C THR A 63 7.00 3.07 8.47
N LYS A 64 6.42 4.25 8.71
CA LYS A 64 6.51 5.35 7.76
C LYS A 64 6.02 4.91 6.38
N GLN A 65 4.85 4.27 6.34
CA GLN A 65 4.28 3.80 5.08
C GLN A 65 3.01 4.57 4.75
N ILE A 66 2.10 4.66 5.73
CA ILE A 66 0.85 5.38 5.53
C ILE A 66 0.67 6.48 6.57
N LYS A 67 0.32 7.67 6.09
CA LYS A 67 0.12 8.82 6.98
C LYS A 67 -1.26 8.78 7.62
N SER A 68 -2.27 8.48 6.81
CA SER A 68 -3.64 8.41 7.31
C SER A 68 -4.51 7.59 6.36
N VAL A 69 -5.58 7.01 6.91
CA VAL A 69 -6.49 6.19 6.11
C VAL A 69 -7.04 6.98 4.93
N ASP A 70 -6.98 8.31 5.03
CA ASP A 70 -7.48 9.18 3.97
C ASP A 70 -6.60 9.06 2.72
N ASP A 71 -5.34 8.67 2.92
CA ASP A 71 -4.41 8.52 1.81
C ASP A 71 -4.58 7.16 1.14
N VAL A 72 -5.44 6.32 1.72
CA VAL A 72 -5.69 4.99 1.19
C VAL A 72 -6.97 4.97 0.35
N GLU A 73 -6.83 4.54 -0.90
CA GLU A 73 -7.97 4.48 -1.82
C GLU A 73 -8.72 3.16 -1.65
N GLY A 74 -9.97 3.15 -2.11
CA GLY A 74 -10.78 1.94 -2.00
C GLY A 74 -10.72 1.33 -0.62
N ILE A 75 -10.37 2.14 0.37
CA ILE A 75 -10.27 1.66 1.75
C ILE A 75 -11.65 1.49 2.37
N GLU A 76 -12.64 2.19 1.81
CA GLU A 76 -14.01 2.11 2.31
C GLU A 76 -14.71 0.86 1.80
N SER A 77 -14.04 0.16 0.88
CA SER A 77 -14.60 -1.06 0.30
C SER A 77 -14.12 -2.30 1.05
N LEU A 78 -13.06 -2.12 1.83
CA LEU A 78 -12.49 -3.23 2.60
C LEU A 78 -13.38 -3.56 3.80
N ARG A 79 -13.20 -4.76 4.34
CA ARG A 79 -13.99 -5.22 5.49
C ARG A 79 -13.61 -4.44 6.75
N TRP A 80 -14.58 -4.22 7.61
CA TRP A 80 -14.35 -3.49 8.86
C TRP A 80 -12.98 -3.84 9.44
N GLU A 81 -12.75 -5.12 9.67
CA GLU A 81 -11.48 -5.59 10.23
C GLU A 81 -10.30 -5.00 9.46
N ASP A 82 -10.42 -4.99 8.14
CA ASP A 82 -9.36 -4.44 7.28
C ASP A 82 -9.20 -2.94 7.52
N GLN A 83 -10.27 -2.20 7.35
CA GLN A 83 -10.25 -0.75 7.54
C GLN A 83 -9.65 -0.39 8.90
N GLN A 84 -9.77 -1.30 9.85
CA GLN A 84 -9.24 -1.08 11.19
C GLN A 84 -7.72 -1.18 11.19
N LYS A 85 -7.19 -2.17 10.48
CA LYS A 85 -5.75 -2.37 10.40
C LYS A 85 -5.05 -1.13 9.88
N ILE A 86 -5.78 -0.31 9.13
CA ILE A 86 -5.23 0.93 8.57
C ILE A 86 -5.27 2.06 9.59
N ARG A 87 -6.48 2.46 9.97
CA ARG A 87 -6.65 3.53 10.95
C ARG A 87 -5.87 3.23 12.23
N LYS A 88 -5.91 1.97 12.65
CA LYS A 88 -5.21 1.56 13.87
C LYS A 88 -3.70 1.55 13.65
N TYR A 89 -3.28 1.92 12.44
CA TYR A 89 -1.86 1.95 12.10
C TYR A 89 -1.38 3.39 11.90
N VAL A 90 -2.21 4.19 11.23
CA VAL A 90 -1.87 5.58 10.97
C VAL A 90 -1.98 6.42 12.25
N GLU A 91 -2.86 6.01 13.15
CA GLU A 91 -3.06 6.72 14.40
C GLU A 91 -1.92 6.41 15.38
N SER A 92 -1.61 5.13 15.54
CA SER A 92 -0.55 4.70 16.44
C SER A 92 0.76 5.42 16.13
N GLY A 93 1.82 5.03 16.82
CA GLY A 93 3.11 5.64 16.59
C GLY A 93 3.81 5.08 15.37
N ALA A 94 3.06 4.85 14.31
CA ALA A 94 3.61 4.31 13.08
C ALA A 94 4.15 5.42 12.18
N GLY A 95 3.24 6.25 11.66
CA GLY A 95 3.64 7.34 10.80
C GLY A 95 3.24 8.70 11.35
N SER A 96 4.07 9.23 12.25
CA SER A 96 3.80 10.52 12.86
C SER A 96 5.09 11.22 13.28
N ASN A 97 4.98 12.47 13.70
CA ASN A 97 6.15 13.24 14.12
C ASN A 97 5.78 14.19 15.27
N THR A 98 6.79 14.87 15.80
CA THR A 98 6.57 15.81 16.90
C THR A 98 6.17 17.18 16.38
N SER A 99 4.89 17.51 16.50
CA SER A 99 4.38 18.79 16.04
C SER A 99 3.14 19.20 16.82
N THR A 100 3.24 20.30 17.57
CA THR A 100 2.13 20.79 18.36
C THR A 100 0.80 20.61 17.64
N SER A 101 -0.28 20.52 18.40
CA SER A 101 -1.61 20.33 17.83
C SER A 101 -2.54 21.46 18.25
N THR A 102 -2.76 21.59 19.55
CA THR A 102 -3.65 22.62 20.09
C THR A 102 -3.29 22.94 21.53
N GLY A 103 -2.93 24.20 21.78
CA GLY A 103 -2.57 24.61 23.13
C GLY A 103 -1.92 25.99 23.15
N THR A 104 -2.71 27.00 23.48
CA THR A 104 -2.20 28.37 23.55
C THR A 104 -1.99 28.82 24.99
N SER A 105 -2.92 28.46 25.86
CA SER A 105 -2.83 28.82 27.27
C SER A 105 -3.35 27.69 28.16
N THR A 106 -2.63 27.41 29.24
CA THR A 106 -3.02 26.36 30.16
C THR A 106 -4.25 26.77 30.97
N SER A 107 -5.04 25.78 31.38
CA SER A 107 -6.24 26.04 32.17
C SER A 107 -5.91 26.20 33.65
N SER A 108 -5.01 27.13 33.94
CA SER A 108 -4.60 27.38 35.32
C SER A 108 -5.81 27.61 36.21
N SER A 109 -6.75 28.42 35.72
CA SER A 109 -7.96 28.72 36.48
C SER A 109 -9.21 28.35 35.69
N GLY A 110 -9.68 27.13 35.89
CA GLY A 110 -10.87 26.67 35.18
C GLY A 110 -12.16 27.15 35.83
N PRO A 111 -13.28 26.55 35.43
CA PRO A 111 -14.60 26.91 35.96
C PRO A 111 -14.78 26.49 37.42
N SER A 112 -15.63 27.21 38.14
CA SER A 112 -15.88 26.90 39.54
C SER A 112 -17.36 26.61 39.78
N SER A 113 -18.23 27.46 39.23
CA SER A 113 -19.67 27.29 39.38
C SER A 113 -20.06 25.82 39.20
N GLY A 114 -20.25 25.13 40.31
CA GLY A 114 -20.64 23.73 40.25
C GLY A 114 -20.54 23.04 41.60
N GLY A 1 -12.09 25.92 -17.39
CA GLY A 1 -10.97 25.43 -16.61
C GLY A 1 -10.61 24.00 -16.95
N SER A 2 -9.31 23.70 -16.98
CA SER A 2 -8.84 22.36 -17.29
C SER A 2 -8.19 21.71 -16.08
N SER A 3 -8.98 20.96 -15.31
CA SER A 3 -8.48 20.29 -14.12
C SER A 3 -8.45 18.78 -14.32
N GLY A 4 -7.35 18.28 -14.85
CA GLY A 4 -7.22 16.86 -15.08
C GLY A 4 -6.75 16.11 -13.86
N SER A 5 -5.46 15.81 -13.80
CA SER A 5 -4.89 15.09 -12.67
C SER A 5 -4.32 16.06 -11.63
N SER A 6 -4.99 16.15 -10.49
CA SER A 6 -4.56 17.03 -9.42
C SER A 6 -3.72 16.28 -8.39
N GLY A 7 -4.32 15.28 -7.76
CA GLY A 7 -3.61 14.50 -6.77
C GLY A 7 -4.23 13.14 -6.54
N HIS A 8 -3.48 12.09 -6.81
CA HIS A 8 -3.99 10.73 -6.63
C HIS A 8 -3.51 10.19 -5.28
N LYS A 9 -4.14 9.10 -4.85
CA LYS A 9 -3.81 8.46 -3.59
C LYS A 9 -2.54 7.62 -3.73
N PRO A 10 -1.63 7.74 -2.74
CA PRO A 10 -0.37 7.00 -2.74
C PRO A 10 -0.58 5.50 -2.51
N TRP A 11 -1.49 5.17 -1.61
CA TRP A 11 -1.78 3.77 -1.30
C TRP A 11 -3.17 3.38 -1.82
N ARG A 12 -3.32 2.11 -2.16
CA ARG A 12 -4.60 1.60 -2.67
C ARG A 12 -5.04 0.37 -1.90
N ALA A 13 -6.34 0.16 -1.81
CA ALA A 13 -6.89 -0.99 -1.10
C ALA A 13 -7.98 -1.66 -1.92
N GLU A 14 -7.85 -2.98 -2.10
CA GLU A 14 -8.83 -3.74 -2.87
C GLU A 14 -8.52 -5.24 -2.82
N TYR A 15 -9.56 -6.05 -2.80
CA TYR A 15 -9.39 -7.50 -2.76
C TYR A 15 -8.90 -8.04 -4.10
N ALA A 16 -7.78 -8.74 -4.08
CA ALA A 16 -7.21 -9.31 -5.29
C ALA A 16 -8.23 -10.17 -6.04
N LYS A 17 -8.18 -10.11 -7.37
CA LYS A 17 -9.10 -10.89 -8.19
C LYS A 17 -8.43 -12.13 -8.75
N SER A 18 -7.10 -12.18 -8.63
CA SER A 18 -6.33 -13.32 -9.12
C SER A 18 -5.11 -13.57 -8.25
N SER A 19 -4.36 -14.62 -8.58
CA SER A 19 -3.16 -14.97 -7.82
C SER A 19 -1.90 -14.75 -8.66
N ARG A 20 -1.93 -13.73 -9.51
CA ARG A 20 -0.80 -13.41 -10.36
C ARG A 20 0.16 -12.46 -9.68
N SER A 21 -0.38 -11.45 -9.00
CA SER A 21 0.43 -10.46 -8.30
C SER A 21 1.15 -11.11 -7.11
N SER A 22 2.40 -10.71 -6.91
CA SER A 22 3.20 -11.25 -5.81
C SER A 22 3.78 -10.12 -4.96
N CYS A 23 3.67 -10.27 -3.64
CA CYS A 23 4.17 -9.26 -2.71
C CYS A 23 5.64 -8.99 -2.96
N LYS A 24 6.11 -7.82 -2.52
CA LYS A 24 7.50 -7.44 -2.68
C LYS A 24 8.25 -7.49 -1.36
N THR A 25 7.53 -7.26 -0.26
CA THR A 25 8.12 -7.29 1.06
C THR A 25 8.56 -8.69 1.44
N CYS A 26 7.72 -9.67 1.14
CA CYS A 26 8.01 -11.07 1.46
C CYS A 26 8.37 -11.84 0.20
N LYS A 27 8.02 -11.28 -0.96
CA LYS A 27 8.30 -11.92 -2.24
C LYS A 27 7.44 -13.16 -2.43
N SER A 28 6.19 -13.08 -1.99
CA SER A 28 5.27 -14.20 -2.12
C SER A 28 4.10 -13.84 -3.03
N VAL A 29 3.24 -14.82 -3.31
CA VAL A 29 2.09 -14.61 -4.18
C VAL A 29 0.88 -14.15 -3.37
N ILE A 30 0.10 -13.24 -3.94
CA ILE A 30 -1.09 -12.71 -3.28
C ILE A 30 -2.36 -13.28 -3.91
N ASN A 31 -2.80 -14.42 -3.40
CA ASN A 31 -4.02 -15.06 -3.92
C ASN A 31 -5.21 -14.12 -3.82
N LYS A 32 -6.12 -14.23 -4.78
CA LYS A 32 -7.32 -13.40 -4.81
C LYS A 32 -8.16 -13.60 -3.55
N GLU A 33 -9.10 -12.69 -3.31
CA GLU A 33 -9.97 -12.78 -2.14
C GLU A 33 -9.20 -12.44 -0.87
N ASN A 34 -8.15 -11.64 -1.01
CA ASN A 34 -7.33 -11.24 0.13
C ASN A 34 -7.10 -9.74 0.13
N PHE A 35 -7.02 -9.16 1.34
CA PHE A 35 -6.81 -7.73 1.48
C PHE A 35 -5.33 -7.38 1.34
N ARG A 36 -5.02 -6.65 0.27
CA ARG A 36 -3.64 -6.25 0.01
C ARG A 36 -3.53 -4.73 -0.11
N LEU A 37 -2.30 -4.24 -0.25
CA LEU A 37 -2.06 -2.81 -0.39
C LEU A 37 -1.13 -2.51 -1.56
N GLY A 38 -1.47 -1.47 -2.31
CA GLY A 38 -0.65 -1.10 -3.46
C GLY A 38 -0.11 0.31 -3.35
N LYS A 39 1.20 0.41 -3.11
CA LYS A 39 1.85 1.71 -2.99
C LYS A 39 2.15 2.30 -4.36
N LEU A 40 1.24 3.14 -4.85
CA LEU A 40 1.41 3.78 -6.15
C LEU A 40 2.59 4.74 -6.13
N VAL A 41 3.57 4.47 -6.98
CA VAL A 41 4.76 5.32 -7.07
C VAL A 41 4.83 6.02 -8.42
N GLN A 42 5.26 7.28 -8.40
CA GLN A 42 5.38 8.06 -9.62
C GLN A 42 6.80 8.05 -10.15
N SER A 43 6.99 7.47 -11.34
CA SER A 43 8.31 7.39 -11.95
C SER A 43 8.51 8.53 -12.94
N THR A 44 9.70 8.57 -13.54
CA THR A 44 10.04 9.61 -14.51
C THR A 44 8.87 9.86 -15.45
N HIS A 45 8.35 8.80 -16.05
CA HIS A 45 7.22 8.94 -16.97
C HIS A 45 5.98 9.36 -16.19
N PHE A 46 5.03 9.95 -16.92
CA PHE A 46 3.78 10.40 -16.33
C PHE A 46 2.67 9.38 -16.55
N ASP A 47 2.52 8.93 -17.79
CA ASP A 47 1.49 7.95 -18.12
C ASP A 47 1.94 6.55 -17.75
N GLY A 48 1.17 5.89 -16.88
CA GLY A 48 1.52 4.55 -16.45
C GLY A 48 2.20 4.53 -15.10
N ILE A 49 1.64 3.77 -14.17
CA ILE A 49 2.19 3.66 -12.83
C ILE A 49 2.31 2.20 -12.40
N MET A 50 3.37 1.91 -11.64
CA MET A 50 3.60 0.55 -11.16
C MET A 50 3.20 0.41 -9.70
N PRO A 51 1.98 -0.09 -9.46
CA PRO A 51 1.44 -0.28 -8.11
C PRO A 51 2.15 -1.40 -7.36
N MET A 52 2.91 -1.03 -6.33
CA MET A 52 3.64 -2.01 -5.54
C MET A 52 2.68 -2.86 -4.71
N TRP A 53 2.34 -4.04 -5.23
CA TRP A 53 1.43 -4.94 -4.54
C TRP A 53 2.12 -5.60 -3.35
N ASN A 54 1.54 -5.41 -2.16
CA ASN A 54 2.10 -5.99 -0.94
C ASN A 54 0.99 -6.35 0.05
N HIS A 55 1.15 -7.49 0.70
CA HIS A 55 0.16 -7.94 1.67
C HIS A 55 -0.10 -6.82 2.68
N ALA A 56 -1.38 -6.65 3.01
CA ALA A 56 -1.78 -5.63 3.97
C ALA A 56 -1.05 -5.80 5.30
N SER A 57 -0.58 -7.02 5.55
CA SER A 57 0.13 -7.32 6.79
C SER A 57 1.64 -7.09 6.62
N CYS A 58 2.11 -7.18 5.38
CA CYS A 58 3.52 -6.98 5.08
C CYS A 58 3.87 -5.49 5.11
N ILE A 59 2.89 -4.64 4.85
CA ILE A 59 3.09 -3.21 4.84
C ILE A 59 2.82 -2.61 6.22
N LEU A 60 1.65 -2.89 6.77
CA LEU A 60 1.27 -2.39 8.09
C LEU A 60 2.32 -2.76 9.14
N LYS A 61 2.94 -3.92 8.96
CA LYS A 61 3.97 -4.39 9.88
C LYS A 61 5.19 -3.48 9.85
N LYS A 62 5.41 -2.85 8.70
CA LYS A 62 6.56 -1.96 8.53
C LYS A 62 6.29 -0.61 9.19
N THR A 63 7.21 0.33 9.00
CA THR A 63 7.08 1.66 9.58
C THR A 63 7.18 2.74 8.51
N LYS A 64 6.57 3.89 8.78
CA LYS A 64 6.59 5.01 7.85
C LYS A 64 6.11 4.56 6.47
N GLN A 65 4.96 3.90 6.43
CA GLN A 65 4.39 3.42 5.17
C GLN A 65 3.20 4.27 4.75
N ILE A 66 2.26 4.45 5.67
CA ILE A 66 1.07 5.25 5.40
C ILE A 66 0.93 6.40 6.40
N LYS A 67 0.45 7.54 5.92
CA LYS A 67 0.27 8.70 6.77
C LYS A 67 -1.11 8.68 7.44
N SER A 68 -2.14 8.42 6.63
CA SER A 68 -3.51 8.38 7.15
C SER A 68 -4.40 7.55 6.22
N VAL A 69 -5.48 7.02 6.78
CA VAL A 69 -6.42 6.22 6.01
C VAL A 69 -6.94 6.98 4.80
N ASP A 70 -6.84 8.30 4.87
CA ASP A 70 -7.31 9.15 3.77
C ASP A 70 -6.43 8.98 2.54
N ASP A 71 -5.17 8.59 2.76
CA ASP A 71 -4.24 8.38 1.66
C ASP A 71 -4.44 7.02 1.02
N VAL A 72 -5.18 6.16 1.70
CA VAL A 72 -5.45 4.81 1.19
C VAL A 72 -6.72 4.79 0.35
N GLU A 73 -6.60 4.27 -0.87
CA GLU A 73 -7.75 4.20 -1.77
C GLU A 73 -8.48 2.87 -1.61
N GLY A 74 -9.69 2.79 -2.16
CA GLY A 74 -10.48 1.57 -2.06
C GLY A 74 -10.51 1.02 -0.65
N ILE A 75 -10.19 1.88 0.32
CA ILE A 75 -10.18 1.45 1.72
C ILE A 75 -11.60 1.24 2.23
N GLU A 76 -12.56 1.93 1.63
CA GLU A 76 -13.96 1.81 2.02
C GLU A 76 -14.56 0.50 1.52
N SER A 77 -13.79 -0.21 0.70
CA SER A 77 -14.25 -1.48 0.15
C SER A 77 -13.76 -2.65 0.99
N LEU A 78 -12.77 -2.39 1.83
CA LEU A 78 -12.21 -3.42 2.70
C LEU A 78 -13.13 -3.69 3.89
N ARG A 79 -13.13 -4.94 4.35
CA ARG A 79 -13.96 -5.33 5.48
C ARG A 79 -13.64 -4.48 6.71
N TRP A 80 -14.67 -4.21 7.51
CA TRP A 80 -14.51 -3.40 8.71
C TRP A 80 -13.18 -3.69 9.39
N GLU A 81 -12.94 -4.96 9.70
CA GLU A 81 -11.70 -5.37 10.35
C GLU A 81 -10.49 -4.84 9.60
N ASP A 82 -10.52 -4.94 8.27
CA ASP A 82 -9.43 -4.47 7.44
C ASP A 82 -9.25 -2.95 7.58
N GLN A 83 -10.35 -2.22 7.40
CA GLN A 83 -10.31 -0.77 7.51
C GLN A 83 -9.71 -0.33 8.84
N GLN A 84 -9.86 -1.18 9.86
CA GLN A 84 -9.33 -0.88 11.17
C GLN A 84 -7.82 -1.01 11.20
N LYS A 85 -7.30 -2.02 10.50
CA LYS A 85 -5.87 -2.25 10.44
C LYS A 85 -5.13 -1.03 9.89
N ILE A 86 -5.85 -0.19 9.16
CA ILE A 86 -5.27 1.01 8.59
C ILE A 86 -5.29 2.16 9.59
N ARG A 87 -6.49 2.61 9.96
CA ARG A 87 -6.64 3.70 10.91
C ARG A 87 -5.88 3.41 12.20
N LYS A 88 -5.96 2.16 12.66
CA LYS A 88 -5.28 1.75 13.88
C LYS A 88 -3.78 1.61 13.65
N TYR A 89 -3.33 1.95 12.44
CA TYR A 89 -1.92 1.86 12.09
C TYR A 89 -1.36 3.25 11.79
N VAL A 90 -2.18 4.10 11.18
CA VAL A 90 -1.77 5.44 10.83
C VAL A 90 -1.87 6.38 12.03
N GLU A 91 -2.87 6.14 12.88
CA GLU A 91 -3.07 6.97 14.07
C GLU A 91 -2.02 6.66 15.13
N SER A 92 -1.82 5.38 15.40
CA SER A 92 -0.84 4.96 16.39
C SER A 92 0.52 4.70 15.76
N GLY A 93 1.55 4.63 16.58
CA GLY A 93 2.90 4.39 16.07
C GLY A 93 3.00 3.08 15.32
N ALA A 94 3.30 3.17 14.03
CA ALA A 94 3.43 1.98 13.19
C ALA A 94 4.28 0.92 13.88
N GLY A 95 4.33 -0.27 13.28
CA GLY A 95 5.10 -1.36 13.85
C GLY A 95 6.56 -1.00 14.03
N SER A 96 7.43 -1.67 13.28
CA SER A 96 8.86 -1.42 13.36
C SER A 96 9.59 -2.00 12.15
N ASN A 97 10.73 -1.42 11.82
CA ASN A 97 11.53 -1.87 10.68
C ASN A 97 12.99 -1.49 10.85
N THR A 98 13.88 -2.31 10.30
CA THR A 98 15.31 -2.06 10.39
C THR A 98 15.87 -1.58 9.05
N SER A 99 17.17 -1.29 9.03
CA SER A 99 17.83 -0.82 7.81
C SER A 99 17.68 -1.84 6.68
N THR A 100 17.16 -1.37 5.55
CA THR A 100 16.96 -2.25 4.40
C THR A 100 17.13 -1.47 3.09
N SER A 101 18.03 -1.96 2.23
CA SER A 101 18.28 -1.31 0.95
C SER A 101 17.04 -1.33 0.07
N THR A 102 16.55 -0.15 -0.28
CA THR A 102 15.36 -0.03 -1.12
C THR A 102 15.69 -0.31 -2.59
N GLY A 103 14.81 -1.04 -3.26
CA GLY A 103 15.02 -1.37 -4.65
C GLY A 103 14.26 -0.44 -5.58
N THR A 104 14.85 -0.14 -6.73
CA THR A 104 14.23 0.74 -7.72
C THR A 104 13.67 -0.06 -8.89
N SER A 105 12.63 0.48 -9.52
CA SER A 105 12.00 -0.19 -10.66
C SER A 105 12.82 0.00 -11.93
N THR A 106 13.56 -1.03 -12.30
CA THR A 106 14.39 -0.98 -13.49
C THR A 106 14.18 -2.23 -14.35
N SER A 107 13.93 -2.01 -15.65
CA SER A 107 13.70 -3.11 -16.57
C SER A 107 13.80 -2.62 -18.01
N SER A 108 14.77 -3.15 -18.75
CA SER A 108 14.97 -2.78 -20.14
C SER A 108 14.35 -3.79 -21.08
N SER A 109 13.12 -4.20 -20.77
CA SER A 109 12.41 -5.17 -21.59
C SER A 109 11.25 -4.52 -22.33
N GLY A 110 11.06 -4.92 -23.58
CA GLY A 110 9.98 -4.37 -24.39
C GLY A 110 10.22 -2.92 -24.74
N PRO A 111 9.81 -2.53 -25.97
CA PRO A 111 9.97 -1.15 -26.45
C PRO A 111 9.05 -0.18 -25.73
N SER A 112 7.78 -0.55 -25.60
CA SER A 112 6.81 0.29 -24.93
C SER A 112 7.37 0.88 -23.65
N SER A 113 7.89 0.00 -22.79
CA SER A 113 8.47 0.42 -21.52
C SER A 113 7.41 1.11 -20.65
N GLY A 114 6.20 0.57 -20.66
CA GLY A 114 5.13 1.13 -19.87
C GLY A 114 3.94 1.55 -20.72
N GLY A 1 -8.31 3.01 -15.93
CA GLY A 1 -8.18 3.89 -17.08
C GLY A 1 -8.88 5.20 -16.88
N SER A 2 -10.16 5.26 -17.28
CA SER A 2 -10.95 6.48 -17.14
C SER A 2 -11.00 6.94 -15.68
N SER A 3 -10.50 8.14 -15.43
CA SER A 3 -10.48 8.69 -14.08
C SER A 3 -11.48 9.85 -13.96
N GLY A 4 -11.58 10.40 -12.75
CA GLY A 4 -12.50 11.50 -12.52
C GLY A 4 -11.94 12.52 -11.55
N SER A 5 -12.20 12.31 -10.26
CA SER A 5 -11.72 13.22 -9.23
C SER A 5 -10.23 13.49 -9.37
N SER A 6 -9.79 14.66 -8.94
CA SER A 6 -8.38 15.03 -9.02
C SER A 6 -7.60 14.48 -7.84
N GLY A 7 -6.28 14.38 -7.99
CA GLY A 7 -5.45 13.88 -6.93
C GLY A 7 -5.42 12.36 -6.89
N HIS A 8 -4.23 11.79 -6.89
CA HIS A 8 -4.09 10.34 -6.85
C HIS A 8 -3.52 9.91 -5.50
N LYS A 9 -4.27 9.04 -4.82
CA LYS A 9 -3.86 8.54 -3.51
C LYS A 9 -2.58 7.71 -3.63
N PRO A 10 -1.73 7.80 -2.59
CA PRO A 10 -0.46 7.07 -2.55
C PRO A 10 -0.67 5.57 -2.37
N TRP A 11 -1.53 5.20 -1.42
CA TRP A 11 -1.81 3.80 -1.15
C TRP A 11 -3.18 3.41 -1.68
N ARG A 12 -3.32 2.15 -2.07
CA ARG A 12 -4.58 1.65 -2.61
C ARG A 12 -5.04 0.41 -1.84
N ALA A 13 -6.36 0.22 -1.79
CA ALA A 13 -6.93 -0.93 -1.09
C ALA A 13 -8.00 -1.62 -1.95
N GLU A 14 -7.83 -2.92 -2.16
CA GLU A 14 -8.77 -3.69 -2.96
C GLU A 14 -8.43 -5.17 -2.92
N TYR A 15 -9.45 -6.01 -2.99
CA TYR A 15 -9.27 -7.46 -2.96
C TYR A 15 -8.77 -7.97 -4.31
N ALA A 16 -7.70 -8.77 -4.28
CA ALA A 16 -7.13 -9.33 -5.50
C ALA A 16 -8.15 -10.17 -6.24
N LYS A 17 -7.99 -10.25 -7.55
CA LYS A 17 -8.90 -11.04 -8.38
C LYS A 17 -8.25 -12.34 -8.84
N SER A 18 -6.91 -12.37 -8.81
CA SER A 18 -6.16 -13.55 -9.22
C SER A 18 -4.89 -13.70 -8.39
N SER A 19 -4.35 -14.91 -8.36
CA SER A 19 -3.12 -15.19 -7.62
C SER A 19 -1.89 -15.03 -8.50
N ARG A 20 -1.97 -14.09 -9.44
CA ARG A 20 -0.85 -13.84 -10.36
C ARG A 20 0.14 -12.86 -9.75
N SER A 21 -0.37 -11.88 -9.02
CA SER A 21 0.47 -10.87 -8.39
C SER A 21 1.24 -11.46 -7.22
N SER A 22 2.46 -10.97 -7.01
CA SER A 22 3.30 -11.46 -5.93
C SER A 22 3.84 -10.30 -5.09
N CYS A 23 3.75 -10.45 -3.77
CA CYS A 23 4.23 -9.41 -2.85
C CYS A 23 5.70 -9.11 -3.09
N LYS A 24 6.14 -7.95 -2.61
CA LYS A 24 7.54 -7.54 -2.77
C LYS A 24 8.27 -7.55 -1.43
N THR A 25 7.52 -7.33 -0.35
CA THR A 25 8.09 -7.32 0.99
C THR A 25 8.53 -8.72 1.41
N CYS A 26 7.71 -9.72 1.10
CA CYS A 26 8.01 -11.10 1.44
C CYS A 26 8.35 -11.91 0.20
N LYS A 27 8.02 -11.36 -0.97
CA LYS A 27 8.29 -12.04 -2.23
C LYS A 27 7.45 -13.30 -2.37
N SER A 28 6.19 -13.21 -1.97
CA SER A 28 5.28 -14.35 -2.05
C SER A 28 4.13 -14.06 -2.99
N VAL A 29 3.25 -15.04 -3.17
CA VAL A 29 2.10 -14.90 -4.05
C VAL A 29 0.89 -14.38 -3.30
N ILE A 30 0.15 -13.47 -3.92
CA ILE A 30 -1.05 -12.89 -3.30
C ILE A 30 -2.32 -13.47 -3.92
N ASN A 31 -2.80 -14.57 -3.35
CA ASN A 31 -4.01 -15.22 -3.84
C ASN A 31 -5.18 -14.25 -3.84
N LYS A 32 -6.10 -14.44 -4.77
CA LYS A 32 -7.28 -13.59 -4.87
C LYS A 32 -8.15 -13.70 -3.62
N GLU A 33 -9.05 -12.73 -3.44
CA GLU A 33 -9.94 -12.73 -2.29
C GLU A 33 -9.18 -12.37 -1.02
N ASN A 34 -8.08 -11.64 -1.17
CA ASN A 34 -7.26 -11.23 -0.05
C ASN A 34 -7.04 -9.73 -0.04
N PHE A 35 -7.03 -9.13 1.14
CA PHE A 35 -6.84 -7.69 1.27
C PHE A 35 -5.36 -7.33 1.19
N ARG A 36 -4.98 -6.68 0.08
CA ARG A 36 -3.59 -6.29 -0.12
C ARG A 36 -3.47 -4.76 -0.20
N LEU A 37 -2.25 -4.29 -0.39
CA LEU A 37 -1.99 -2.86 -0.48
C LEU A 37 -1.06 -2.54 -1.65
N GLY A 38 -1.45 -1.58 -2.48
CA GLY A 38 -0.63 -1.21 -3.61
C GLY A 38 -0.06 0.19 -3.48
N LYS A 39 1.23 0.27 -3.15
CA LYS A 39 1.90 1.56 -3.00
C LYS A 39 2.18 2.19 -4.34
N LEU A 40 1.34 3.13 -4.75
CA LEU A 40 1.51 3.82 -6.02
C LEU A 40 2.68 4.81 -5.97
N VAL A 41 3.68 4.57 -6.80
CA VAL A 41 4.86 5.44 -6.85
C VAL A 41 5.04 6.05 -8.24
N GLN A 42 5.88 7.07 -8.33
CA GLN A 42 6.14 7.74 -9.59
C GLN A 42 7.58 7.49 -10.05
N SER A 43 7.73 6.63 -11.05
CA SER A 43 9.05 6.30 -11.58
C SER A 43 9.37 7.17 -12.81
N THR A 44 10.64 7.18 -13.20
CA THR A 44 11.08 7.96 -14.34
C THR A 44 10.83 7.21 -15.64
N HIS A 45 9.70 6.51 -15.71
CA HIS A 45 9.35 5.76 -16.90
C HIS A 45 8.15 6.40 -17.58
N PHE A 46 8.07 6.21 -18.89
CA PHE A 46 6.98 6.76 -19.69
C PHE A 46 5.63 6.45 -19.03
N ASP A 47 4.58 7.11 -19.52
CA ASP A 47 3.24 6.92 -18.99
C ASP A 47 3.02 5.46 -18.59
N GLY A 48 3.00 5.20 -17.29
CA GLY A 48 2.80 3.85 -16.80
C GLY A 48 3.27 3.68 -15.38
N ILE A 49 2.34 3.80 -14.43
CA ILE A 49 2.67 3.65 -13.02
C ILE A 49 2.78 2.18 -12.63
N MET A 50 3.66 1.90 -11.68
CA MET A 50 3.87 0.53 -11.22
C MET A 50 3.35 0.35 -9.79
N PRO A 51 2.15 -0.22 -9.67
CA PRO A 51 1.51 -0.46 -8.37
C PRO A 51 2.22 -1.55 -7.57
N MET A 52 2.98 -1.14 -6.56
CA MET A 52 3.70 -2.08 -5.72
C MET A 52 2.75 -2.90 -4.85
N TRP A 53 2.43 -4.10 -5.33
CA TRP A 53 1.53 -4.99 -4.60
C TRP A 53 2.21 -5.61 -3.39
N ASN A 54 1.61 -5.45 -2.22
CA ASN A 54 2.17 -6.00 -0.99
C ASN A 54 1.06 -6.35 0.00
N HIS A 55 1.15 -7.54 0.57
CA HIS A 55 0.16 -7.99 1.52
C HIS A 55 -0.15 -6.87 2.52
N ALA A 56 -1.42 -6.72 2.83
CA ALA A 56 -1.86 -5.69 3.77
C ALA A 56 -1.19 -5.86 5.13
N SER A 57 -0.65 -7.05 5.37
CA SER A 57 0.02 -7.34 6.63
C SER A 57 1.53 -7.14 6.51
N CYS A 58 2.03 -7.16 5.28
CA CYS A 58 3.45 -6.98 5.02
C CYS A 58 3.83 -5.50 5.13
N ILE A 59 2.87 -4.63 4.84
CA ILE A 59 3.10 -3.19 4.91
C ILE A 59 2.85 -2.65 6.31
N LEU A 60 1.68 -2.94 6.85
CA LEU A 60 1.31 -2.49 8.19
C LEU A 60 2.41 -2.83 9.19
N LYS A 61 3.01 -4.01 9.02
CA LYS A 61 4.07 -4.45 9.92
C LYS A 61 5.25 -3.49 9.89
N LYS A 62 5.40 -2.78 8.78
CA LYS A 62 6.48 -1.82 8.62
C LYS A 62 6.12 -0.48 9.24
N THR A 63 7.00 0.51 9.09
CA THR A 63 6.77 1.83 9.64
C THR A 63 7.00 2.91 8.59
N LYS A 64 6.44 4.09 8.82
CA LYS A 64 6.58 5.21 7.91
C LYS A 64 6.09 4.82 6.51
N GLN A 65 4.91 4.23 6.45
CA GLN A 65 4.32 3.83 5.18
C GLN A 65 3.11 4.69 4.83
N ILE A 66 2.17 4.78 5.77
CA ILE A 66 0.96 5.57 5.55
C ILE A 66 0.83 6.65 6.62
N LYS A 67 0.29 7.81 6.23
CA LYS A 67 0.09 8.91 7.14
C LYS A 67 -1.32 8.91 7.73
N SER A 68 -2.31 8.66 6.87
CA SER A 68 -3.70 8.63 7.29
C SER A 68 -4.53 7.76 6.35
N VAL A 69 -5.56 7.12 6.91
CA VAL A 69 -6.43 6.26 6.12
C VAL A 69 -6.98 6.99 4.90
N ASP A 70 -7.04 8.31 5.00
CA ASP A 70 -7.54 9.14 3.90
C ASP A 70 -6.67 8.99 2.67
N ASP A 71 -5.39 8.69 2.87
CA ASP A 71 -4.45 8.51 1.78
C ASP A 71 -4.68 7.18 1.07
N VAL A 72 -5.30 6.24 1.78
CA VAL A 72 -5.57 4.92 1.23
C VAL A 72 -6.86 4.92 0.42
N GLU A 73 -6.76 4.57 -0.85
CA GLU A 73 -7.93 4.52 -1.74
C GLU A 73 -8.64 3.18 -1.63
N GLY A 74 -9.90 3.15 -2.07
CA GLY A 74 -10.67 1.92 -2.01
C GLY A 74 -10.62 1.27 -0.65
N ILE A 75 -10.26 2.04 0.37
CA ILE A 75 -10.18 1.53 1.73
C ILE A 75 -11.57 1.38 2.35
N GLU A 76 -12.53 2.12 1.80
CA GLU A 76 -13.90 2.07 2.30
C GLU A 76 -14.60 0.79 1.85
N SER A 77 -14.03 0.14 0.84
CA SER A 77 -14.59 -1.09 0.30
C SER A 77 -14.09 -2.30 1.07
N LEU A 78 -13.01 -2.11 1.84
CA LEU A 78 -12.43 -3.19 2.63
C LEU A 78 -13.31 -3.52 3.83
N ARG A 79 -13.19 -4.75 4.31
CA ARG A 79 -13.97 -5.20 5.46
C ARG A 79 -13.61 -4.41 6.71
N TRP A 80 -14.60 -4.15 7.56
CA TRP A 80 -14.39 -3.41 8.79
C TRP A 80 -13.03 -3.75 9.41
N GLU A 81 -12.86 -5.03 9.75
CA GLU A 81 -11.61 -5.50 10.34
C GLU A 81 -10.40 -4.96 9.58
N ASP A 82 -10.50 -4.97 8.26
CA ASP A 82 -9.42 -4.47 7.41
C ASP A 82 -9.23 -2.97 7.59
N GLN A 83 -10.30 -2.22 7.41
CA GLN A 83 -10.26 -0.76 7.54
C GLN A 83 -9.68 -0.36 8.89
N GLN A 84 -9.89 -1.20 9.90
CA GLN A 84 -9.40 -0.94 11.24
C GLN A 84 -7.87 -1.02 11.28
N LYS A 85 -7.32 -2.03 10.61
CA LYS A 85 -5.88 -2.24 10.57
C LYS A 85 -5.18 -1.00 10.02
N ILE A 86 -5.87 -0.26 9.16
CA ILE A 86 -5.32 0.95 8.57
C ILE A 86 -5.31 2.11 9.57
N ARG A 87 -6.50 2.54 9.97
CA ARG A 87 -6.63 3.64 10.92
C ARG A 87 -5.85 3.34 12.20
N LYS A 88 -5.86 2.08 12.61
CA LYS A 88 -5.16 1.66 13.82
C LYS A 88 -3.65 1.60 13.58
N TYR A 89 -3.24 1.97 12.38
CA TYR A 89 -1.83 1.96 12.01
C TYR A 89 -1.30 3.38 11.80
N VAL A 90 -2.10 4.20 11.13
CA VAL A 90 -1.72 5.58 10.86
C VAL A 90 -1.79 6.43 12.13
N GLU A 91 -2.70 6.06 13.03
CA GLU A 91 -2.87 6.79 14.28
C GLU A 91 -1.73 6.49 15.25
N SER A 92 -1.46 5.20 15.45
CA SER A 92 -0.39 4.78 16.35
C SER A 92 0.92 5.48 16.01
N GLY A 93 1.99 5.10 16.70
CA GLY A 93 3.29 5.70 16.45
C GLY A 93 3.72 5.57 15.00
N ALA A 94 3.19 4.58 14.31
CA ALA A 94 3.52 4.34 12.91
C ALA A 94 3.27 5.59 12.08
N GLY A 95 4.09 5.79 11.05
CA GLY A 95 3.94 6.94 10.18
C GLY A 95 4.63 8.18 10.75
N SER A 96 4.24 8.57 11.95
CA SER A 96 4.82 9.75 12.59
C SER A 96 6.16 9.41 13.24
N ASN A 97 6.78 10.41 13.87
CA ASN A 97 8.06 10.21 14.53
C ASN A 97 7.92 9.28 15.74
N THR A 98 9.05 8.90 16.32
CA THR A 98 9.06 8.01 17.48
C THR A 98 9.86 8.60 18.63
N SER A 99 10.90 9.35 18.29
CA SER A 99 11.75 9.98 19.28
C SER A 99 12.03 9.02 20.44
N THR A 100 12.52 7.83 20.11
CA THR A 100 12.83 6.82 21.12
C THR A 100 14.09 6.05 20.76
N SER A 101 14.83 5.62 21.77
CA SER A 101 16.06 4.86 21.56
C SER A 101 16.03 3.55 22.33
N THR A 102 16.68 2.53 21.76
CA THR A 102 16.72 1.21 22.39
C THR A 102 17.53 1.24 23.67
N GLY A 103 16.85 1.28 24.81
CA GLY A 103 17.51 1.31 26.09
C GLY A 103 17.96 -0.06 26.54
N THR A 104 19.16 -0.15 27.09
CA THR A 104 19.70 -1.42 27.57
C THR A 104 19.16 -1.76 28.96
N SER A 105 19.25 -3.03 29.32
CA SER A 105 18.77 -3.49 30.62
C SER A 105 19.85 -4.28 31.36
N THR A 106 20.05 -3.96 32.63
CA THR A 106 21.05 -4.64 33.44
C THR A 106 20.69 -6.11 33.66
N SER A 107 21.55 -7.00 33.19
CA SER A 107 21.32 -8.43 33.32
C SER A 107 22.31 -9.05 34.29
N SER A 108 21.85 -10.04 35.06
CA SER A 108 22.71 -10.71 36.02
C SER A 108 23.13 -12.09 35.51
N SER A 109 24.09 -12.69 36.19
CA SER A 109 24.60 -14.00 35.80
C SER A 109 25.55 -14.56 36.86
N GLY A 110 25.70 -15.88 36.88
CA GLY A 110 26.58 -16.52 37.84
C GLY A 110 26.03 -17.84 38.34
N PRO A 111 26.01 -18.84 37.45
CA PRO A 111 25.51 -20.18 37.79
C PRO A 111 26.42 -20.92 38.75
N SER A 112 27.73 -20.67 38.64
CA SER A 112 28.71 -21.31 39.50
C SER A 112 28.23 -21.34 40.95
N SER A 113 28.23 -22.52 41.54
CA SER A 113 27.79 -22.68 42.92
C SER A 113 28.06 -24.10 43.42
N GLY A 114 27.81 -24.34 44.70
CA GLY A 114 28.03 -25.65 45.27
C GLY A 114 28.47 -25.59 46.72
N GLY A 1 -13.74 6.14 -17.49
CA GLY A 1 -13.86 6.61 -18.86
C GLY A 1 -12.87 7.72 -19.17
N SER A 2 -13.34 8.96 -19.13
CA SER A 2 -12.49 10.11 -19.42
C SER A 2 -12.58 11.14 -18.30
N SER A 3 -11.70 11.00 -17.31
CA SER A 3 -11.67 11.92 -16.18
C SER A 3 -10.34 12.64 -16.10
N GLY A 4 -10.27 13.66 -15.23
CA GLY A 4 -9.04 14.42 -15.07
C GLY A 4 -8.04 13.71 -14.17
N SER A 5 -6.79 14.15 -14.23
CA SER A 5 -5.73 13.55 -13.42
C SER A 5 -5.15 14.57 -12.45
N SER A 6 -5.70 14.59 -11.23
CA SER A 6 -5.24 15.53 -10.20
C SER A 6 -5.47 14.95 -8.81
N GLY A 7 -4.58 15.30 -7.88
CA GLY A 7 -4.71 14.81 -6.52
C GLY A 7 -5.14 13.36 -6.46
N HIS A 8 -4.18 12.46 -6.59
CA HIS A 8 -4.48 11.04 -6.55
C HIS A 8 -3.92 10.43 -5.25
N LYS A 9 -4.68 9.49 -4.71
CA LYS A 9 -4.29 8.81 -3.47
C LYS A 9 -3.02 8.00 -3.68
N PRO A 10 -2.12 8.08 -2.69
CA PRO A 10 -0.84 7.35 -2.74
C PRO A 10 -1.02 5.84 -2.59
N TRP A 11 -1.75 5.45 -1.54
CA TRP A 11 -2.00 4.04 -1.29
C TRP A 11 -3.37 3.62 -1.83
N ARG A 12 -3.50 2.34 -2.14
CA ARG A 12 -4.76 1.80 -2.67
C ARG A 12 -5.15 0.53 -1.95
N ALA A 13 -6.47 0.27 -1.87
CA ALA A 13 -6.97 -0.92 -1.20
C ALA A 13 -8.00 -1.63 -2.08
N GLU A 14 -7.83 -2.95 -2.23
CA GLU A 14 -8.75 -3.73 -3.04
C GLU A 14 -8.40 -5.22 -2.95
N TYR A 15 -9.43 -6.07 -3.04
CA TYR A 15 -9.23 -7.51 -2.96
C TYR A 15 -8.74 -8.06 -4.30
N ALA A 16 -7.62 -8.77 -4.27
CA ALA A 16 -7.05 -9.35 -5.48
C ALA A 16 -8.08 -10.21 -6.21
N LYS A 17 -7.96 -10.27 -7.53
CA LYS A 17 -8.87 -11.06 -8.35
C LYS A 17 -8.21 -12.35 -8.80
N SER A 18 -6.89 -12.37 -8.83
CA SER A 18 -6.14 -13.56 -9.24
C SER A 18 -4.90 -13.74 -8.38
N SER A 19 -4.31 -14.93 -8.44
CA SER A 19 -3.11 -15.23 -7.67
C SER A 19 -1.86 -15.08 -8.53
N ARG A 20 -1.89 -14.12 -9.45
CA ARG A 20 -0.76 -13.87 -10.34
C ARG A 20 0.24 -12.91 -9.70
N SER A 21 -0.28 -11.89 -9.04
CA SER A 21 0.57 -10.89 -8.39
C SER A 21 1.31 -11.50 -7.20
N SER A 22 2.51 -11.00 -6.95
CA SER A 22 3.32 -11.51 -5.84
C SER A 22 3.86 -10.36 -4.99
N CYS A 23 3.77 -10.51 -3.68
CA CYS A 23 4.24 -9.48 -2.76
C CYS A 23 5.72 -9.19 -2.98
N LYS A 24 6.17 -8.05 -2.49
CA LYS A 24 7.57 -7.65 -2.63
C LYS A 24 8.29 -7.69 -1.29
N THR A 25 7.54 -7.47 -0.21
CA THR A 25 8.09 -7.49 1.13
C THR A 25 8.54 -8.90 1.53
N CYS A 26 7.70 -9.88 1.22
CA CYS A 26 8.00 -11.27 1.54
C CYS A 26 8.34 -12.06 0.28
N LYS A 27 8.01 -11.50 -0.87
CA LYS A 27 8.28 -12.14 -2.15
C LYS A 27 7.43 -13.39 -2.31
N SER A 28 6.17 -13.30 -1.90
CA SER A 28 5.25 -14.43 -2.00
C SER A 28 4.11 -14.12 -2.97
N VAL A 29 3.24 -15.10 -3.18
CA VAL A 29 2.11 -14.93 -4.08
C VAL A 29 0.88 -14.42 -3.32
N ILE A 30 0.17 -13.48 -3.92
CA ILE A 30 -1.02 -12.90 -3.31
C ILE A 30 -2.29 -13.45 -3.96
N ASN A 31 -2.79 -14.56 -3.42
CA ASN A 31 -3.99 -15.18 -3.94
C ASN A 31 -5.17 -14.21 -3.92
N LYS A 32 -6.10 -14.39 -4.85
CA LYS A 32 -7.28 -13.53 -4.93
C LYS A 32 -8.14 -13.66 -3.68
N GLU A 33 -9.05 -12.70 -3.50
CA GLU A 33 -9.93 -12.71 -2.34
C GLU A 33 -9.18 -12.35 -1.06
N ASN A 34 -8.08 -11.61 -1.22
CA ASN A 34 -7.26 -11.20 -0.10
C ASN A 34 -7.07 -9.69 -0.09
N PHE A 35 -7.08 -9.09 1.10
CA PHE A 35 -6.90 -7.66 1.25
C PHE A 35 -5.42 -7.28 1.18
N ARG A 36 -5.01 -6.68 0.06
CA ARG A 36 -3.63 -6.28 -0.12
C ARG A 36 -3.52 -4.75 -0.23
N LEU A 37 -2.29 -4.26 -0.31
CA LEU A 37 -2.04 -2.83 -0.42
C LEU A 37 -1.09 -2.52 -1.57
N GLY A 38 -1.40 -1.47 -2.31
CA GLY A 38 -0.56 -1.08 -3.44
C GLY A 38 -0.07 0.34 -3.33
N LYS A 39 1.25 0.51 -3.23
CA LYS A 39 1.85 1.83 -3.12
C LYS A 39 2.01 2.48 -4.49
N LEU A 40 1.19 3.48 -4.77
CA LEU A 40 1.24 4.19 -6.04
C LEU A 40 2.42 5.14 -6.09
N VAL A 41 3.44 4.78 -6.87
CA VAL A 41 4.64 5.61 -7.00
C VAL A 41 4.66 6.30 -8.36
N GLN A 42 5.50 7.34 -8.47
CA GLN A 42 5.61 8.10 -9.70
C GLN A 42 7.02 7.97 -10.29
N SER A 43 7.10 7.40 -11.48
CA SER A 43 8.39 7.21 -12.15
C SER A 43 8.31 7.64 -13.62
N THR A 44 9.47 7.68 -14.28
CA THR A 44 9.52 8.07 -15.68
C THR A 44 8.68 7.15 -16.55
N HIS A 45 7.42 7.51 -16.73
CA HIS A 45 6.53 6.69 -17.54
C HIS A 45 5.33 7.54 -17.98
N PHE A 46 5.16 7.64 -19.29
CA PHE A 46 4.07 8.41 -19.87
C PHE A 46 2.71 7.82 -19.48
N ASP A 47 2.11 8.36 -18.44
CA ASP A 47 0.82 7.88 -17.96
C ASP A 47 0.93 6.44 -17.47
N GLY A 48 2.05 6.12 -16.83
CA GLY A 48 2.25 4.77 -16.33
C GLY A 48 2.63 4.75 -14.86
N ILE A 49 2.03 3.86 -14.10
CA ILE A 49 2.31 3.74 -12.67
C ILE A 49 2.53 2.29 -12.27
N MET A 50 3.47 2.06 -11.36
CA MET A 50 3.78 0.72 -10.89
C MET A 50 3.40 0.56 -9.42
N PRO A 51 2.16 0.12 -9.17
CA PRO A 51 1.65 -0.09 -7.81
C PRO A 51 2.31 -1.26 -7.11
N MET A 52 3.12 -0.97 -6.08
CA MET A 52 3.81 -2.00 -5.33
C MET A 52 2.82 -2.85 -4.53
N TRP A 53 2.46 -4.01 -5.09
CA TRP A 53 1.52 -4.90 -4.42
C TRP A 53 2.19 -5.62 -3.26
N ASN A 54 1.67 -5.41 -2.06
CA ASN A 54 2.21 -6.05 -0.86
C ASN A 54 1.11 -6.39 0.12
N HIS A 55 1.17 -7.59 0.69
CA HIS A 55 0.17 -8.02 1.64
C HIS A 55 -0.10 -6.90 2.65
N ALA A 56 -1.39 -6.67 2.91
CA ALA A 56 -1.81 -5.64 3.84
C ALA A 56 -1.13 -5.83 5.20
N SER A 57 -0.63 -7.03 5.46
CA SER A 57 0.04 -7.33 6.71
C SER A 57 1.55 -7.16 6.58
N CYS A 58 2.03 -7.16 5.34
CA CYS A 58 3.45 -7.01 5.07
C CYS A 58 3.86 -5.54 5.13
N ILE A 59 2.91 -4.65 4.90
CA ILE A 59 3.17 -3.21 4.93
C ILE A 59 2.91 -2.64 6.32
N LEU A 60 1.74 -2.95 6.87
CA LEU A 60 1.37 -2.46 8.19
C LEU A 60 2.44 -2.80 9.22
N LYS A 61 3.13 -3.91 8.99
CA LYS A 61 4.19 -4.35 9.89
C LYS A 61 5.38 -3.41 9.84
N LYS A 62 5.52 -2.71 8.72
CA LYS A 62 6.63 -1.77 8.54
C LYS A 62 6.27 -0.40 9.12
N THR A 63 7.17 0.57 8.94
CA THR A 63 6.96 1.91 9.45
C THR A 63 7.09 2.95 8.35
N LYS A 64 6.58 4.15 8.59
CA LYS A 64 6.64 5.23 7.62
C LYS A 64 6.14 4.76 6.25
N GLN A 65 5.00 4.07 6.25
CA GLN A 65 4.41 3.58 5.01
C GLN A 65 3.17 4.39 4.64
N ILE A 66 2.25 4.52 5.60
CA ILE A 66 1.01 5.26 5.37
C ILE A 66 0.89 6.42 6.35
N LYS A 67 0.35 7.54 5.86
CA LYS A 67 0.18 8.72 6.69
C LYS A 67 -1.19 8.70 7.38
N SER A 68 -2.23 8.39 6.61
CA SER A 68 -3.59 8.34 7.14
C SER A 68 -4.50 7.55 6.22
N VAL A 69 -5.55 6.97 6.80
CA VAL A 69 -6.51 6.18 6.02
C VAL A 69 -7.04 6.97 4.83
N ASP A 70 -7.06 8.29 4.97
CA ASP A 70 -7.54 9.16 3.90
C ASP A 70 -6.68 9.01 2.65
N ASP A 71 -5.40 8.71 2.86
CA ASP A 71 -4.46 8.53 1.74
C ASP A 71 -4.67 7.18 1.07
N VAL A 72 -5.36 6.28 1.75
CA VAL A 72 -5.63 4.95 1.22
C VAL A 72 -6.89 4.94 0.35
N GLU A 73 -6.75 4.47 -0.88
CA GLU A 73 -7.87 4.40 -1.80
C GLU A 73 -8.61 3.08 -1.67
N GLY A 74 -9.90 3.08 -2.01
CA GLY A 74 -10.70 1.88 -1.92
C GLY A 74 -10.69 1.28 -0.53
N ILE A 75 -10.35 2.09 0.46
CA ILE A 75 -10.30 1.64 1.84
C ILE A 75 -11.70 1.40 2.39
N GLU A 76 -12.63 2.27 2.03
CA GLU A 76 -14.02 2.16 2.48
C GLU A 76 -14.67 0.92 1.88
N SER A 77 -13.99 0.27 0.96
CA SER A 77 -14.51 -0.92 0.32
C SER A 77 -14.01 -2.18 1.02
N LEU A 78 -13.06 -2.02 1.93
CA LEU A 78 -12.52 -3.13 2.68
C LEU A 78 -13.39 -3.49 3.87
N ARG A 79 -13.24 -4.70 4.38
CA ARG A 79 -14.02 -5.16 5.52
C ARG A 79 -13.67 -4.38 6.77
N TRP A 80 -14.65 -4.14 7.62
CA TRP A 80 -14.44 -3.40 8.86
C TRP A 80 -13.09 -3.74 9.48
N GLU A 81 -12.88 -5.03 9.76
CA GLU A 81 -11.62 -5.48 10.35
C GLU A 81 -10.42 -4.93 9.57
N ASP A 82 -10.55 -4.91 8.25
CA ASP A 82 -9.47 -4.42 7.39
C ASP A 82 -9.28 -2.91 7.59
N GLN A 83 -10.37 -2.16 7.42
CA GLN A 83 -10.32 -0.70 7.57
C GLN A 83 -9.70 -0.32 8.91
N GLN A 84 -9.88 -1.19 9.90
CA GLN A 84 -9.35 -0.94 11.24
C GLN A 84 -7.83 -1.07 11.26
N LYS A 85 -7.32 -2.03 10.49
CA LYS A 85 -5.88 -2.26 10.42
C LYS A 85 -5.16 -1.04 9.86
N ILE A 86 -5.89 -0.20 9.14
CA ILE A 86 -5.31 1.01 8.56
C ILE A 86 -5.28 2.14 9.58
N ARG A 87 -6.46 2.59 9.99
CA ARG A 87 -6.56 3.68 10.96
C ARG A 87 -5.76 3.35 12.22
N LYS A 88 -5.82 2.10 12.65
CA LYS A 88 -5.12 1.65 13.84
C LYS A 88 -3.61 1.57 13.57
N TYR A 89 -3.21 1.94 12.37
CA TYR A 89 -1.80 1.90 11.98
C TYR A 89 -1.27 3.30 11.73
N VAL A 90 -2.10 4.14 11.12
CA VAL A 90 -1.71 5.52 10.82
C VAL A 90 -1.78 6.40 12.06
N GLU A 91 -2.63 6.00 13.00
CA GLU A 91 -2.80 6.76 14.24
C GLU A 91 -1.75 6.35 15.27
N SER A 92 -1.64 5.05 15.51
CA SER A 92 -0.68 4.53 16.48
C SER A 92 0.68 4.32 15.83
N GLY A 93 1.66 3.94 16.64
CA GLY A 93 3.00 3.70 16.12
C GLY A 93 3.04 2.63 15.06
N ALA A 94 3.19 3.03 13.81
CA ALA A 94 3.24 2.09 12.69
C ALA A 94 4.19 0.93 12.99
N GLY A 95 3.64 -0.26 13.14
CA GLY A 95 4.46 -1.43 13.43
C GLY A 95 4.69 -1.61 14.92
N SER A 96 5.04 -0.53 15.61
CA SER A 96 5.30 -0.58 17.04
C SER A 96 6.23 -1.74 17.38
N ASN A 97 7.17 -2.02 16.48
CA ASN A 97 8.11 -3.11 16.69
C ASN A 97 9.55 -2.63 16.47
N THR A 98 10.50 -3.50 16.80
CA THR A 98 11.92 -3.16 16.64
C THR A 98 12.50 -3.82 15.41
N SER A 99 12.00 -3.43 14.24
CA SER A 99 12.48 -3.99 12.98
C SER A 99 13.94 -3.64 12.74
N THR A 100 14.26 -2.35 12.80
CA THR A 100 15.62 -1.88 12.60
C THR A 100 16.13 -2.28 11.22
N SER A 101 15.26 -2.21 10.23
CA SER A 101 15.63 -2.56 8.86
C SER A 101 15.39 -1.38 7.92
N THR A 102 16.32 -0.43 7.93
CA THR A 102 16.22 0.75 7.07
C THR A 102 17.20 0.67 5.91
N GLY A 103 16.71 0.96 4.71
CA GLY A 103 17.57 0.93 3.54
C GLY A 103 16.92 0.22 2.37
N THR A 104 17.64 0.12 1.25
CA THR A 104 17.12 -0.53 0.05
C THR A 104 15.63 -0.27 -0.11
N SER A 105 15.21 0.96 0.19
CA SER A 105 13.82 1.34 0.07
C SER A 105 13.50 1.86 -1.33
N THR A 106 14.38 2.72 -1.85
CA THR A 106 14.20 3.29 -3.18
C THR A 106 15.02 2.52 -4.21
N SER A 107 14.33 1.77 -5.07
CA SER A 107 14.99 0.99 -6.11
C SER A 107 14.02 0.64 -7.22
N SER A 108 14.56 0.41 -8.42
CA SER A 108 13.74 0.08 -9.58
C SER A 108 13.57 -1.43 -9.70
N SER A 109 12.52 -1.84 -10.40
CA SER A 109 12.23 -3.26 -10.59
C SER A 109 12.03 -3.58 -12.07
N GLY A 110 11.05 -2.91 -12.68
CA GLY A 110 10.77 -3.13 -14.09
C GLY A 110 9.28 -3.18 -14.37
N PRO A 111 8.91 -3.81 -15.49
CA PRO A 111 7.51 -3.94 -15.90
C PRO A 111 6.72 -4.88 -14.99
N SER A 112 5.40 -4.76 -15.05
CA SER A 112 4.52 -5.60 -14.22
C SER A 112 3.64 -6.48 -15.09
N SER A 113 4.17 -7.63 -15.50
CA SER A 113 3.43 -8.55 -16.34
C SER A 113 2.45 -9.38 -15.51
N GLY A 114 1.16 -9.17 -15.74
CA GLY A 114 0.14 -9.89 -15.00
C GLY A 114 -0.74 -8.99 -14.16
N GLY A 1 4.51 21.97 -11.62
CA GLY A 1 5.26 21.58 -12.80
C GLY A 1 5.96 20.25 -12.63
N SER A 2 6.95 20.21 -11.75
CA SER A 2 7.71 18.98 -11.50
C SER A 2 7.21 18.28 -10.24
N SER A 3 7.33 18.98 -9.11
CA SER A 3 6.89 18.41 -7.84
C SER A 3 5.67 19.16 -7.31
N GLY A 4 4.58 18.40 -7.10
CA GLY A 4 3.36 19.01 -6.60
C GLY A 4 2.12 18.43 -7.26
N SER A 5 1.46 17.50 -6.57
CA SER A 5 0.26 16.87 -7.10
C SER A 5 -0.78 16.68 -6.01
N SER A 6 -1.99 16.31 -6.40
CA SER A 6 -3.08 16.10 -5.45
C SER A 6 -4.22 15.32 -6.11
N GLY A 7 -4.95 14.55 -5.29
CA GLY A 7 -6.06 13.77 -5.80
C GLY A 7 -5.73 12.30 -5.90
N HIS A 8 -4.66 11.98 -6.62
CA HIS A 8 -4.25 10.59 -6.79
C HIS A 8 -3.67 10.07 -5.47
N LYS A 9 -4.45 9.22 -4.82
CA LYS A 9 -4.03 8.63 -3.55
C LYS A 9 -2.77 7.79 -3.72
N PRO A 10 -1.83 7.91 -2.76
CA PRO A 10 -0.57 7.16 -2.78
C PRO A 10 -0.78 5.67 -2.55
N TRP A 11 -1.72 5.34 -1.67
CA TRP A 11 -1.99 3.94 -1.36
C TRP A 11 -3.38 3.55 -1.85
N ARG A 12 -3.54 2.26 -2.18
CA ARG A 12 -4.82 1.77 -2.67
C ARG A 12 -5.25 0.52 -1.90
N ALA A 13 -6.55 0.30 -1.83
CA ALA A 13 -7.09 -0.86 -1.12
C ALA A 13 -8.14 -1.59 -1.96
N GLU A 14 -7.95 -2.89 -2.14
CA GLU A 14 -8.87 -3.70 -2.92
C GLU A 14 -8.51 -5.18 -2.84
N TYR A 15 -9.50 -6.04 -3.01
CA TYR A 15 -9.29 -7.48 -2.96
C TYR A 15 -8.80 -8.01 -4.30
N ALA A 16 -7.72 -8.80 -4.26
CA ALA A 16 -7.15 -9.37 -5.48
C ALA A 16 -8.18 -10.23 -6.20
N LYS A 17 -7.96 -10.43 -7.49
CA LYS A 17 -8.86 -11.24 -8.31
C LYS A 17 -8.13 -12.41 -8.94
N SER A 18 -6.79 -12.36 -8.90
CA SER A 18 -5.97 -13.42 -9.47
C SER A 18 -4.72 -13.64 -8.63
N SER A 19 -4.30 -14.90 -8.52
CA SER A 19 -3.11 -15.24 -7.75
C SER A 19 -1.85 -15.14 -8.61
N ARG A 20 -1.83 -14.15 -9.50
CA ARG A 20 -0.69 -13.95 -10.37
C ARG A 20 0.31 -12.97 -9.76
N SER A 21 -0.20 -11.99 -9.02
CA SER A 21 0.64 -10.99 -8.38
C SER A 21 1.41 -11.60 -7.21
N SER A 22 2.50 -10.94 -6.83
CA SER A 22 3.32 -11.41 -5.72
C SER A 22 3.83 -10.24 -4.89
N CYS A 23 3.70 -10.36 -3.57
CA CYS A 23 4.14 -9.32 -2.65
C CYS A 23 5.62 -9.00 -2.88
N LYS A 24 6.04 -7.82 -2.44
CA LYS A 24 7.42 -7.39 -2.59
C LYS A 24 8.13 -7.35 -1.23
N THR A 25 7.36 -7.06 -0.18
CA THR A 25 7.92 -6.99 1.16
C THR A 25 8.34 -8.37 1.65
N CYS A 26 7.57 -9.38 1.28
CA CYS A 26 7.88 -10.76 1.68
C CYS A 26 8.30 -11.60 0.48
N LYS A 27 7.99 -11.10 -0.72
CA LYS A 27 8.34 -11.81 -1.95
C LYS A 27 7.52 -13.09 -2.09
N SER A 28 6.22 -13.00 -1.83
CA SER A 28 5.34 -14.16 -1.93
C SER A 28 4.18 -13.87 -2.87
N VAL A 29 3.32 -14.87 -3.06
CA VAL A 29 2.16 -14.74 -3.94
C VAL A 29 0.95 -14.26 -3.17
N ILE A 30 0.16 -13.39 -3.79
CA ILE A 30 -1.04 -12.85 -3.17
C ILE A 30 -2.31 -13.47 -3.77
N ASN A 31 -2.74 -14.58 -3.20
CA ASN A 31 -3.93 -15.28 -3.68
C ASN A 31 -5.13 -14.33 -3.71
N LYS A 32 -5.84 -14.33 -4.83
CA LYS A 32 -7.01 -13.47 -4.99
C LYS A 32 -7.97 -13.63 -3.82
N GLU A 33 -8.88 -12.69 -3.67
CA GLU A 33 -9.85 -12.72 -2.58
C GLU A 33 -9.20 -12.37 -1.25
N ASN A 34 -8.09 -11.64 -1.31
CA ASN A 34 -7.37 -11.24 -0.11
C ASN A 34 -7.12 -9.74 -0.09
N PHE A 35 -7.13 -9.16 1.10
CA PHE A 35 -6.90 -7.73 1.26
C PHE A 35 -5.42 -7.38 1.13
N ARG A 36 -5.08 -6.66 0.06
CA ARG A 36 -3.69 -6.27 -0.18
C ARG A 36 -3.56 -4.75 -0.22
N LEU A 37 -2.33 -4.28 -0.42
CA LEU A 37 -2.06 -2.84 -0.49
C LEU A 37 -1.10 -2.52 -1.62
N GLY A 38 -1.43 -1.50 -2.40
CA GLY A 38 -0.59 -1.11 -3.52
C GLY A 38 -0.05 0.31 -3.35
N LYS A 39 1.27 0.42 -3.18
CA LYS A 39 1.91 1.72 -3.02
C LYS A 39 2.17 2.37 -4.38
N LEU A 40 1.29 3.28 -4.77
CA LEU A 40 1.43 3.98 -6.05
C LEU A 40 2.58 4.98 -6.00
N VAL A 41 3.61 4.74 -6.80
CA VAL A 41 4.77 5.61 -6.85
C VAL A 41 5.02 6.11 -8.27
N GLN A 42 5.44 7.37 -8.39
CA GLN A 42 5.71 7.97 -9.69
C GLN A 42 7.19 8.35 -9.81
N SER A 43 7.90 7.68 -10.69
CA SER A 43 9.32 7.96 -10.90
C SER A 43 9.52 8.92 -12.06
N THR A 44 8.65 9.93 -12.15
CA THR A 44 8.74 10.91 -13.21
C THR A 44 9.23 10.29 -14.51
N HIS A 45 8.78 9.08 -14.79
CA HIS A 45 9.19 8.38 -16.00
C HIS A 45 8.18 8.66 -17.11
N PHE A 46 7.02 8.02 -16.99
CA PHE A 46 5.95 8.18 -17.98
C PHE A 46 4.67 7.49 -17.51
N ASP A 47 3.61 7.61 -18.31
CA ASP A 47 2.34 6.98 -17.98
C ASP A 47 2.50 5.48 -17.79
N GLY A 48 2.01 4.98 -16.66
CA GLY A 48 2.11 3.56 -16.37
C GLY A 48 2.60 3.29 -14.96
N ILE A 49 2.12 4.08 -14.01
CA ILE A 49 2.51 3.92 -12.62
C ILE A 49 2.68 2.45 -12.26
N MET A 50 3.59 2.17 -11.32
CA MET A 50 3.85 0.81 -10.88
C MET A 50 3.36 0.59 -9.46
N PRO A 51 2.15 0.05 -9.32
CA PRO A 51 1.53 -0.24 -8.02
C PRO A 51 2.24 -1.37 -7.29
N MET A 52 3.01 -1.02 -6.26
CA MET A 52 3.73 -2.01 -5.48
C MET A 52 2.77 -2.86 -4.66
N TRP A 53 2.42 -4.03 -5.19
CA TRP A 53 1.51 -4.94 -4.50
C TRP A 53 2.18 -5.59 -3.30
N ASN A 54 1.57 -5.43 -2.13
CA ASN A 54 2.11 -6.00 -0.90
C ASN A 54 0.99 -6.35 0.07
N HIS A 55 1.08 -7.53 0.66
CA HIS A 55 0.07 -7.97 1.62
C HIS A 55 -0.23 -6.84 2.61
N ALA A 56 -1.51 -6.67 2.90
CA ALA A 56 -1.96 -5.65 3.83
C ALA A 56 -1.30 -5.82 5.20
N SER A 57 -0.79 -7.02 5.45
CA SER A 57 -0.13 -7.32 6.73
C SER A 57 1.37 -7.14 6.62
N CYS A 58 1.88 -7.12 5.40
CA CYS A 58 3.30 -6.93 5.16
C CYS A 58 3.70 -5.47 5.24
N ILE A 59 2.77 -4.59 4.87
CA ILE A 59 3.02 -3.16 4.90
C ILE A 59 2.79 -2.59 6.30
N LEU A 60 1.61 -2.86 6.86
CA LEU A 60 1.27 -2.39 8.19
C LEU A 60 2.36 -2.76 9.20
N LYS A 61 2.92 -3.95 9.04
CA LYS A 61 3.97 -4.43 9.93
C LYS A 61 5.23 -3.57 9.79
N LYS A 62 5.35 -2.87 8.67
CA LYS A 62 6.50 -2.01 8.42
C LYS A 62 6.25 -0.60 8.97
N THR A 63 7.24 0.28 8.79
CA THR A 63 7.14 1.65 9.27
C THR A 63 7.21 2.64 8.11
N LYS A 64 6.75 3.87 8.36
CA LYS A 64 6.77 4.91 7.35
C LYS A 64 6.17 4.40 6.04
N GLN A 65 5.00 3.77 6.12
CA GLN A 65 4.32 3.24 4.96
C GLN A 65 3.13 4.11 4.58
N ILE A 66 2.24 4.33 5.54
CA ILE A 66 1.04 5.13 5.31
C ILE A 66 0.92 6.24 6.36
N LYS A 67 0.47 7.41 5.93
CA LYS A 67 0.30 8.55 6.82
C LYS A 67 -1.07 8.52 7.48
N SER A 68 -2.11 8.31 6.66
CA SER A 68 -3.47 8.27 7.16
C SER A 68 -4.39 7.52 6.19
N VAL A 69 -5.47 6.96 6.73
CA VAL A 69 -6.42 6.21 5.92
C VAL A 69 -6.91 7.05 4.73
N ASP A 70 -6.96 8.36 4.93
CA ASP A 70 -7.41 9.27 3.88
C ASP A 70 -6.53 9.15 2.64
N ASP A 71 -5.29 8.71 2.84
CA ASP A 71 -4.35 8.56 1.74
C ASP A 71 -4.61 7.25 0.99
N VAL A 72 -5.23 6.29 1.67
CA VAL A 72 -5.52 5.00 1.07
C VAL A 72 -6.82 5.07 0.25
N GLU A 73 -6.78 4.48 -0.94
CA GLU A 73 -7.95 4.47 -1.82
C GLU A 73 -8.72 3.17 -1.69
N GLY A 74 -10.01 3.21 -2.00
CA GLY A 74 -10.84 2.03 -1.90
C GLY A 74 -10.76 1.37 -0.53
N ILE A 75 -10.34 2.14 0.46
CA ILE A 75 -10.22 1.62 1.82
C ILE A 75 -11.60 1.49 2.48
N GLU A 76 -12.58 2.20 1.94
CA GLU A 76 -13.94 2.15 2.46
C GLU A 76 -14.66 0.89 2.00
N SER A 77 -14.10 0.22 1.01
CA SER A 77 -14.69 -1.00 0.46
C SER A 77 -14.19 -2.23 1.22
N LEU A 78 -13.06 -2.07 1.90
CA LEU A 78 -12.47 -3.16 2.67
C LEU A 78 -13.34 -3.52 3.87
N ARG A 79 -13.19 -4.75 4.36
CA ARG A 79 -13.96 -5.22 5.50
C ARG A 79 -13.62 -4.41 6.75
N TRP A 80 -14.62 -4.17 7.59
CA TRP A 80 -14.43 -3.42 8.82
C TRP A 80 -13.08 -3.74 9.46
N GLU A 81 -12.87 -5.01 9.77
CA GLU A 81 -11.63 -5.45 10.38
C GLU A 81 -10.42 -4.91 9.62
N ASP A 82 -10.51 -4.95 8.29
CA ASP A 82 -9.43 -4.46 7.45
C ASP A 82 -9.23 -2.96 7.62
N GLN A 83 -10.31 -2.20 7.43
CA GLN A 83 -10.25 -0.75 7.57
C GLN A 83 -9.62 -0.36 8.90
N GLN A 84 -9.83 -1.17 9.92
CA GLN A 84 -9.29 -0.91 11.24
C GLN A 84 -7.77 -1.07 11.25
N LYS A 85 -7.30 -2.09 10.54
CA LYS A 85 -5.87 -2.36 10.46
C LYS A 85 -5.11 -1.15 9.92
N ILE A 86 -5.80 -0.30 9.17
CA ILE A 86 -5.20 0.90 8.60
C ILE A 86 -5.19 2.03 9.61
N ARG A 87 -6.38 2.49 9.99
CA ARG A 87 -6.51 3.58 10.95
C ARG A 87 -5.75 3.27 12.23
N LYS A 88 -5.81 2.02 12.66
CA LYS A 88 -5.12 1.59 13.88
C LYS A 88 -3.62 1.51 13.63
N TYR A 89 -3.18 1.88 12.43
CA TYR A 89 -1.77 1.84 12.09
C TYR A 89 -1.24 3.24 11.81
N VAL A 90 -2.07 4.07 11.22
CA VAL A 90 -1.70 5.44 10.89
C VAL A 90 -1.79 6.35 12.12
N GLU A 91 -2.67 5.97 13.05
CA GLU A 91 -2.86 6.75 14.27
C GLU A 91 -1.77 6.44 15.29
N SER A 92 -1.55 5.15 15.55
CA SER A 92 -0.55 4.72 16.51
C SER A 92 0.85 4.76 15.88
N GLY A 93 1.86 4.49 16.69
CA GLY A 93 3.23 4.51 16.20
C GLY A 93 3.44 3.54 15.05
N ALA A 94 3.70 4.09 13.87
CA ALA A 94 3.93 3.27 12.68
C ALA A 94 4.88 2.11 12.98
N GLY A 95 4.52 0.91 12.52
CA GLY A 95 5.35 -0.24 12.75
C GLY A 95 5.45 -0.62 14.22
N SER A 96 4.40 -1.27 14.73
CA SER A 96 4.37 -1.68 16.13
C SER A 96 5.71 -2.25 16.56
N ASN A 97 6.13 -3.33 15.90
CA ASN A 97 7.39 -3.98 16.23
C ASN A 97 8.46 -3.63 15.20
N THR A 98 9.72 -3.81 15.57
CA THR A 98 10.84 -3.51 14.68
C THR A 98 10.50 -3.87 13.23
N SER A 99 10.89 -3.01 12.31
CA SER A 99 10.63 -3.24 10.89
C SER A 99 11.92 -3.53 10.14
N THR A 100 12.32 -4.80 10.11
CA THR A 100 13.53 -5.21 9.42
C THR A 100 13.22 -5.87 8.09
N SER A 101 13.14 -5.04 7.04
CA SER A 101 12.84 -5.55 5.70
C SER A 101 13.63 -4.77 4.64
N THR A 102 14.51 -5.48 3.95
CA THR A 102 15.34 -4.86 2.91
C THR A 102 14.78 -5.16 1.53
N GLY A 103 14.38 -4.12 0.81
CA GLY A 103 13.83 -4.30 -0.51
C GLY A 103 14.24 -3.18 -1.47
N THR A 104 13.91 -3.34 -2.75
CA THR A 104 14.25 -2.34 -3.75
C THR A 104 13.32 -2.44 -4.95
N SER A 105 13.11 -1.31 -5.62
CA SER A 105 12.22 -1.26 -6.78
C SER A 105 12.99 -1.67 -8.04
N THR A 106 12.24 -2.11 -9.06
CA THR A 106 12.84 -2.53 -10.32
C THR A 106 12.95 -1.35 -11.29
N SER A 107 11.91 -0.54 -11.35
CA SER A 107 11.89 0.62 -12.23
C SER A 107 11.95 0.18 -13.69
N SER A 108 11.01 -0.68 -14.08
CA SER A 108 10.97 -1.18 -15.45
C SER A 108 9.59 -0.94 -16.07
N SER A 109 9.58 -0.44 -17.29
CA SER A 109 8.33 -0.16 -17.99
C SER A 109 7.57 -1.44 -18.30
N GLY A 110 8.30 -2.56 -18.32
CA GLY A 110 7.68 -3.84 -18.59
C GLY A 110 6.56 -3.74 -19.60
N PRO A 111 5.59 -4.67 -19.50
CA PRO A 111 4.44 -4.69 -20.41
C PRO A 111 3.48 -3.53 -20.17
N SER A 112 2.96 -2.97 -21.26
CA SER A 112 2.03 -1.85 -21.17
C SER A 112 1.14 -1.97 -19.94
N SER A 113 0.55 -3.14 -19.76
CA SER A 113 -0.34 -3.39 -18.63
C SER A 113 0.30 -2.89 -17.33
N GLY A 114 1.54 -3.29 -17.10
CA GLY A 114 2.24 -2.88 -15.89
C GLY A 114 1.38 -3.00 -14.66
N GLY A 1 -0.57 14.41 -16.15
CA GLY A 1 -1.92 13.86 -16.28
C GLY A 1 -2.99 14.94 -16.23
N SER A 2 -4.20 14.54 -15.86
CA SER A 2 -5.32 15.48 -15.78
C SER A 2 -4.89 16.77 -15.08
N SER A 3 -4.81 17.85 -15.85
CA SER A 3 -4.41 19.15 -15.31
C SER A 3 -5.61 19.87 -14.70
N GLY A 4 -6.42 19.13 -13.96
CA GLY A 4 -7.59 19.71 -13.32
C GLY A 4 -7.49 19.71 -11.80
N SER A 5 -8.54 19.23 -11.15
CA SER A 5 -8.58 19.17 -9.69
C SER A 5 -8.75 17.74 -9.21
N SER A 6 -7.64 17.06 -8.97
CA SER A 6 -7.66 15.68 -8.51
C SER A 6 -6.31 15.27 -7.94
N GLY A 7 -6.33 14.66 -6.76
CA GLY A 7 -5.10 14.22 -6.12
C GLY A 7 -5.06 12.72 -5.91
N HIS A 8 -4.38 12.02 -6.80
CA HIS A 8 -4.28 10.57 -6.69
C HIS A 8 -3.76 10.20 -5.30
N LYS A 9 -4.24 9.06 -4.81
CA LYS A 9 -3.83 8.56 -3.50
C LYS A 9 -2.55 7.76 -3.58
N PRO A 10 -1.70 7.88 -2.55
CA PRO A 10 -0.41 7.18 -2.49
C PRO A 10 -0.59 5.67 -2.30
N TRP A 11 -1.63 5.30 -1.55
CA TRP A 11 -1.91 3.89 -1.28
C TRP A 11 -3.29 3.50 -1.81
N ARG A 12 -3.42 2.26 -2.23
CA ARG A 12 -4.69 1.76 -2.76
C ARG A 12 -5.16 0.54 -1.97
N ALA A 13 -6.48 0.34 -1.94
CA ALA A 13 -7.07 -0.79 -1.22
C ALA A 13 -8.10 -1.51 -2.08
N GLU A 14 -7.89 -2.81 -2.28
CA GLU A 14 -8.80 -3.62 -3.09
C GLU A 14 -8.43 -5.09 -3.01
N TYR A 15 -9.44 -5.95 -3.09
CA TYR A 15 -9.24 -7.39 -3.02
C TYR A 15 -8.74 -7.93 -4.36
N ALA A 16 -7.66 -8.71 -4.32
CA ALA A 16 -7.09 -9.29 -5.52
C ALA A 16 -8.13 -10.10 -6.29
N LYS A 17 -7.96 -10.20 -7.60
CA LYS A 17 -8.88 -10.95 -8.44
C LYS A 17 -8.23 -12.22 -8.96
N SER A 18 -6.93 -12.35 -8.75
CA SER A 18 -6.18 -13.52 -9.20
C SER A 18 -4.94 -13.75 -8.34
N SER A 19 -4.38 -14.95 -8.44
CA SER A 19 -3.20 -15.29 -7.66
C SER A 19 -1.94 -15.19 -8.51
N ARG A 20 -1.94 -14.24 -9.45
CA ARG A 20 -0.80 -14.05 -10.33
C ARG A 20 0.21 -13.09 -9.70
N SER A 21 -0.29 -12.04 -9.05
CA SER A 21 0.57 -11.05 -8.42
C SER A 21 1.37 -11.68 -7.29
N SER A 22 2.44 -10.99 -6.88
CA SER A 22 3.30 -11.50 -5.81
C SER A 22 3.84 -10.34 -4.97
N CYS A 23 3.76 -10.49 -3.66
CA CYS A 23 4.23 -9.46 -2.73
C CYS A 23 5.72 -9.18 -2.96
N LYS A 24 6.17 -8.03 -2.49
CA LYS A 24 7.57 -7.63 -2.63
C LYS A 24 8.28 -7.65 -1.28
N THR A 25 7.52 -7.48 -0.21
CA THR A 25 8.07 -7.49 1.14
C THR A 25 8.43 -8.90 1.59
N CYS A 26 7.71 -9.88 1.05
CA CYS A 26 7.95 -11.28 1.40
C CYS A 26 8.22 -12.11 0.14
N LYS A 27 8.02 -11.49 -1.02
CA LYS A 27 8.25 -12.17 -2.29
C LYS A 27 7.37 -13.42 -2.40
N SER A 28 6.13 -13.31 -1.93
CA SER A 28 5.20 -14.43 -1.98
C SER A 28 4.05 -14.14 -2.93
N VAL A 29 3.18 -15.14 -3.13
CA VAL A 29 2.04 -14.98 -4.03
C VAL A 29 0.83 -14.43 -3.28
N ILE A 30 0.13 -13.51 -3.91
CA ILE A 30 -1.05 -12.90 -3.32
C ILE A 30 -2.33 -13.47 -3.93
N ASN A 31 -2.84 -14.55 -3.33
CA ASN A 31 -4.05 -15.19 -3.81
C ASN A 31 -5.21 -14.21 -3.83
N LYS A 32 -6.13 -14.40 -4.78
CA LYS A 32 -7.30 -13.53 -4.89
C LYS A 32 -8.18 -13.63 -3.65
N GLU A 33 -9.05 -12.65 -3.48
CA GLU A 33 -9.96 -12.62 -2.33
C GLU A 33 -9.19 -12.29 -1.05
N ASN A 34 -8.07 -11.59 -1.20
CA ASN A 34 -7.25 -11.20 -0.05
C ASN A 34 -7.06 -9.69 -0.02
N PHE A 35 -7.00 -9.14 1.19
CA PHE A 35 -6.82 -7.71 1.37
C PHE A 35 -5.35 -7.33 1.25
N ARG A 36 -4.99 -6.73 0.11
CA ARG A 36 -3.61 -6.32 -0.13
C ARG A 36 -3.50 -4.81 -0.23
N LEU A 37 -2.29 -4.31 -0.49
CA LEU A 37 -2.05 -2.88 -0.61
C LEU A 37 -1.07 -2.59 -1.74
N GLY A 38 -1.36 -1.54 -2.52
CA GLY A 38 -0.48 -1.17 -3.61
C GLY A 38 0.02 0.25 -3.50
N LYS A 39 1.30 0.40 -3.14
CA LYS A 39 1.90 1.72 -2.98
C LYS A 39 2.18 2.34 -4.35
N LEU A 40 1.40 3.35 -4.71
CA LEU A 40 1.57 4.03 -5.99
C LEU A 40 2.70 5.05 -5.91
N VAL A 41 3.74 4.83 -6.71
CA VAL A 41 4.89 5.73 -6.74
C VAL A 41 5.12 6.27 -8.15
N GLN A 42 5.51 7.55 -8.22
CA GLN A 42 5.77 8.19 -9.51
C GLN A 42 7.21 7.97 -9.94
N SER A 43 7.39 7.33 -11.09
CA SER A 43 8.73 7.06 -11.61
C SER A 43 8.91 7.70 -12.99
N THR A 44 10.16 7.71 -13.46
CA THR A 44 10.47 8.28 -14.76
C THR A 44 9.50 7.79 -15.83
N HIS A 45 9.24 6.48 -15.83
CA HIS A 45 8.33 5.91 -16.80
C HIS A 45 6.95 6.54 -16.66
N PHE A 46 6.74 7.57 -17.49
CA PHE A 46 5.47 8.28 -17.48
C PHE A 46 4.37 7.47 -18.15
N ASP A 47 3.12 7.75 -17.79
CA ASP A 47 1.98 7.04 -18.35
C ASP A 47 2.08 5.54 -18.07
N GLY A 48 2.52 5.19 -16.86
CA GLY A 48 2.65 3.80 -16.49
C GLY A 48 3.19 3.62 -15.08
N ILE A 49 2.35 3.91 -14.09
CA ILE A 49 2.75 3.78 -12.70
C ILE A 49 2.88 2.32 -12.30
N MET A 50 3.87 2.03 -11.45
CA MET A 50 4.11 0.67 -10.98
C MET A 50 3.56 0.48 -9.58
N PRO A 51 2.36 -0.13 -9.49
CA PRO A 51 1.70 -0.39 -8.21
C PRO A 51 2.42 -1.47 -7.40
N MET A 52 3.17 -1.04 -6.40
CA MET A 52 3.91 -1.96 -5.54
C MET A 52 2.96 -2.83 -4.73
N TRP A 53 2.68 -4.03 -5.22
CA TRP A 53 1.78 -4.95 -4.53
C TRP A 53 2.44 -5.53 -3.29
N ASN A 54 1.73 -5.45 -2.16
CA ASN A 54 2.25 -5.97 -0.90
C ASN A 54 1.11 -6.30 0.06
N HIS A 55 1.15 -7.49 0.62
CA HIS A 55 0.12 -7.92 1.56
C HIS A 55 -0.18 -6.78 2.54
N ALA A 56 -1.46 -6.56 2.80
CA ALA A 56 -1.89 -5.53 3.71
C ALA A 56 -1.25 -5.70 5.09
N SER A 57 -0.71 -6.89 5.33
CA SER A 57 -0.07 -7.19 6.61
C SER A 57 1.45 -7.03 6.50
N CYS A 58 1.95 -7.08 5.27
CA CYS A 58 3.38 -6.95 5.02
C CYS A 58 3.81 -5.48 5.07
N ILE A 59 2.86 -4.58 4.83
CA ILE A 59 3.14 -3.16 4.84
C ILE A 59 2.92 -2.57 6.23
N LEU A 60 1.82 -2.95 6.85
CA LEU A 60 1.49 -2.46 8.19
C LEU A 60 2.59 -2.80 9.18
N LYS A 61 3.23 -3.94 8.99
CA LYS A 61 4.31 -4.38 9.87
C LYS A 61 5.49 -3.41 9.80
N LYS A 62 5.59 -2.68 8.69
CA LYS A 62 6.67 -1.72 8.51
C LYS A 62 6.29 -0.36 9.10
N THR A 63 7.19 0.61 8.97
CA THR A 63 6.95 1.94 9.49
C THR A 63 7.00 2.99 8.38
N LYS A 64 6.50 4.18 8.66
CA LYS A 64 6.49 5.26 7.68
C LYS A 64 5.99 4.77 6.34
N GLN A 65 4.86 4.07 6.35
CA GLN A 65 4.28 3.53 5.12
C GLN A 65 3.06 4.36 4.70
N ILE A 66 2.14 4.59 5.64
CA ILE A 66 0.95 5.37 5.36
C ILE A 66 0.80 6.52 6.35
N LYS A 67 0.27 7.64 5.86
CA LYS A 67 0.08 8.82 6.71
C LYS A 67 -1.28 8.76 7.42
N SER A 68 -2.32 8.42 6.66
CA SER A 68 -3.67 8.33 7.23
C SER A 68 -4.60 7.58 6.28
N VAL A 69 -5.65 6.99 6.83
CA VAL A 69 -6.62 6.25 6.05
C VAL A 69 -7.08 7.05 4.84
N ASP A 70 -7.16 8.37 5.00
CA ASP A 70 -7.58 9.26 3.93
C ASP A 70 -6.68 9.10 2.71
N ASP A 71 -5.41 8.78 2.95
CA ASP A 71 -4.45 8.60 1.88
C ASP A 71 -4.69 7.28 1.14
N VAL A 72 -5.35 6.34 1.81
CA VAL A 72 -5.66 5.04 1.23
C VAL A 72 -6.94 5.10 0.42
N GLU A 73 -6.89 4.58 -0.81
CA GLU A 73 -8.04 4.57 -1.69
C GLU A 73 -8.82 3.26 -1.54
N GLY A 74 -10.04 3.24 -2.07
CA GLY A 74 -10.87 2.04 -1.99
C GLY A 74 -10.80 1.38 -0.63
N ILE A 75 -10.47 2.17 0.39
CA ILE A 75 -10.36 1.65 1.74
C ILE A 75 -11.74 1.41 2.35
N GLU A 76 -12.74 2.12 1.84
CA GLU A 76 -14.11 1.98 2.32
C GLU A 76 -14.73 0.68 1.83
N SER A 77 -14.05 0.03 0.89
CA SER A 77 -14.54 -1.23 0.32
C SER A 77 -14.01 -2.42 1.11
N LEU A 78 -12.95 -2.19 1.89
CA LEU A 78 -12.34 -3.24 2.68
C LEU A 78 -13.24 -3.62 3.86
N ARG A 79 -13.04 -4.82 4.39
CA ARG A 79 -13.82 -5.29 5.53
C ARG A 79 -13.51 -4.50 6.79
N TRP A 80 -14.51 -4.32 7.63
CA TRP A 80 -14.34 -3.57 8.87
C TRP A 80 -12.97 -3.85 9.49
N GLU A 81 -12.71 -5.12 9.80
CA GLU A 81 -11.44 -5.51 10.39
C GLU A 81 -10.27 -4.91 9.63
N ASP A 82 -10.38 -4.91 8.29
CA ASP A 82 -9.33 -4.38 7.44
C ASP A 82 -9.20 -2.87 7.63
N GLN A 83 -10.31 -2.16 7.46
CA GLN A 83 -10.33 -0.71 7.62
C GLN A 83 -9.75 -0.29 8.96
N GLN A 84 -9.86 -1.18 9.95
CA GLN A 84 -9.35 -0.91 11.29
C GLN A 84 -7.84 -1.02 11.32
N LYS A 85 -7.30 -1.99 10.60
CA LYS A 85 -5.87 -2.21 10.54
C LYS A 85 -5.15 -0.99 10.00
N ILE A 86 -5.87 -0.18 9.23
CA ILE A 86 -5.29 1.03 8.65
C ILE A 86 -5.27 2.17 9.67
N ARG A 87 -6.45 2.63 10.05
CA ARG A 87 -6.57 3.72 11.02
C ARG A 87 -5.79 3.40 12.29
N LYS A 88 -5.88 2.14 12.74
CA LYS A 88 -5.18 1.71 13.93
C LYS A 88 -3.68 1.62 13.69
N TYR A 89 -3.26 1.97 12.48
CA TYR A 89 -1.84 1.92 12.12
C TYR A 89 -1.31 3.33 11.84
N VAL A 90 -2.15 4.16 11.22
CA VAL A 90 -1.77 5.53 10.89
C VAL A 90 -1.88 6.44 12.11
N GLU A 91 -2.67 6.01 13.09
CA GLU A 91 -2.87 6.79 14.30
C GLU A 91 -1.83 6.41 15.36
N SER A 92 -1.70 5.11 15.61
CA SER A 92 -0.75 4.63 16.60
C SER A 92 0.58 4.25 15.95
N GLY A 93 1.50 3.71 16.74
CA GLY A 93 2.80 3.33 16.22
C GLY A 93 2.69 2.31 15.10
N ALA A 94 3.18 2.68 13.92
CA ALA A 94 3.13 1.79 12.77
C ALA A 94 3.74 0.43 13.09
N GLY A 95 4.88 0.44 13.78
CA GLY A 95 5.54 -0.80 14.14
C GLY A 95 6.59 -0.60 15.23
N SER A 96 7.72 -1.28 15.08
CA SER A 96 8.80 -1.19 16.06
C SER A 96 10.16 -1.32 15.38
N ASN A 97 11.21 -0.98 16.11
CA ASN A 97 12.57 -1.06 15.57
C ASN A 97 12.79 -2.38 14.84
N THR A 98 13.17 -2.29 13.57
CA THR A 98 13.41 -3.47 12.75
C THR A 98 14.76 -3.37 12.03
N SER A 99 15.44 -4.51 11.91
CA SER A 99 16.74 -4.55 11.24
C SER A 99 16.56 -4.79 9.74
N THR A 100 16.38 -3.70 8.99
CA THR A 100 16.20 -3.78 7.55
C THR A 100 17.09 -4.87 6.95
N SER A 101 16.52 -5.64 6.03
CA SER A 101 17.26 -6.72 5.38
C SER A 101 17.57 -6.36 3.93
N THR A 102 18.79 -5.90 3.68
CA THR A 102 19.22 -5.52 2.34
C THR A 102 19.71 -6.74 1.56
N GLY A 103 18.82 -7.30 0.74
CA GLY A 103 19.19 -8.46 -0.05
C GLY A 103 18.97 -8.24 -1.53
N THR A 104 18.67 -9.32 -2.25
CA THR A 104 18.44 -9.25 -3.69
C THR A 104 17.18 -10.01 -4.08
N SER A 105 16.25 -9.30 -4.71
CA SER A 105 14.99 -9.91 -5.15
C SER A 105 14.93 -10.03 -6.67
N THR A 106 13.87 -10.66 -7.16
CA THR A 106 13.70 -10.83 -8.60
C THR A 106 12.44 -10.15 -9.09
N SER A 107 12.57 -8.88 -9.47
CA SER A 107 11.43 -8.10 -9.96
C SER A 107 10.81 -8.76 -11.20
N SER A 108 9.62 -8.31 -11.57
CA SER A 108 8.92 -8.85 -12.72
C SER A 108 8.98 -7.89 -13.90
N SER A 109 8.67 -8.39 -15.09
CA SER A 109 8.70 -7.58 -16.30
C SER A 109 7.30 -7.47 -16.92
N GLY A 110 6.76 -6.26 -16.91
CA GLY A 110 5.43 -6.05 -17.47
C GLY A 110 4.33 -6.28 -16.47
N PRO A 111 3.97 -5.23 -15.72
CA PRO A 111 2.92 -5.30 -14.69
C PRO A 111 1.53 -5.47 -15.31
N SER A 112 0.65 -6.14 -14.57
CA SER A 112 -0.71 -6.38 -15.04
C SER A 112 -1.64 -5.25 -14.62
N SER A 113 -2.31 -4.65 -15.60
CA SER A 113 -3.22 -3.54 -15.34
C SER A 113 -4.23 -3.91 -14.24
N GLY A 114 -4.59 -2.93 -13.42
CA GLY A 114 -5.52 -3.16 -12.35
C GLY A 114 -6.97 -3.17 -12.83
N GLY A 1 -2.92 10.58 -14.87
CA GLY A 1 -2.03 10.54 -16.01
C GLY A 1 -2.33 11.63 -17.03
N SER A 2 -1.82 11.46 -18.24
CA SER A 2 -2.04 12.44 -19.30
C SER A 2 -1.85 13.86 -18.77
N SER A 3 -0.82 14.05 -17.95
CA SER A 3 -0.53 15.36 -17.37
C SER A 3 -1.80 15.99 -16.80
N GLY A 4 -2.60 15.18 -16.13
CA GLY A 4 -3.84 15.68 -15.55
C GLY A 4 -3.63 16.30 -14.18
N SER A 5 -4.60 17.09 -13.73
CA SER A 5 -4.51 17.75 -12.43
C SER A 5 -5.42 17.07 -11.42
N SER A 6 -4.83 16.27 -10.54
CA SER A 6 -5.59 15.55 -9.52
C SER A 6 -4.66 15.10 -8.39
N GLY A 7 -5.27 14.78 -7.25
CA GLY A 7 -4.49 14.33 -6.10
C GLY A 7 -4.60 12.84 -5.87
N HIS A 8 -4.18 12.06 -6.86
CA HIS A 8 -4.24 10.61 -6.75
C HIS A 8 -3.65 10.18 -5.40
N LYS A 9 -4.35 9.26 -4.76
CA LYS A 9 -3.92 8.74 -3.47
C LYS A 9 -2.63 7.95 -3.60
N PRO A 10 -1.76 8.06 -2.60
CA PRO A 10 -0.46 7.36 -2.58
C PRO A 10 -0.62 5.86 -2.39
N TRP A 11 -1.62 5.47 -1.60
CA TRP A 11 -1.87 4.06 -1.34
C TRP A 11 -3.26 3.65 -1.83
N ARG A 12 -3.42 2.39 -2.19
CA ARG A 12 -4.70 1.88 -2.68
C ARG A 12 -5.12 0.64 -1.89
N ALA A 13 -6.42 0.40 -1.85
CA ALA A 13 -6.96 -0.76 -1.14
C ALA A 13 -8.01 -1.48 -1.97
N GLU A 14 -7.80 -2.77 -2.19
CA GLU A 14 -8.73 -3.58 -2.97
C GLU A 14 -8.35 -5.05 -2.92
N TYR A 15 -9.35 -5.92 -2.97
CA TYR A 15 -9.12 -7.36 -2.93
C TYR A 15 -8.65 -7.87 -4.28
N ALA A 16 -7.51 -8.56 -4.29
CA ALA A 16 -6.95 -9.10 -5.52
C ALA A 16 -7.93 -10.04 -6.21
N LYS A 17 -8.02 -9.95 -7.52
CA LYS A 17 -8.92 -10.79 -8.29
C LYS A 17 -8.15 -11.88 -9.04
N SER A 18 -7.06 -12.34 -8.44
CA SER A 18 -6.23 -13.37 -9.05
C SER A 18 -5.10 -13.80 -8.11
N SER A 19 -4.28 -14.72 -8.57
CA SER A 19 -3.16 -15.22 -7.76
C SER A 19 -1.85 -15.14 -8.54
N ARG A 20 -1.80 -14.23 -9.51
CA ARG A 20 -0.60 -14.05 -10.33
C ARG A 20 0.38 -13.10 -9.65
N SER A 21 -0.14 -12.01 -9.10
CA SER A 21 0.69 -11.02 -8.43
C SER A 21 1.37 -11.62 -7.20
N SER A 22 2.57 -11.15 -6.90
CA SER A 22 3.32 -11.65 -5.75
C SER A 22 3.89 -10.49 -4.93
N CYS A 23 3.72 -10.57 -3.62
CA CYS A 23 4.22 -9.54 -2.72
C CYS A 23 5.70 -9.29 -2.94
N LYS A 24 6.18 -8.12 -2.50
CA LYS A 24 7.58 -7.77 -2.65
C LYS A 24 8.30 -7.80 -1.30
N THR A 25 7.57 -7.47 -0.25
CA THR A 25 8.13 -7.45 1.10
C THR A 25 8.52 -8.87 1.54
N CYS A 26 7.67 -9.83 1.23
CA CYS A 26 7.93 -11.22 1.59
C CYS A 26 8.27 -12.05 0.36
N LYS A 27 7.95 -11.53 -0.82
CA LYS A 27 8.23 -12.21 -2.07
C LYS A 27 7.38 -13.47 -2.19
N SER A 28 6.10 -13.35 -1.88
CA SER A 28 5.18 -14.48 -1.96
C SER A 28 4.02 -14.18 -2.90
N VAL A 29 3.18 -15.18 -3.14
CA VAL A 29 2.04 -15.03 -4.02
C VAL A 29 0.83 -14.48 -3.26
N ILE A 30 0.10 -13.56 -3.89
CA ILE A 30 -1.07 -12.96 -3.27
C ILE A 30 -2.36 -13.56 -3.85
N ASN A 31 -2.83 -14.64 -3.24
CA ASN A 31 -4.04 -15.30 -3.68
C ASN A 31 -5.21 -14.31 -3.72
N LYS A 32 -6.06 -14.45 -4.75
CA LYS A 32 -7.21 -13.59 -4.90
C LYS A 32 -8.13 -13.67 -3.68
N GLU A 33 -8.96 -12.64 -3.50
CA GLU A 33 -9.88 -12.59 -2.38
C GLU A 33 -9.14 -12.26 -1.08
N ASN A 34 -8.03 -11.53 -1.21
CA ASN A 34 -7.24 -11.15 -0.05
C ASN A 34 -7.02 -9.64 -0.02
N PHE A 35 -7.00 -9.08 1.19
CA PHE A 35 -6.80 -7.64 1.35
C PHE A 35 -5.32 -7.27 1.23
N ARG A 36 -4.97 -6.61 0.14
CA ARG A 36 -3.60 -6.20 -0.10
C ARG A 36 -3.48 -4.68 -0.19
N LEU A 37 -2.28 -4.19 -0.48
CA LEU A 37 -2.05 -2.76 -0.59
C LEU A 37 -1.05 -2.47 -1.72
N GLY A 38 -1.34 -1.44 -2.51
CA GLY A 38 -0.47 -1.07 -3.61
C GLY A 38 0.03 0.36 -3.50
N LYS A 39 1.35 0.52 -3.48
CA LYS A 39 1.95 1.84 -3.37
C LYS A 39 2.03 2.52 -4.74
N LEU A 40 1.11 3.42 -5.01
CA LEU A 40 1.08 4.13 -6.28
C LEU A 40 2.26 5.08 -6.40
N VAL A 41 3.23 4.71 -7.23
CA VAL A 41 4.42 5.54 -7.43
C VAL A 41 4.41 6.18 -8.82
N GLN A 42 4.29 7.50 -8.84
CA GLN A 42 4.27 8.25 -10.10
C GLN A 42 5.68 8.62 -10.53
N SER A 43 6.25 7.83 -11.44
CA SER A 43 7.59 8.08 -11.94
C SER A 43 7.61 9.30 -12.85
N THR A 44 8.73 10.03 -12.82
CA THR A 44 8.89 11.22 -13.65
C THR A 44 8.44 10.96 -15.09
N HIS A 45 8.85 9.82 -15.62
CA HIS A 45 8.49 9.46 -16.98
C HIS A 45 7.04 8.99 -17.02
N PHE A 46 6.52 8.86 -18.24
CA PHE A 46 5.14 8.41 -18.44
C PHE A 46 5.06 6.89 -18.45
N ASP A 47 5.84 6.25 -17.58
CA ASP A 47 5.85 4.80 -17.48
C ASP A 47 4.64 4.29 -16.69
N GLY A 48 3.47 4.82 -17.01
CA GLY A 48 2.26 4.42 -16.33
C GLY A 48 2.39 4.47 -14.82
N ILE A 49 1.79 3.49 -14.14
CA ILE A 49 1.86 3.43 -12.69
C ILE A 49 2.37 2.07 -12.23
N MET A 50 3.28 2.09 -11.25
CA MET A 50 3.85 0.86 -10.72
C MET A 50 3.31 0.57 -9.32
N PRO A 51 2.11 -0.02 -9.26
CA PRO A 51 1.45 -0.35 -7.99
C PRO A 51 2.16 -1.49 -7.26
N MET A 52 2.99 -1.14 -6.29
CA MET A 52 3.73 -2.14 -5.52
C MET A 52 2.78 -2.99 -4.69
N TRP A 53 2.41 -4.15 -5.22
CA TRP A 53 1.51 -5.06 -4.53
C TRP A 53 2.19 -5.70 -3.33
N ASN A 54 1.63 -5.47 -2.14
CA ASN A 54 2.18 -6.02 -0.91
C ASN A 54 1.08 -6.37 0.08
N HIS A 55 1.15 -7.58 0.62
CA HIS A 55 0.15 -8.02 1.58
C HIS A 55 -0.13 -6.91 2.59
N ALA A 56 -1.41 -6.64 2.81
CA ALA A 56 -1.83 -5.60 3.74
C ALA A 56 -1.14 -5.77 5.09
N SER A 57 -0.66 -6.99 5.36
CA SER A 57 0.00 -7.29 6.61
C SER A 57 1.52 -7.08 6.50
N CYS A 58 2.01 -7.17 5.26
CA CYS A 58 3.44 -7.01 5.01
C CYS A 58 3.83 -5.53 5.06
N ILE A 59 2.85 -4.66 4.81
CA ILE A 59 3.10 -3.22 4.83
C ILE A 59 2.83 -2.64 6.23
N LEU A 60 1.64 -2.91 6.76
CA LEU A 60 1.28 -2.41 8.08
C LEU A 60 2.35 -2.74 9.10
N LYS A 61 3.02 -3.88 8.92
CA LYS A 61 4.07 -4.30 9.83
C LYS A 61 5.25 -3.35 9.77
N LYS A 62 5.48 -2.76 8.60
CA LYS A 62 6.58 -1.83 8.41
C LYS A 62 6.26 -0.47 9.04
N THR A 63 7.15 0.50 8.83
CA THR A 63 6.95 1.84 9.36
C THR A 63 7.09 2.90 8.27
N LYS A 64 6.61 4.10 8.56
CA LYS A 64 6.68 5.20 7.60
C LYS A 64 6.16 4.77 6.24
N GLN A 65 4.97 4.16 6.23
CA GLN A 65 4.36 3.70 4.99
C GLN A 65 3.12 4.54 4.65
N ILE A 66 2.19 4.62 5.59
CA ILE A 66 0.97 5.39 5.39
C ILE A 66 0.82 6.48 6.45
N LYS A 67 0.26 7.61 6.05
CA LYS A 67 0.06 8.73 6.96
C LYS A 67 -1.32 8.65 7.62
N SER A 68 -2.33 8.37 6.80
CA SER A 68 -3.70 8.28 7.31
C SER A 68 -4.59 7.54 6.31
N VAL A 69 -5.67 6.95 6.82
CA VAL A 69 -6.61 6.21 5.97
C VAL A 69 -7.09 7.07 4.81
N ASP A 70 -7.07 8.38 5.01
CA ASP A 70 -7.52 9.31 3.97
C ASP A 70 -6.64 9.19 2.72
N ASP A 71 -5.39 8.81 2.93
CA ASP A 71 -4.44 8.66 1.82
C ASP A 71 -4.67 7.34 1.09
N VAL A 72 -5.34 6.40 1.76
CA VAL A 72 -5.62 5.09 1.19
C VAL A 72 -6.91 5.12 0.37
N GLU A 73 -6.82 4.67 -0.87
CA GLU A 73 -7.99 4.65 -1.76
C GLU A 73 -8.67 3.29 -1.71
N GLY A 74 -9.98 3.28 -1.97
CA GLY A 74 -10.73 2.04 -1.95
C GLY A 74 -10.73 1.39 -0.59
N ILE A 75 -10.28 2.12 0.42
CA ILE A 75 -10.23 1.61 1.78
C ILE A 75 -11.64 1.32 2.31
N GLU A 76 -12.58 2.20 1.97
CA GLU A 76 -13.96 2.05 2.40
C GLU A 76 -14.59 0.79 1.80
N SER A 77 -13.86 0.17 0.88
CA SER A 77 -14.35 -1.04 0.22
C SER A 77 -13.87 -2.30 0.96
N LEU A 78 -12.92 -2.11 1.86
CA LEU A 78 -12.37 -3.22 2.64
C LEU A 78 -13.31 -3.59 3.78
N ARG A 79 -13.06 -4.74 4.40
CA ARG A 79 -13.88 -5.21 5.51
C ARG A 79 -13.54 -4.46 6.79
N TRP A 80 -14.55 -4.24 7.63
CA TRP A 80 -14.36 -3.54 8.89
C TRP A 80 -13.02 -3.89 9.52
N GLU A 81 -12.81 -5.17 9.81
CA GLU A 81 -11.57 -5.63 10.42
C GLU A 81 -10.36 -5.09 9.65
N ASP A 82 -10.46 -5.08 8.33
CA ASP A 82 -9.38 -4.59 7.48
C ASP A 82 -9.20 -3.08 7.66
N GLN A 83 -10.28 -2.33 7.45
CA GLN A 83 -10.24 -0.89 7.57
C GLN A 83 -9.63 -0.48 8.91
N GLN A 84 -9.81 -1.32 9.92
CA GLN A 84 -9.27 -1.04 11.25
C GLN A 84 -7.75 -1.14 11.26
N LYS A 85 -7.23 -2.16 10.59
CA LYS A 85 -5.79 -2.38 10.53
C LYS A 85 -5.08 -1.15 9.97
N ILE A 86 -5.82 -0.33 9.24
CA ILE A 86 -5.27 0.89 8.65
C ILE A 86 -5.28 2.04 9.66
N ARG A 87 -6.49 2.47 10.03
CA ARG A 87 -6.64 3.56 10.99
C ARG A 87 -5.87 3.27 12.27
N LYS A 88 -5.93 2.02 12.72
CA LYS A 88 -5.23 1.61 13.93
C LYS A 88 -3.73 1.54 13.71
N TYR A 89 -3.30 1.91 12.50
CA TYR A 89 -1.87 1.89 12.15
C TYR A 89 -1.37 3.30 11.90
N VAL A 90 -2.19 4.11 11.25
CA VAL A 90 -1.82 5.49 10.94
C VAL A 90 -1.92 6.38 12.17
N GLU A 91 -2.88 6.09 13.04
CA GLU A 91 -3.07 6.86 14.26
C GLU A 91 -1.97 6.57 15.27
N SER A 92 -1.75 5.28 15.54
CA SER A 92 -0.72 4.87 16.50
C SER A 92 0.59 4.57 15.78
N GLY A 93 1.66 4.40 16.55
CA GLY A 93 2.96 4.11 15.97
C GLY A 93 2.95 2.83 15.15
N ALA A 94 3.28 2.95 13.86
CA ALA A 94 3.32 1.80 12.97
C ALA A 94 4.04 0.63 13.62
N GLY A 95 3.96 -0.54 12.98
CA GLY A 95 4.61 -1.72 13.50
C GLY A 95 6.10 -1.53 13.69
N SER A 96 6.83 -2.63 13.84
CA SER A 96 8.27 -2.58 14.03
C SER A 96 8.94 -3.85 13.53
N ASN A 97 10.26 -3.80 13.37
CA ASN A 97 11.01 -4.96 12.90
C ASN A 97 12.51 -4.67 12.94
N THR A 98 13.32 -5.70 12.63
CA THR A 98 14.76 -5.56 12.63
C THR A 98 15.37 -6.19 11.39
N SER A 99 14.70 -6.02 10.26
CA SER A 99 15.18 -6.58 8.99
C SER A 99 14.95 -5.61 7.85
N THR A 100 15.48 -5.94 6.67
CA THR A 100 15.33 -5.09 5.50
C THR A 100 15.14 -5.94 4.24
N SER A 101 14.79 -5.28 3.14
CA SER A 101 14.57 -5.97 1.88
C SER A 101 15.81 -5.87 0.99
N THR A 102 16.56 -6.96 0.91
CA THR A 102 17.77 -7.00 0.11
C THR A 102 17.76 -8.19 -0.85
N GLY A 103 18.67 -8.18 -1.81
CA GLY A 103 18.75 -9.27 -2.77
C GLY A 103 18.39 -8.82 -4.18
N THR A 104 18.50 -9.74 -5.13
CA THR A 104 18.19 -9.44 -6.52
C THR A 104 16.78 -8.90 -6.67
N SER A 105 16.61 -7.90 -7.53
CA SER A 105 15.30 -7.30 -7.76
C SER A 105 14.52 -8.08 -8.81
N THR A 106 13.30 -8.47 -8.46
CA THR A 106 12.44 -9.23 -9.37
C THR A 106 11.85 -8.32 -10.44
N SER A 107 11.22 -7.23 -10.00
CA SER A 107 10.61 -6.29 -10.93
C SER A 107 9.58 -6.98 -11.82
N SER A 108 8.77 -7.85 -11.21
CA SER A 108 7.76 -8.59 -11.95
C SER A 108 6.37 -8.06 -11.62
N SER A 109 5.93 -7.04 -12.35
CA SER A 109 4.61 -6.45 -12.13
C SER A 109 3.95 -6.10 -13.45
N GLY A 110 2.62 -6.00 -13.43
CA GLY A 110 1.89 -5.67 -14.65
C GLY A 110 2.01 -4.20 -15.02
N PRO A 111 2.34 -3.94 -16.29
CA PRO A 111 2.50 -2.58 -16.80
C PRO A 111 1.17 -1.83 -16.88
N SER A 112 0.13 -2.53 -17.35
CA SER A 112 -1.19 -1.92 -17.48
C SER A 112 -2.19 -2.60 -16.54
N SER A 113 -2.94 -1.81 -15.80
CA SER A 113 -3.93 -2.33 -14.87
C SER A 113 -5.33 -1.83 -15.23
N GLY A 114 -6.20 -2.76 -15.64
CA GLY A 114 -7.55 -2.38 -16.00
C GLY A 114 -8.54 -2.68 -14.90
N GLY A 1 4.73 11.03 -16.40
CA GLY A 1 4.25 11.56 -15.12
C GLY A 1 5.04 12.77 -14.66
N SER A 2 5.53 12.70 -13.43
CA SER A 2 6.30 13.81 -12.86
C SER A 2 5.70 15.15 -13.25
N SER A 3 4.37 15.23 -13.19
CA SER A 3 3.67 16.47 -13.54
C SER A 3 3.26 17.22 -12.28
N GLY A 4 2.46 16.58 -11.44
CA GLY A 4 2.01 17.22 -10.22
C GLY A 4 0.51 17.48 -10.22
N SER A 5 0.01 17.96 -11.35
CA SER A 5 -1.41 18.27 -11.49
C SER A 5 -2.27 17.05 -11.16
N SER A 6 -1.88 15.90 -11.70
CA SER A 6 -2.61 14.66 -11.47
C SER A 6 -3.03 14.54 -10.01
N GLY A 7 -4.16 13.88 -9.77
CA GLY A 7 -4.65 13.71 -8.41
C GLY A 7 -5.02 12.27 -8.11
N HIS A 8 -4.08 11.53 -7.54
CA HIS A 8 -4.33 10.14 -7.20
C HIS A 8 -3.75 9.83 -5.82
N LYS A 9 -4.46 8.96 -5.11
CA LYS A 9 -4.05 8.56 -3.77
C LYS A 9 -2.74 7.78 -3.81
N PRO A 10 -1.93 7.92 -2.75
CA PRO A 10 -0.63 7.24 -2.64
C PRO A 10 -0.80 5.74 -2.44
N TRP A 11 -1.65 5.35 -1.49
CA TRP A 11 -1.89 3.95 -1.19
C TRP A 11 -3.25 3.51 -1.75
N ARG A 12 -3.31 2.25 -2.19
CA ARG A 12 -4.54 1.71 -2.74
C ARG A 12 -4.99 0.48 -1.96
N ALA A 13 -6.31 0.27 -1.88
CA ALA A 13 -6.86 -0.86 -1.16
C ALA A 13 -7.95 -1.55 -1.98
N GLU A 14 -7.74 -2.82 -2.29
CA GLU A 14 -8.70 -3.59 -3.07
C GLU A 14 -8.42 -5.09 -2.95
N TYR A 15 -9.47 -5.89 -3.09
CA TYR A 15 -9.32 -7.34 -3.01
C TYR A 15 -8.82 -7.92 -4.33
N ALA A 16 -7.74 -8.70 -4.25
CA ALA A 16 -7.16 -9.32 -5.44
C ALA A 16 -8.20 -10.15 -6.18
N LYS A 17 -8.01 -10.27 -7.49
CA LYS A 17 -8.94 -11.05 -8.32
C LYS A 17 -8.30 -12.38 -8.73
N SER A 18 -6.98 -12.40 -8.83
CA SER A 18 -6.26 -13.61 -9.21
C SER A 18 -4.98 -13.76 -8.41
N SER A 19 -4.53 -14.99 -8.24
CA SER A 19 -3.31 -15.28 -7.49
C SER A 19 -2.08 -15.16 -8.38
N ARG A 20 -2.12 -14.21 -9.32
CA ARG A 20 -1.00 -13.99 -10.23
C ARG A 20 0.02 -13.03 -9.64
N SER A 21 -0.47 -11.97 -9.00
CA SER A 21 0.40 -10.98 -8.38
C SER A 21 1.17 -11.58 -7.21
N SER A 22 2.39 -11.09 -7.00
CA SER A 22 3.24 -11.58 -5.92
C SER A 22 3.78 -10.42 -5.10
N CYS A 23 3.67 -10.54 -3.78
CA CYS A 23 4.16 -9.51 -2.87
C CYS A 23 5.64 -9.22 -3.11
N LYS A 24 6.09 -8.05 -2.67
CA LYS A 24 7.48 -7.65 -2.84
C LYS A 24 8.21 -7.65 -1.50
N THR A 25 7.47 -7.41 -0.42
CA THR A 25 8.04 -7.38 0.92
C THR A 25 8.50 -8.78 1.35
N CYS A 26 7.66 -9.78 1.06
CA CYS A 26 7.98 -11.15 1.42
C CYS A 26 8.30 -11.98 0.18
N LYS A 27 7.96 -11.44 -0.99
CA LYS A 27 8.21 -12.12 -2.25
C LYS A 27 7.35 -13.37 -2.36
N SER A 28 6.09 -13.27 -1.95
CA SER A 28 5.18 -14.41 -2.00
C SER A 28 4.01 -14.12 -2.94
N VAL A 29 3.09 -15.07 -3.03
CA VAL A 29 1.92 -14.92 -3.90
C VAL A 29 0.73 -14.37 -3.13
N ILE A 30 -0.05 -13.52 -3.79
CA ILE A 30 -1.23 -12.92 -3.17
C ILE A 30 -2.52 -13.50 -3.75
N ASN A 31 -3.00 -14.59 -3.16
CA ASN A 31 -4.22 -15.24 -3.63
C ASN A 31 -5.37 -14.24 -3.69
N LYS A 32 -6.28 -14.45 -4.64
CA LYS A 32 -7.43 -13.58 -4.80
C LYS A 32 -8.34 -13.64 -3.58
N GLU A 33 -9.22 -12.65 -3.45
CA GLU A 33 -10.15 -12.59 -2.32
C GLU A 33 -9.41 -12.24 -1.03
N ASN A 34 -8.28 -11.56 -1.16
CA ASN A 34 -7.48 -11.17 -0.02
C ASN A 34 -7.25 -9.66 0.00
N PHE A 35 -7.07 -9.10 1.18
CA PHE A 35 -6.83 -7.66 1.33
C PHE A 35 -5.35 -7.34 1.19
N ARG A 36 -5.00 -6.61 0.13
CA ARG A 36 -3.62 -6.23 -0.12
C ARG A 36 -3.49 -4.72 -0.25
N LEU A 37 -2.25 -4.24 -0.35
CA LEU A 37 -1.98 -2.81 -0.48
C LEU A 37 -1.09 -2.53 -1.68
N GLY A 38 -1.35 -1.42 -2.36
CA GLY A 38 -0.55 -1.05 -3.51
C GLY A 38 -0.01 0.37 -3.43
N LYS A 39 1.30 0.48 -3.21
CA LYS A 39 1.93 1.79 -3.10
C LYS A 39 2.21 2.37 -4.48
N LEU A 40 1.41 3.35 -4.88
CA LEU A 40 1.57 3.99 -6.17
C LEU A 40 2.74 4.98 -6.16
N VAL A 41 3.76 4.69 -6.96
CA VAL A 41 4.94 5.53 -7.04
C VAL A 41 5.11 6.10 -8.45
N GLN A 42 5.19 7.43 -8.54
CA GLN A 42 5.35 8.10 -9.82
C GLN A 42 6.80 8.00 -10.30
N SER A 43 6.97 7.75 -11.59
CA SER A 43 8.30 7.62 -12.18
C SER A 43 8.84 8.99 -12.60
N THR A 44 10.16 9.07 -12.79
CA THR A 44 10.79 10.32 -13.19
C THR A 44 10.85 10.43 -14.71
N HIS A 45 9.78 10.01 -15.37
CA HIS A 45 9.73 10.08 -16.82
C HIS A 45 8.33 9.67 -17.31
N PHE A 46 8.04 10.02 -18.55
CA PHE A 46 6.75 9.70 -19.16
C PHE A 46 6.55 8.19 -19.25
N ASP A 47 5.79 7.65 -18.31
CA ASP A 47 5.51 6.21 -18.27
C ASP A 47 4.33 5.91 -17.37
N GLY A 48 3.77 4.70 -17.52
CA GLY A 48 2.63 4.31 -16.71
C GLY A 48 2.93 4.35 -15.23
N ILE A 49 2.24 3.51 -14.47
CA ILE A 49 2.44 3.46 -13.02
C ILE A 49 2.65 2.02 -12.55
N MET A 50 3.63 1.84 -11.66
CA MET A 50 3.93 0.52 -11.13
C MET A 50 3.45 0.38 -9.70
N PRO A 51 2.23 -0.16 -9.54
CA PRO A 51 1.61 -0.35 -8.22
C PRO A 51 2.31 -1.45 -7.42
N MET A 52 3.07 -1.04 -6.41
CA MET A 52 3.79 -1.99 -5.57
C MET A 52 2.82 -2.82 -4.74
N TRP A 53 2.50 -4.02 -5.24
CA TRP A 53 1.59 -4.91 -4.56
C TRP A 53 2.27 -5.58 -3.37
N ASN A 54 1.70 -5.40 -2.18
CA ASN A 54 2.25 -5.99 -0.97
C ASN A 54 1.15 -6.30 0.04
N HIS A 55 1.20 -7.49 0.61
CA HIS A 55 0.20 -7.90 1.59
C HIS A 55 -0.05 -6.75 2.58
N ALA A 56 -1.32 -6.54 2.88
CA ALA A 56 -1.71 -5.50 3.81
C ALA A 56 -1.01 -5.65 5.15
N SER A 57 -0.55 -6.86 5.44
CA SER A 57 0.13 -7.14 6.69
C SER A 57 1.64 -6.96 6.54
N CYS A 58 2.11 -7.02 5.30
CA CYS A 58 3.53 -6.86 5.01
C CYS A 58 3.94 -5.39 5.10
N ILE A 59 2.99 -4.50 4.85
CA ILE A 59 3.25 -3.06 4.90
C ILE A 59 2.97 -2.51 6.29
N LEU A 60 1.78 -2.76 6.80
CA LEU A 60 1.38 -2.29 8.12
C LEU A 60 2.43 -2.68 9.17
N LYS A 61 3.08 -3.81 8.96
CA LYS A 61 4.10 -4.30 9.88
C LYS A 61 5.31 -3.38 9.86
N LYS A 62 5.54 -2.71 8.74
CA LYS A 62 6.67 -1.79 8.60
C LYS A 62 6.36 -0.44 9.24
N THR A 63 7.27 0.51 9.08
CA THR A 63 7.10 1.84 9.63
C THR A 63 7.20 2.91 8.54
N LYS A 64 6.70 4.11 8.83
CA LYS A 64 6.75 5.21 7.89
C LYS A 64 6.25 4.76 6.52
N GLN A 65 5.04 4.21 6.48
CA GLN A 65 4.46 3.75 5.22
C GLN A 65 3.24 4.58 4.86
N ILE A 66 2.31 4.70 5.78
CA ILE A 66 1.09 5.47 5.56
C ILE A 66 0.98 6.64 6.54
N LYS A 67 0.33 7.71 6.10
CA LYS A 67 0.16 8.89 6.94
C LYS A 67 -1.23 8.89 7.58
N SER A 68 -2.24 8.58 6.79
CA SER A 68 -3.62 8.55 7.28
C SER A 68 -4.52 7.77 6.32
N VAL A 69 -5.56 7.16 6.88
CA VAL A 69 -6.50 6.37 6.09
C VAL A 69 -7.08 7.20 4.95
N ASP A 70 -6.96 8.53 5.06
CA ASP A 70 -7.48 9.43 4.04
C ASP A 70 -6.66 9.33 2.76
N ASP A 71 -5.44 8.80 2.89
CA ASP A 71 -4.56 8.64 1.74
C ASP A 71 -4.78 7.29 1.06
N VAL A 72 -5.36 6.35 1.79
CA VAL A 72 -5.63 5.02 1.25
C VAL A 72 -6.89 5.02 0.39
N GLU A 73 -6.76 4.52 -0.83
CA GLU A 73 -7.89 4.46 -1.75
C GLU A 73 -8.65 3.15 -1.60
N GLY A 74 -9.84 3.09 -2.18
CA GLY A 74 -10.65 1.89 -2.10
C GLY A 74 -10.58 1.23 -0.73
N ILE A 75 -10.29 2.04 0.29
CA ILE A 75 -10.20 1.53 1.65
C ILE A 75 -11.59 1.23 2.23
N GLU A 76 -12.58 1.97 1.77
CA GLU A 76 -13.95 1.79 2.23
C GLU A 76 -14.53 0.48 1.70
N SER A 77 -13.83 -0.12 0.75
CA SER A 77 -14.27 -1.38 0.15
C SER A 77 -13.72 -2.57 0.91
N LEU A 78 -12.75 -2.30 1.78
CA LEU A 78 -12.13 -3.36 2.58
C LEU A 78 -13.00 -3.74 3.77
N ARG A 79 -12.94 -5.00 4.18
CA ARG A 79 -13.72 -5.48 5.31
C ARG A 79 -13.44 -4.65 6.56
N TRP A 80 -14.47 -4.45 7.37
CA TRP A 80 -14.33 -3.67 8.60
C TRP A 80 -12.98 -3.95 9.27
N GLU A 81 -12.72 -5.23 9.53
CA GLU A 81 -11.47 -5.63 10.17
C GLU A 81 -10.27 -5.04 9.44
N ASP A 82 -10.32 -5.07 8.12
CA ASP A 82 -9.23 -4.53 7.30
C ASP A 82 -9.09 -3.03 7.50
N GLN A 83 -10.20 -2.30 7.34
CA GLN A 83 -10.19 -0.86 7.51
C GLN A 83 -9.61 -0.47 8.86
N GLN A 84 -9.80 -1.32 9.86
CA GLN A 84 -9.29 -1.06 11.19
C GLN A 84 -7.76 -1.16 11.21
N LYS A 85 -7.22 -2.11 10.47
CA LYS A 85 -5.77 -2.30 10.41
C LYS A 85 -5.07 -1.04 9.91
N ILE A 86 -5.80 -0.25 9.13
CA ILE A 86 -5.25 0.99 8.59
C ILE A 86 -5.29 2.11 9.61
N ARG A 87 -6.50 2.52 9.98
CA ARG A 87 -6.68 3.60 10.96
C ARG A 87 -5.92 3.28 12.24
N LYS A 88 -5.97 2.03 12.68
CA LYS A 88 -5.28 1.61 13.89
C LYS A 88 -3.77 1.60 13.69
N TYR A 89 -3.35 1.95 12.48
CA TYR A 89 -1.92 2.00 12.16
C TYR A 89 -1.45 3.43 11.96
N VAL A 90 -2.31 4.25 11.36
CA VAL A 90 -1.98 5.64 11.11
C VAL A 90 -2.16 6.50 12.36
N GLU A 91 -2.98 6.00 13.28
CA GLU A 91 -3.24 6.71 14.54
C GLU A 91 -2.12 6.46 15.54
N SER A 92 -1.76 5.19 15.71
CA SER A 92 -0.71 4.81 16.65
C SER A 92 0.57 4.44 15.91
N GLY A 93 0.41 3.70 14.81
CA GLY A 93 1.56 3.29 14.03
C GLY A 93 2.22 4.43 13.30
N ALA A 94 2.40 4.27 11.99
CA ALA A 94 3.02 5.30 11.17
C ALA A 94 1.99 6.31 10.69
N GLY A 95 2.16 7.57 11.12
CA GLY A 95 1.23 8.61 10.72
C GLY A 95 1.81 10.00 10.88
N SER A 96 1.33 10.72 11.88
CA SER A 96 1.81 12.09 12.14
C SER A 96 3.33 12.13 12.16
N ASN A 97 3.89 13.29 11.83
CA ASN A 97 5.33 13.47 11.81
C ASN A 97 5.92 13.42 13.22
N THR A 98 6.64 12.35 13.53
CA THR A 98 7.25 12.18 14.84
C THR A 98 8.62 12.83 14.89
N SER A 99 9.42 12.62 13.85
CA SER A 99 10.76 13.18 13.78
C SER A 99 11.38 12.95 12.40
N THR A 100 12.12 13.93 11.91
CA THR A 100 12.76 13.83 10.61
C THR A 100 11.95 12.95 9.66
N SER A 101 10.65 13.24 9.56
CA SER A 101 9.77 12.47 8.69
C SER A 101 10.14 12.68 7.23
N THR A 102 10.36 11.58 6.50
CA THR A 102 10.71 11.64 5.09
C THR A 102 9.48 11.90 4.23
N GLY A 103 9.71 12.12 2.94
CA GLY A 103 8.61 12.38 2.03
C GLY A 103 9.04 13.18 0.82
N THR A 104 10.00 12.67 0.07
CA THR A 104 10.50 13.34 -1.11
C THR A 104 10.74 12.36 -2.26
N SER A 105 11.04 12.89 -3.44
CA SER A 105 11.28 12.06 -4.60
C SER A 105 12.22 10.90 -4.27
N THR A 106 12.04 9.78 -4.96
CA THR A 106 12.86 8.60 -4.73
C THR A 106 13.61 8.20 -6.00
N SER A 107 14.92 8.42 -6.01
CA SER A 107 15.74 8.09 -7.16
C SER A 107 15.63 6.60 -7.49
N SER A 108 15.19 6.31 -8.71
CA SER A 108 15.03 4.93 -9.16
C SER A 108 15.57 4.75 -10.57
N SER A 109 16.31 3.66 -10.77
CA SER A 109 16.90 3.37 -12.08
C SER A 109 15.96 2.51 -12.91
N GLY A 110 16.26 2.41 -14.21
CA GLY A 110 15.43 1.62 -15.10
C GLY A 110 15.38 2.19 -16.50
N PRO A 111 16.37 1.83 -17.33
CA PRO A 111 16.45 2.30 -18.72
C PRO A 111 15.37 1.69 -19.60
N SER A 112 14.51 0.88 -19.00
CA SER A 112 13.43 0.23 -19.74
C SER A 112 12.13 1.04 -19.61
N SER A 113 11.39 1.12 -20.71
CA SER A 113 10.13 1.86 -20.72
C SER A 113 9.05 1.08 -21.45
N GLY A 114 7.80 1.44 -21.20
CA GLY A 114 6.69 0.76 -21.84
C GLY A 114 5.55 1.70 -22.18
N GLY A 1 1.23 14.69 -19.68
CA GLY A 1 1.79 15.94 -19.20
C GLY A 1 0.74 17.02 -19.05
N SER A 2 -0.22 16.79 -18.15
CA SER A 2 -1.28 17.75 -17.92
C SER A 2 -1.35 18.15 -16.45
N SER A 3 -1.46 17.14 -15.58
CA SER A 3 -1.53 17.38 -14.14
C SER A 3 -2.67 18.33 -13.80
N GLY A 4 -3.82 18.12 -14.45
CA GLY A 4 -4.98 18.97 -14.21
C GLY A 4 -6.22 18.16 -13.88
N SER A 5 -7.03 18.70 -12.97
CA SER A 5 -8.26 18.02 -12.56
C SER A 5 -7.99 16.55 -12.23
N SER A 6 -6.92 16.31 -11.48
CA SER A 6 -6.54 14.96 -11.10
C SER A 6 -6.24 14.87 -9.60
N GLY A 7 -6.44 13.69 -9.03
CA GLY A 7 -6.18 13.49 -7.61
C GLY A 7 -6.25 12.04 -7.21
N HIS A 8 -5.10 11.40 -7.12
CA HIS A 8 -5.05 10.00 -6.73
C HIS A 8 -4.25 9.85 -5.42
N LYS A 9 -4.67 8.88 -4.63
CA LYS A 9 -4.02 8.61 -3.35
C LYS A 9 -2.72 7.83 -3.55
N PRO A 10 -1.81 7.95 -2.58
CA PRO A 10 -0.51 7.27 -2.63
C PRO A 10 -0.65 5.76 -2.44
N TRP A 11 -1.62 5.35 -1.65
CA TRP A 11 -1.86 3.93 -1.39
C TRP A 11 -3.21 3.49 -1.96
N ARG A 12 -3.30 2.22 -2.33
CA ARG A 12 -4.53 1.68 -2.88
C ARG A 12 -5.02 0.48 -2.07
N ALA A 13 -6.33 0.32 -1.99
CA ALA A 13 -6.92 -0.79 -1.24
C ALA A 13 -7.99 -1.49 -2.06
N GLU A 14 -7.74 -2.75 -2.42
CA GLU A 14 -8.68 -3.53 -3.20
C GLU A 14 -8.41 -5.02 -3.07
N TYR A 15 -9.45 -5.84 -3.19
CA TYR A 15 -9.31 -7.28 -3.08
C TYR A 15 -8.80 -7.88 -4.38
N ALA A 16 -7.76 -8.70 -4.28
CA ALA A 16 -7.17 -9.33 -5.45
C ALA A 16 -8.21 -10.15 -6.21
N LYS A 17 -8.02 -10.28 -7.53
CA LYS A 17 -8.94 -11.04 -8.36
C LYS A 17 -8.33 -12.37 -8.78
N SER A 18 -7.01 -12.45 -8.73
CA SER A 18 -6.30 -13.67 -9.09
C SER A 18 -5.02 -13.83 -8.27
N SER A 19 -4.58 -15.08 -8.13
CA SER A 19 -3.37 -15.38 -7.36
C SER A 19 -2.13 -15.26 -8.23
N ARG A 20 -2.17 -14.33 -9.17
CA ARG A 20 -1.04 -14.11 -10.08
C ARG A 20 -0.03 -13.13 -9.47
N SER A 21 -0.54 -12.06 -8.86
CA SER A 21 0.31 -11.06 -8.24
C SER A 21 1.11 -11.65 -7.10
N SER A 22 2.27 -11.06 -6.82
CA SER A 22 3.14 -11.53 -5.74
C SER A 22 3.69 -10.37 -4.93
N CYS A 23 3.63 -10.48 -3.61
CA CYS A 23 4.12 -9.44 -2.73
C CYS A 23 5.61 -9.17 -2.97
N LYS A 24 6.07 -8.00 -2.53
CA LYS A 24 7.47 -7.62 -2.71
C LYS A 24 8.20 -7.61 -1.37
N THR A 25 7.45 -7.33 -0.29
CA THR A 25 8.03 -7.28 1.04
C THR A 25 8.39 -8.67 1.54
N CYS A 26 7.69 -9.68 1.03
CA CYS A 26 7.94 -11.07 1.42
C CYS A 26 8.21 -11.93 0.19
N LYS A 27 7.96 -11.37 -0.98
CA LYS A 27 8.18 -12.09 -2.23
C LYS A 27 7.34 -13.36 -2.29
N SER A 28 6.07 -13.23 -1.90
CA SER A 28 5.15 -14.36 -1.91
C SER A 28 3.97 -14.10 -2.85
N VAL A 29 3.11 -15.10 -3.00
CA VAL A 29 1.95 -14.98 -3.86
C VAL A 29 0.75 -14.42 -3.10
N ILE A 30 0.01 -13.53 -3.74
CA ILE A 30 -1.17 -12.92 -3.12
C ILE A 30 -2.46 -13.48 -3.71
N ASN A 31 -2.95 -14.56 -3.12
CA ASN A 31 -4.17 -15.20 -3.59
C ASN A 31 -5.32 -14.19 -3.62
N LYS A 32 -6.25 -14.39 -4.56
CA LYS A 32 -7.40 -13.51 -4.69
C LYS A 32 -8.29 -13.57 -3.45
N GLU A 33 -9.17 -12.59 -3.30
CA GLU A 33 -10.08 -12.54 -2.17
C GLU A 33 -9.32 -12.17 -0.89
N ASN A 34 -8.20 -11.49 -1.05
CA ASN A 34 -7.38 -11.07 0.09
C ASN A 34 -7.15 -9.57 0.07
N PHE A 35 -7.03 -8.98 1.26
CA PHE A 35 -6.82 -7.55 1.39
C PHE A 35 -5.34 -7.20 1.21
N ARG A 36 -5.02 -6.55 0.10
CA ARG A 36 -3.63 -6.17 -0.20
C ARG A 36 -3.51 -4.65 -0.34
N LEU A 37 -2.27 -4.18 -0.43
CA LEU A 37 -2.02 -2.75 -0.58
C LEU A 37 -1.06 -2.48 -1.73
N GLY A 38 -1.34 -1.42 -2.50
CA GLY A 38 -0.49 -1.08 -3.62
C GLY A 38 0.03 0.34 -3.54
N LYS A 39 1.34 0.48 -3.37
CA LYS A 39 1.96 1.80 -3.26
C LYS A 39 2.11 2.43 -4.65
N LEU A 40 1.27 3.41 -4.95
CA LEU A 40 1.31 4.10 -6.23
C LEU A 40 2.48 5.08 -6.28
N VAL A 41 3.52 4.72 -7.03
CA VAL A 41 4.69 5.57 -7.18
C VAL A 41 4.73 6.23 -8.55
N GLN A 42 5.17 7.48 -8.58
CA GLN A 42 5.26 8.23 -9.82
C GLN A 42 6.67 8.14 -10.42
N SER A 43 6.73 7.77 -11.70
CA SER A 43 8.01 7.63 -12.38
C SER A 43 8.22 8.78 -13.37
N THR A 44 9.47 9.22 -13.52
CA THR A 44 9.80 10.30 -14.43
C THR A 44 10.34 9.76 -15.75
N HIS A 45 11.19 8.74 -15.66
CA HIS A 45 11.77 8.15 -16.85
C HIS A 45 10.77 7.19 -17.50
N PHE A 46 10.43 6.16 -16.74
CA PHE A 46 9.47 5.15 -17.21
C PHE A 46 8.07 5.74 -17.31
N ASP A 47 7.17 4.99 -17.93
CA ASP A 47 5.79 5.43 -18.09
C ASP A 47 4.84 4.57 -17.25
N GLY A 48 3.65 5.11 -16.99
CA GLY A 48 2.68 4.38 -16.20
C GLY A 48 3.09 4.25 -14.75
N ILE A 49 2.11 4.04 -13.87
CA ILE A 49 2.38 3.90 -12.45
C ILE A 49 2.63 2.44 -12.07
N MET A 50 3.60 2.20 -11.19
CA MET A 50 3.93 0.86 -10.75
C MET A 50 3.43 0.62 -9.33
N PRO A 51 2.20 0.08 -9.22
CA PRO A 51 1.59 -0.21 -7.92
C PRO A 51 2.27 -1.38 -7.20
N MET A 52 3.09 -1.07 -6.21
CA MET A 52 3.79 -2.09 -5.44
C MET A 52 2.82 -2.94 -4.65
N TRP A 53 2.45 -4.08 -5.20
CA TRP A 53 1.51 -4.99 -4.54
C TRP A 53 2.18 -5.68 -3.34
N ASN A 54 1.64 -5.43 -2.16
CA ASN A 54 2.18 -6.02 -0.93
C ASN A 54 1.07 -6.31 0.07
N HIS A 55 1.12 -7.49 0.66
CA HIS A 55 0.11 -7.88 1.64
C HIS A 55 -0.14 -6.71 2.61
N ALA A 56 -1.41 -6.51 2.92
CA ALA A 56 -1.83 -5.44 3.82
C ALA A 56 -1.13 -5.58 5.18
N SER A 57 -0.64 -6.78 5.47
CA SER A 57 0.04 -7.05 6.73
C SER A 57 1.56 -6.89 6.58
N CYS A 58 2.03 -6.96 5.33
CA CYS A 58 3.45 -6.83 5.05
C CYS A 58 3.88 -5.37 5.08
N ILE A 59 2.94 -4.47 4.81
CA ILE A 59 3.23 -3.04 4.81
C ILE A 59 3.02 -2.45 6.20
N LEU A 60 1.85 -2.73 6.79
CA LEU A 60 1.52 -2.22 8.11
C LEU A 60 2.63 -2.54 9.11
N LYS A 61 3.30 -3.68 8.91
CA LYS A 61 4.37 -4.10 9.79
C LYS A 61 5.58 -3.17 9.66
N LYS A 62 5.68 -2.51 8.50
CA LYS A 62 6.79 -1.59 8.25
C LYS A 62 6.54 -0.25 8.92
N THR A 63 7.46 0.69 8.70
CA THR A 63 7.35 2.02 9.29
C THR A 63 7.30 3.10 8.21
N LYS A 64 6.72 4.24 8.54
CA LYS A 64 6.62 5.34 7.59
C LYS A 64 6.03 4.89 6.27
N GLN A 65 4.93 4.13 6.33
CA GLN A 65 4.27 3.63 5.14
C GLN A 65 3.07 4.49 4.78
N ILE A 66 2.16 4.67 5.75
CA ILE A 66 0.97 5.47 5.53
C ILE A 66 0.80 6.50 6.63
N LYS A 67 0.35 7.69 6.24
CA LYS A 67 0.14 8.78 7.20
C LYS A 67 -1.26 8.70 7.80
N SER A 68 -2.25 8.49 6.95
CA SER A 68 -3.64 8.40 7.40
C SER A 68 -4.48 7.61 6.41
N VAL A 69 -5.55 7.00 6.90
CA VAL A 69 -6.44 6.22 6.05
C VAL A 69 -6.88 7.02 4.83
N ASP A 70 -6.91 8.34 4.97
CA ASP A 70 -7.31 9.22 3.88
C ASP A 70 -6.38 9.04 2.68
N ASP A 71 -5.13 8.69 2.95
CA ASP A 71 -4.14 8.50 1.90
C ASP A 71 -4.32 7.13 1.24
N VAL A 72 -5.29 6.37 1.72
CA VAL A 72 -5.56 5.04 1.18
C VAL A 72 -6.87 5.02 0.40
N GLU A 73 -6.77 4.76 -0.89
CA GLU A 73 -7.96 4.71 -1.75
C GLU A 73 -8.65 3.36 -1.64
N GLY A 74 -9.92 3.32 -2.06
CA GLY A 74 -10.67 2.08 -2.00
C GLY A 74 -10.59 1.42 -0.64
N ILE A 75 -10.33 2.20 0.39
CA ILE A 75 -10.21 1.69 1.75
C ILE A 75 -11.59 1.36 2.33
N GLU A 76 -12.62 2.03 1.81
CA GLU A 76 -13.98 1.82 2.28
C GLU A 76 -14.54 0.52 1.72
N SER A 77 -13.87 -0.04 0.72
CA SER A 77 -14.29 -1.29 0.11
C SER A 77 -13.74 -2.49 0.86
N LEU A 78 -12.74 -2.25 1.69
CA LEU A 78 -12.13 -3.31 2.48
C LEU A 78 -13.01 -3.70 3.67
N ARG A 79 -12.91 -4.95 4.10
CA ARG A 79 -13.69 -5.44 5.22
C ARG A 79 -13.39 -4.64 6.49
N TRP A 80 -14.41 -4.44 7.31
CA TRP A 80 -14.26 -3.70 8.56
C TRP A 80 -12.90 -3.99 9.20
N GLU A 81 -12.64 -5.27 9.44
CA GLU A 81 -11.37 -5.68 10.05
C GLU A 81 -10.18 -5.08 9.32
N ASP A 82 -10.24 -5.11 7.99
CA ASP A 82 -9.17 -4.56 7.16
C ASP A 82 -9.04 -3.05 7.37
N GLN A 83 -10.15 -2.34 7.23
CA GLN A 83 -10.17 -0.89 7.40
C GLN A 83 -9.61 -0.50 8.76
N GLN A 84 -9.82 -1.36 9.75
CA GLN A 84 -9.34 -1.10 11.10
C GLN A 84 -7.82 -1.21 11.16
N LYS A 85 -7.27 -2.17 10.43
CA LYS A 85 -5.82 -2.37 10.41
C LYS A 85 -5.10 -1.12 9.93
N ILE A 86 -5.79 -0.32 9.12
CA ILE A 86 -5.20 0.91 8.60
C ILE A 86 -5.25 2.02 9.64
N ARG A 87 -6.46 2.45 9.98
CA ARG A 87 -6.64 3.51 10.96
C ARG A 87 -5.90 3.18 12.26
N LYS A 88 -5.95 1.93 12.68
CA LYS A 88 -5.28 1.49 13.89
C LYS A 88 -3.77 1.45 13.69
N TYR A 89 -3.32 1.85 12.51
CA TYR A 89 -1.90 1.85 12.19
C TYR A 89 -1.40 3.28 11.96
N VAL A 90 -2.25 4.09 11.34
CA VAL A 90 -1.89 5.47 11.05
C VAL A 90 -2.10 6.36 12.27
N GLU A 91 -2.87 5.86 13.23
CA GLU A 91 -3.15 6.60 14.46
C GLU A 91 -2.25 6.14 15.60
N SER A 92 -2.17 4.83 15.78
CA SER A 92 -1.34 4.26 16.85
C SER A 92 -0.05 3.69 16.28
N GLY A 93 -0.17 2.79 15.31
CA GLY A 93 1.00 2.20 14.70
C GLY A 93 1.93 3.23 14.09
N ALA A 94 2.78 2.78 13.17
CA ALA A 94 3.72 3.67 12.50
C ALA A 94 2.99 4.66 11.60
N GLY A 95 3.24 5.95 11.80
CA GLY A 95 2.61 6.97 10.99
C GLY A 95 1.85 7.98 11.83
N SER A 96 2.46 8.42 12.92
CA SER A 96 1.85 9.39 13.82
C SER A 96 2.05 10.81 13.30
N ASN A 97 1.02 11.65 13.47
CA ASN A 97 1.08 13.03 13.02
C ASN A 97 1.45 13.96 14.16
N THR A 98 0.72 13.85 15.27
CA THR A 98 0.97 14.68 16.44
C THR A 98 2.46 14.79 16.72
N SER A 99 3.08 13.66 17.04
CA SER A 99 4.51 13.63 17.34
C SER A 99 5.34 13.93 16.09
N THR A 100 5.53 15.21 15.81
CA THR A 100 6.31 15.63 14.65
C THR A 100 7.75 15.16 14.74
N SER A 101 8.04 14.04 14.08
CA SER A 101 9.40 13.47 14.10
C SER A 101 10.29 14.20 13.10
N THR A 102 10.98 15.23 13.57
CA THR A 102 11.87 16.01 12.72
C THR A 102 12.92 15.12 12.06
N GLY A 103 13.13 15.30 10.76
CA GLY A 103 14.12 14.51 10.05
C GLY A 103 13.71 14.24 8.61
N THR A 104 14.69 13.84 7.79
CA THR A 104 14.42 13.57 6.39
C THR A 104 13.99 12.12 6.18
N SER A 105 13.18 11.89 5.16
CA SER A 105 12.68 10.55 4.86
C SER A 105 13.83 9.62 4.46
N THR A 106 13.69 8.33 4.78
CA THR A 106 14.72 7.35 4.46
C THR A 106 14.98 7.31 2.96
N SER A 107 16.23 7.03 2.59
CA SER A 107 16.62 6.95 1.19
C SER A 107 16.92 5.52 0.78
N SER A 108 16.18 5.03 -0.22
CA SER A 108 16.36 3.67 -0.70
C SER A 108 16.77 3.67 -2.17
N SER A 109 17.34 2.55 -2.62
CA SER A 109 17.78 2.42 -4.00
C SER A 109 17.25 1.13 -4.63
N GLY A 110 17.32 0.04 -3.86
CA GLY A 110 16.84 -1.24 -4.35
C GLY A 110 17.81 -1.87 -5.34
N PRO A 111 17.50 -3.11 -5.76
CA PRO A 111 18.33 -3.84 -6.72
C PRO A 111 18.27 -3.25 -8.13
N SER A 112 19.44 -3.05 -8.73
CA SER A 112 19.52 -2.49 -10.07
C SER A 112 19.25 -3.56 -11.13
N SER A 113 18.56 -3.16 -12.19
CA SER A 113 18.23 -4.09 -13.27
C SER A 113 17.70 -3.32 -14.49
N GLY A 114 17.56 -4.03 -15.61
CA GLY A 114 17.07 -3.41 -16.82
C GLY A 114 15.84 -2.57 -16.59
N GLY A 1 -13.05 7.98 -18.38
CA GLY A 1 -12.53 9.03 -17.54
C GLY A 1 -11.31 9.71 -18.15
N SER A 2 -10.97 10.89 -17.63
CA SER A 2 -9.82 11.64 -18.13
C SER A 2 -8.61 10.73 -18.31
N SER A 3 -7.68 11.16 -19.15
CA SER A 3 -6.47 10.38 -19.41
C SER A 3 -5.45 10.57 -18.29
N GLY A 4 -5.51 9.71 -17.28
CA GLY A 4 -4.59 9.81 -16.16
C GLY A 4 -4.60 11.18 -15.51
N SER A 5 -3.89 11.31 -14.41
CA SER A 5 -3.82 12.57 -13.68
C SER A 5 -2.78 12.50 -12.57
N SER A 6 -2.56 13.65 -11.92
CA SER A 6 -1.59 13.72 -10.83
C SER A 6 -2.26 13.54 -9.48
N GLY A 7 -3.31 14.33 -9.23
CA GLY A 7 -4.02 14.24 -7.98
C GLY A 7 -4.60 12.85 -7.74
N HIS A 8 -3.83 12.00 -7.09
CA HIS A 8 -4.28 10.64 -6.82
C HIS A 8 -3.71 10.18 -5.47
N LYS A 9 -4.42 9.24 -4.86
CA LYS A 9 -4.01 8.69 -3.57
C LYS A 9 -2.71 7.89 -3.70
N PRO A 10 -1.85 7.99 -2.68
CA PRO A 10 -0.57 7.28 -2.66
C PRO A 10 -0.74 5.78 -2.50
N TRP A 11 -1.68 5.38 -1.66
CA TRP A 11 -1.95 3.96 -1.42
C TRP A 11 -3.32 3.57 -1.93
N ARG A 12 -3.50 2.29 -2.23
CA ARG A 12 -4.78 1.79 -2.73
C ARG A 12 -5.23 0.57 -1.94
N ALA A 13 -6.54 0.34 -1.89
CA ALA A 13 -7.09 -0.79 -1.17
C ALA A 13 -8.12 -1.52 -2.02
N GLU A 14 -7.91 -2.82 -2.20
CA GLU A 14 -8.82 -3.65 -2.99
C GLU A 14 -8.43 -5.12 -2.92
N TYR A 15 -9.43 -5.99 -2.99
CA TYR A 15 -9.19 -7.43 -2.93
C TYR A 15 -8.70 -7.96 -4.27
N ALA A 16 -7.61 -8.72 -4.25
CA ALA A 16 -7.05 -9.29 -5.46
C ALA A 16 -8.08 -10.13 -6.20
N LYS A 17 -7.96 -10.16 -7.54
CA LYS A 17 -8.88 -10.92 -8.37
C LYS A 17 -8.29 -12.25 -8.77
N SER A 18 -6.95 -12.29 -8.89
CA SER A 18 -6.26 -13.52 -9.26
C SER A 18 -4.98 -13.68 -8.45
N SER A 19 -4.45 -14.90 -8.43
CA SER A 19 -3.23 -15.20 -7.69
C SER A 19 -2.01 -15.06 -8.59
N ARG A 20 -2.01 -14.03 -9.43
CA ARG A 20 -0.90 -13.78 -10.34
C ARG A 20 0.12 -12.83 -9.71
N SER A 21 -0.37 -11.81 -9.03
CA SER A 21 0.49 -10.83 -8.38
C SER A 21 1.25 -11.46 -7.22
N SER A 22 2.41 -10.88 -6.90
CA SER A 22 3.23 -11.40 -5.81
C SER A 22 3.76 -10.25 -4.95
N CYS A 23 3.76 -10.45 -3.64
CA CYS A 23 4.25 -9.43 -2.71
C CYS A 23 5.73 -9.16 -2.93
N LYS A 24 6.19 -8.00 -2.48
CA LYS A 24 7.59 -7.62 -2.62
C LYS A 24 8.31 -7.67 -1.27
N THR A 25 7.57 -7.40 -0.21
CA THR A 25 8.13 -7.41 1.13
C THR A 25 8.54 -8.82 1.55
N CYS A 26 7.63 -9.78 1.36
CA CYS A 26 7.91 -11.16 1.71
C CYS A 26 8.27 -11.98 0.47
N LYS A 27 7.94 -11.45 -0.69
CA LYS A 27 8.23 -12.12 -1.95
C LYS A 27 7.39 -13.39 -2.11
N SER A 28 6.11 -13.27 -1.81
CA SER A 28 5.20 -14.41 -1.91
C SER A 28 4.06 -14.10 -2.88
N VAL A 29 3.19 -15.09 -3.08
CA VAL A 29 2.05 -14.94 -3.98
C VAL A 29 0.83 -14.38 -3.24
N ILE A 30 0.14 -13.44 -3.87
CA ILE A 30 -1.04 -12.84 -3.27
C ILE A 30 -2.31 -13.39 -3.89
N ASN A 31 -2.82 -14.48 -3.33
CA ASN A 31 -4.04 -15.11 -3.83
C ASN A 31 -5.21 -14.12 -3.81
N LYS A 32 -6.14 -14.30 -4.74
CA LYS A 32 -7.31 -13.43 -4.83
C LYS A 32 -8.17 -13.54 -3.58
N GLU A 33 -9.08 -12.60 -3.41
CA GLU A 33 -9.97 -12.59 -2.25
C GLU A 33 -9.21 -12.24 -0.98
N ASN A 34 -8.09 -11.52 -1.14
CA ASN A 34 -7.28 -11.12 -0.01
C ASN A 34 -7.04 -9.61 -0.01
N PHE A 35 -7.03 -9.02 1.17
CA PHE A 35 -6.83 -7.58 1.31
C PHE A 35 -5.35 -7.23 1.18
N ARG A 36 -5.00 -6.57 0.08
CA ARG A 36 -3.61 -6.18 -0.16
C ARG A 36 -3.49 -4.66 -0.26
N LEU A 37 -2.27 -4.18 -0.47
CA LEU A 37 -2.02 -2.75 -0.58
C LEU A 37 -1.01 -2.47 -1.71
N GLY A 38 -1.29 -1.45 -2.50
CA GLY A 38 -0.41 -1.08 -3.59
C GLY A 38 0.06 0.36 -3.50
N LYS A 39 1.36 0.56 -3.30
CA LYS A 39 1.92 1.89 -3.20
C LYS A 39 2.08 2.52 -4.58
N LEU A 40 1.09 3.32 -4.98
CA LEU A 40 1.11 3.98 -6.28
C LEU A 40 2.26 4.98 -6.35
N VAL A 41 3.26 4.67 -7.17
CA VAL A 41 4.41 5.55 -7.33
C VAL A 41 4.52 6.05 -8.77
N GLN A 42 5.11 7.23 -8.93
CA GLN A 42 5.28 7.82 -10.26
C GLN A 42 6.74 7.79 -10.69
N SER A 43 7.10 6.79 -11.50
CA SER A 43 8.47 6.65 -11.97
C SER A 43 8.75 7.63 -13.10
N THR A 44 7.75 7.86 -13.95
CA THR A 44 7.88 8.77 -15.08
C THR A 44 6.65 9.64 -15.24
N HIS A 45 6.82 10.81 -15.82
CA HIS A 45 5.71 11.72 -16.02
C HIS A 45 4.96 11.34 -17.30
N PHE A 46 4.58 10.06 -17.37
CA PHE A 46 3.87 9.54 -18.52
C PHE A 46 3.05 8.31 -18.14
N ASP A 47 2.10 7.95 -18.99
CA ASP A 47 1.25 6.79 -18.75
C ASP A 47 2.08 5.58 -18.37
N GLY A 48 2.09 5.26 -17.07
CA GLY A 48 2.85 4.12 -16.60
C GLY A 48 3.11 4.18 -15.10
N ILE A 49 2.38 3.37 -14.35
CA ILE A 49 2.54 3.34 -12.89
C ILE A 49 2.88 1.93 -12.42
N MET A 50 3.79 1.84 -11.45
CA MET A 50 4.20 0.56 -10.91
C MET A 50 3.69 0.39 -9.47
N PRO A 51 2.47 -0.16 -9.35
CA PRO A 51 1.84 -0.39 -8.04
C PRO A 51 2.53 -1.49 -7.25
N MET A 52 3.27 -1.10 -6.22
CA MET A 52 3.97 -2.06 -5.37
C MET A 52 2.99 -2.94 -4.61
N TRP A 53 2.72 -4.12 -5.14
CA TRP A 53 1.79 -5.05 -4.51
C TRP A 53 2.43 -5.69 -3.27
N ASN A 54 1.83 -5.45 -2.11
CA ASN A 54 2.34 -6.00 -0.86
C ASN A 54 1.20 -6.33 0.09
N HIS A 55 1.24 -7.52 0.67
CA HIS A 55 0.21 -7.94 1.60
C HIS A 55 -0.06 -6.82 2.60
N ALA A 56 -1.35 -6.56 2.82
CA ALA A 56 -1.78 -5.53 3.75
C ALA A 56 -1.11 -5.70 5.11
N SER A 57 -0.63 -6.91 5.39
CA SER A 57 0.02 -7.21 6.65
C SER A 57 1.53 -7.03 6.53
N CYS A 58 2.04 -7.10 5.31
CA CYS A 58 3.47 -6.95 5.05
C CYS A 58 3.87 -5.48 5.14
N ILE A 59 2.92 -4.59 4.90
CA ILE A 59 3.18 -3.15 4.96
C ILE A 59 2.94 -2.60 6.36
N LEU A 60 1.80 -2.96 6.94
CA LEU A 60 1.46 -2.49 8.28
C LEU A 60 2.55 -2.87 9.28
N LYS A 61 3.22 -3.98 9.03
CA LYS A 61 4.28 -4.45 9.91
C LYS A 61 5.48 -3.52 9.85
N LYS A 62 5.59 -2.76 8.77
CA LYS A 62 6.69 -1.82 8.60
C LYS A 62 6.30 -0.43 9.11
N THR A 63 7.21 0.53 8.96
CA THR A 63 6.96 1.89 9.40
C THR A 63 7.15 2.89 8.26
N LYS A 64 6.62 4.09 8.44
CA LYS A 64 6.73 5.13 7.41
C LYS A 64 6.18 4.64 6.08
N GLN A 65 5.00 4.04 6.11
CA GLN A 65 4.36 3.53 4.90
C GLN A 65 3.13 4.35 4.54
N ILE A 66 2.21 4.48 5.49
CA ILE A 66 0.99 5.24 5.27
C ILE A 66 0.88 6.41 6.26
N LYS A 67 0.37 7.53 5.78
CA LYS A 67 0.20 8.71 6.62
C LYS A 67 -1.14 8.70 7.33
N SER A 68 -2.21 8.45 6.57
CA SER A 68 -3.56 8.41 7.12
C SER A 68 -4.49 7.59 6.23
N VAL A 69 -5.52 7.02 6.83
CA VAL A 69 -6.49 6.21 6.09
C VAL A 69 -7.06 6.99 4.91
N ASP A 70 -7.07 8.31 5.03
CA ASP A 70 -7.60 9.17 3.97
C ASP A 70 -6.74 9.07 2.72
N ASP A 71 -5.47 8.70 2.91
CA ASP A 71 -4.55 8.57 1.79
C ASP A 71 -4.77 7.27 1.04
N VAL A 72 -5.37 6.29 1.73
CA VAL A 72 -5.64 4.99 1.13
C VAL A 72 -6.89 5.04 0.26
N GLU A 73 -6.80 4.48 -0.94
CA GLU A 73 -7.93 4.46 -1.86
C GLU A 73 -8.72 3.16 -1.73
N GLY A 74 -10.00 3.21 -2.09
CA GLY A 74 -10.84 2.04 -2.01
C GLY A 74 -10.74 1.35 -0.66
N ILE A 75 -10.34 2.10 0.36
CA ILE A 75 -10.20 1.56 1.70
C ILE A 75 -11.57 1.31 2.34
N GLU A 76 -12.53 2.17 2.02
CA GLU A 76 -13.87 2.05 2.56
C GLU A 76 -14.57 0.80 2.01
N SER A 77 -13.95 0.19 1.01
CA SER A 77 -14.51 -1.01 0.40
C SER A 77 -14.04 -2.27 1.12
N LEU A 78 -12.99 -2.14 1.91
CA LEU A 78 -12.43 -3.25 2.66
C LEU A 78 -13.35 -3.64 3.81
N ARG A 79 -13.12 -4.81 4.38
CA ARG A 79 -13.92 -5.29 5.50
C ARG A 79 -13.60 -4.53 6.78
N TRP A 80 -14.60 -4.33 7.62
CA TRP A 80 -14.42 -3.62 8.88
C TRP A 80 -13.07 -3.94 9.50
N GLU A 81 -12.83 -5.22 9.76
CA GLU A 81 -11.57 -5.66 10.35
C GLU A 81 -10.38 -5.08 9.59
N ASP A 82 -10.49 -5.05 8.26
CA ASP A 82 -9.43 -4.53 7.42
C ASP A 82 -9.27 -3.03 7.62
N GLN A 83 -10.36 -2.30 7.43
CA GLN A 83 -10.34 -0.84 7.59
C GLN A 83 -9.73 -0.44 8.92
N GLN A 84 -9.94 -1.28 9.94
CA GLN A 84 -9.41 -1.02 11.27
C GLN A 84 -7.88 -1.08 11.27
N LYS A 85 -7.34 -2.09 10.59
CA LYS A 85 -5.90 -2.26 10.51
C LYS A 85 -5.22 -1.01 9.97
N ILE A 86 -5.94 -0.26 9.15
CA ILE A 86 -5.41 0.96 8.57
C ILE A 86 -5.39 2.09 9.59
N ARG A 87 -6.59 2.54 9.99
CA ARG A 87 -6.71 3.61 10.96
C ARG A 87 -5.93 3.30 12.23
N LYS A 88 -5.97 2.03 12.65
CA LYS A 88 -5.26 1.59 13.85
C LYS A 88 -3.75 1.52 13.59
N TYR A 89 -3.34 1.94 12.40
CA TYR A 89 -1.93 1.92 12.03
C TYR A 89 -1.42 3.34 11.82
N VAL A 90 -2.24 4.18 11.20
CA VAL A 90 -1.87 5.56 10.92
C VAL A 90 -1.90 6.39 12.21
N GLU A 91 -2.75 6.00 13.14
CA GLU A 91 -2.87 6.72 14.41
C GLU A 91 -1.78 6.28 15.38
N SER A 92 -1.66 4.97 15.58
CA SER A 92 -0.66 4.42 16.49
C SER A 92 0.65 4.15 15.76
N GLY A 93 1.72 3.98 16.53
CA GLY A 93 3.02 3.72 15.94
C GLY A 93 3.02 2.48 15.06
N ALA A 94 3.23 2.67 13.76
CA ALA A 94 3.24 1.56 12.81
C ALA A 94 4.10 0.41 13.34
N GLY A 95 3.61 -0.81 13.18
CA GLY A 95 4.34 -1.97 13.64
C GLY A 95 4.54 -1.97 15.14
N SER A 96 4.69 -3.17 15.72
CA SER A 96 4.88 -3.30 17.15
C SER A 96 6.37 -3.40 17.50
N ASN A 97 7.07 -4.27 16.78
CA ASN A 97 8.50 -4.47 17.00
C ASN A 97 9.31 -3.32 16.43
N THR A 98 10.60 -3.28 16.76
CA THR A 98 11.49 -2.23 16.27
C THR A 98 11.96 -2.53 14.85
N SER A 99 11.06 -3.02 14.01
CA SER A 99 11.39 -3.35 12.63
C SER A 99 11.96 -2.12 11.91
N THR A 100 12.81 -2.37 10.92
CA THR A 100 13.41 -1.30 10.14
C THR A 100 12.89 -1.28 8.71
N SER A 101 13.05 -0.14 8.04
CA SER A 101 12.59 0.00 6.67
C SER A 101 13.67 -0.43 5.68
N THR A 102 13.34 -1.42 4.86
CA THR A 102 14.28 -1.94 3.86
C THR A 102 14.09 -1.24 2.52
N GLY A 103 12.88 -1.32 1.98
CA GLY A 103 12.60 -0.69 0.70
C GLY A 103 13.31 -1.37 -0.44
N THR A 104 13.30 -0.72 -1.61
CA THR A 104 13.96 -1.27 -2.79
C THR A 104 15.48 -1.23 -2.65
N SER A 105 16.05 -2.34 -2.22
CA SER A 105 17.50 -2.43 -2.03
C SER A 105 18.14 -3.24 -3.16
N THR A 106 17.67 -4.46 -3.35
CA THR A 106 18.19 -5.34 -4.39
C THR A 106 17.61 -4.98 -5.75
N SER A 107 16.29 -4.80 -5.81
CA SER A 107 15.61 -4.46 -7.04
C SER A 107 15.20 -2.99 -7.05
N SER A 108 15.95 -2.18 -7.78
CA SER A 108 15.67 -0.75 -7.87
C SER A 108 14.28 -0.50 -8.44
N SER A 109 13.96 -1.16 -9.54
CA SER A 109 12.66 -1.01 -10.19
C SER A 109 12.13 -2.36 -10.66
N GLY A 110 10.98 -2.77 -10.12
CA GLY A 110 10.39 -4.03 -10.50
C GLY A 110 10.29 -4.20 -12.01
N PRO A 111 9.94 -5.42 -12.44
CA PRO A 111 9.82 -5.74 -13.87
C PRO A 111 8.61 -5.06 -14.51
N SER A 112 8.84 -4.38 -15.63
CA SER A 112 7.77 -3.68 -16.34
C SER A 112 6.49 -4.50 -16.32
N SER A 113 6.61 -5.80 -16.56
CA SER A 113 5.46 -6.69 -16.59
C SER A 113 5.57 -7.73 -15.48
N GLY A 114 5.10 -7.38 -14.29
CA GLY A 114 5.14 -8.29 -13.16
C GLY A 114 3.77 -8.83 -12.79
N GLY A 1 -13.17 7.83 -11.15
CA GLY A 1 -12.86 6.44 -10.88
C GLY A 1 -12.09 5.79 -12.01
N SER A 2 -12.52 6.04 -13.24
CA SER A 2 -11.87 5.46 -14.42
C SER A 2 -11.42 6.55 -15.38
N SER A 3 -12.33 7.47 -15.69
CA SER A 3 -12.04 8.57 -16.60
C SER A 3 -12.37 9.92 -15.96
N GLY A 4 -11.46 10.87 -16.12
CA GLY A 4 -11.67 12.19 -15.55
C GLY A 4 -11.75 12.17 -14.03
N SER A 5 -10.80 12.84 -13.39
CA SER A 5 -10.76 12.89 -11.93
C SER A 5 -9.67 13.82 -11.45
N SER A 6 -9.62 14.04 -10.13
CA SER A 6 -8.62 14.93 -9.55
C SER A 6 -7.98 14.28 -8.30
N GLY A 7 -6.73 14.63 -8.04
CA GLY A 7 -6.03 14.08 -6.90
C GLY A 7 -5.84 12.58 -7.00
N HIS A 8 -4.67 12.11 -6.58
CA HIS A 8 -4.38 10.68 -6.64
C HIS A 8 -3.77 10.24 -5.32
N LYS A 9 -4.42 9.25 -4.70
CA LYS A 9 -3.96 8.70 -3.43
C LYS A 9 -2.71 7.86 -3.61
N PRO A 10 -1.78 7.96 -2.65
CA PRO A 10 -0.52 7.21 -2.69
C PRO A 10 -0.73 5.71 -2.46
N TRP A 11 -1.65 5.38 -1.56
CA TRP A 11 -1.95 3.99 -1.26
C TRP A 11 -3.34 3.60 -1.75
N ARG A 12 -3.52 2.32 -2.07
CA ARG A 12 -4.80 1.83 -2.55
C ARG A 12 -5.25 0.60 -1.76
N ALA A 13 -6.56 0.38 -1.71
CA ALA A 13 -7.11 -0.76 -0.99
C ALA A 13 -8.14 -1.50 -1.85
N GLU A 14 -7.92 -2.80 -2.02
CA GLU A 14 -8.83 -3.62 -2.83
C GLU A 14 -8.45 -5.09 -2.72
N TYR A 15 -9.43 -5.97 -2.97
CA TYR A 15 -9.20 -7.41 -2.91
C TYR A 15 -8.70 -7.93 -4.25
N ALA A 16 -7.66 -8.76 -4.21
CA ALA A 16 -7.08 -9.33 -5.41
C ALA A 16 -8.12 -10.15 -6.18
N LYS A 17 -7.92 -10.28 -7.49
CA LYS A 17 -8.84 -11.02 -8.33
C LYS A 17 -8.22 -12.35 -8.75
N SER A 18 -6.90 -12.40 -8.80
CA SER A 18 -6.18 -13.60 -9.18
C SER A 18 -4.91 -13.78 -8.36
N SER A 19 -4.37 -14.99 -8.34
CA SER A 19 -3.17 -15.30 -7.59
C SER A 19 -1.94 -15.19 -8.48
N ARG A 20 -1.92 -14.18 -9.34
CA ARG A 20 -0.79 -13.96 -10.25
C ARG A 20 0.24 -13.02 -9.63
N SER A 21 -0.25 -11.93 -9.03
CA SER A 21 0.61 -10.95 -8.41
C SER A 21 1.32 -11.53 -7.19
N SER A 22 2.55 -11.08 -6.94
CA SER A 22 3.32 -11.56 -5.81
C SER A 22 3.87 -10.40 -4.99
N CYS A 23 3.74 -10.50 -3.66
CA CYS A 23 4.21 -9.46 -2.77
C CYS A 23 5.69 -9.15 -3.03
N LYS A 24 6.13 -7.99 -2.56
CA LYS A 24 7.52 -7.57 -2.74
C LYS A 24 8.26 -7.56 -1.40
N THR A 25 7.52 -7.34 -0.32
CA THR A 25 8.10 -7.30 1.01
C THR A 25 8.53 -8.69 1.48
N CYS A 26 7.66 -9.68 1.25
CA CYS A 26 7.95 -11.05 1.63
C CYS A 26 8.33 -11.89 0.41
N LYS A 27 7.98 -11.39 -0.77
CA LYS A 27 8.29 -12.09 -2.01
C LYS A 27 7.45 -13.36 -2.14
N SER A 28 6.16 -13.25 -1.83
CA SER A 28 5.25 -14.38 -1.91
C SER A 28 4.09 -14.09 -2.85
N VAL A 29 3.25 -15.10 -3.08
CA VAL A 29 2.10 -14.95 -3.96
C VAL A 29 0.90 -14.40 -3.20
N ILE A 30 0.15 -13.52 -3.86
CA ILE A 30 -1.03 -12.92 -3.25
C ILE A 30 -2.32 -13.48 -3.87
N ASN A 31 -2.83 -14.56 -3.29
CA ASN A 31 -4.04 -15.20 -3.79
C ASN A 31 -5.20 -14.20 -3.78
N LYS A 32 -6.13 -14.38 -4.71
CA LYS A 32 -7.29 -13.50 -4.82
C LYS A 32 -8.16 -13.60 -3.57
N GLU A 33 -9.05 -12.62 -3.39
CA GLU A 33 -9.93 -12.60 -2.23
C GLU A 33 -9.17 -12.24 -0.96
N ASN A 34 -8.06 -11.53 -1.13
CA ASN A 34 -7.23 -11.12 0.00
C ASN A 34 -7.01 -9.62 -0.01
N PHE A 35 -7.05 -9.01 1.17
CA PHE A 35 -6.84 -7.57 1.30
C PHE A 35 -5.36 -7.22 1.21
N ARG A 36 -4.97 -6.62 0.09
CA ARG A 36 -3.58 -6.23 -0.13
C ARG A 36 -3.44 -4.71 -0.17
N LEU A 37 -2.22 -4.24 -0.42
CA LEU A 37 -1.96 -2.81 -0.49
C LEU A 37 -0.99 -2.49 -1.63
N GLY A 38 -1.36 -1.53 -2.46
CA GLY A 38 -0.52 -1.14 -3.58
C GLY A 38 -0.01 0.28 -3.47
N LYS A 39 1.30 0.45 -3.46
CA LYS A 39 1.91 1.77 -3.36
C LYS A 39 2.01 2.43 -4.73
N LEU A 40 1.09 3.35 -5.01
CA LEU A 40 1.08 4.05 -6.28
C LEU A 40 2.23 5.06 -6.37
N VAL A 41 3.23 4.73 -7.17
CA VAL A 41 4.38 5.61 -7.34
C VAL A 41 4.45 6.16 -8.76
N GLN A 42 4.77 7.45 -8.88
CA GLN A 42 4.86 8.10 -10.17
C GLN A 42 6.27 7.94 -10.76
N SER A 43 6.42 6.98 -11.67
CA SER A 43 7.70 6.72 -12.30
C SER A 43 7.95 7.70 -13.45
N THR A 44 9.11 7.56 -14.09
CA THR A 44 9.47 8.44 -15.20
C THR A 44 8.30 8.63 -16.15
N HIS A 45 8.22 9.80 -16.75
CA HIS A 45 7.14 10.10 -17.68
C HIS A 45 6.98 8.94 -18.66
N PHE A 46 8.11 8.54 -19.24
CA PHE A 46 8.12 7.44 -20.21
C PHE A 46 7.16 6.34 -19.79
N ASP A 47 7.31 5.87 -18.56
CA ASP A 47 6.44 4.81 -18.04
C ASP A 47 5.31 5.40 -17.21
N GLY A 48 4.32 4.56 -16.90
CA GLY A 48 3.19 5.01 -16.10
C GLY A 48 3.42 4.87 -14.61
N ILE A 49 2.52 4.16 -13.94
CA ILE A 49 2.63 3.95 -12.50
C ILE A 49 2.64 2.47 -12.17
N MET A 50 3.68 2.03 -11.46
CA MET A 50 3.82 0.63 -11.06
C MET A 50 3.33 0.42 -9.64
N PRO A 51 2.12 -0.14 -9.49
CA PRO A 51 1.53 -0.40 -8.18
C PRO A 51 2.24 -1.53 -7.44
N MET A 52 3.01 -1.16 -6.42
CA MET A 52 3.74 -2.13 -5.63
C MET A 52 2.79 -2.97 -4.77
N TRP A 53 2.43 -4.14 -5.27
CA TRP A 53 1.53 -5.03 -4.55
C TRP A 53 2.22 -5.65 -3.34
N ASN A 54 1.61 -5.51 -2.17
CA ASN A 54 2.16 -6.06 -0.94
C ASN A 54 1.06 -6.39 0.06
N HIS A 55 1.17 -7.55 0.67
CA HIS A 55 0.17 -7.97 1.65
C HIS A 55 -0.08 -6.84 2.64
N ALA A 56 -1.37 -6.57 2.86
CA ALA A 56 -1.77 -5.51 3.79
C ALA A 56 -1.08 -5.66 5.14
N SER A 57 -0.63 -6.87 5.43
CA SER A 57 0.05 -7.16 6.68
C SER A 57 1.56 -6.97 6.55
N CYS A 58 2.05 -7.07 5.32
CA CYS A 58 3.47 -6.91 5.05
C CYS A 58 3.88 -5.44 5.10
N ILE A 59 2.92 -4.56 4.80
CA ILE A 59 3.18 -3.13 4.82
C ILE A 59 2.89 -2.54 6.19
N LEU A 60 1.68 -2.77 6.68
CA LEU A 60 1.28 -2.26 7.99
C LEU A 60 2.32 -2.59 9.06
N LYS A 61 2.99 -3.73 8.87
CA LYS A 61 4.02 -4.17 9.81
C LYS A 61 5.26 -3.27 9.72
N LYS A 62 5.50 -2.71 8.54
CA LYS A 62 6.64 -1.84 8.33
C LYS A 62 6.41 -0.47 8.97
N THR A 63 7.36 0.44 8.78
CA THR A 63 7.26 1.78 9.34
C THR A 63 7.30 2.84 8.24
N LYS A 64 6.72 4.01 8.54
CA LYS A 64 6.69 5.10 7.58
C LYS A 64 6.15 4.63 6.22
N GLN A 65 4.98 3.99 6.25
CA GLN A 65 4.36 3.50 5.04
C GLN A 65 3.15 4.35 4.66
N ILE A 66 2.25 4.54 5.62
CA ILE A 66 1.04 5.33 5.39
C ILE A 66 0.94 6.47 6.40
N LYS A 67 0.43 7.61 5.94
CA LYS A 67 0.27 8.79 6.79
C LYS A 67 -1.09 8.77 7.48
N SER A 68 -2.13 8.46 6.71
CA SER A 68 -3.49 8.41 7.26
C SER A 68 -4.40 7.60 6.35
N VAL A 69 -5.48 7.06 6.92
CA VAL A 69 -6.43 6.27 6.16
C VAL A 69 -6.98 7.05 4.98
N ASP A 70 -6.84 8.37 5.04
CA ASP A 70 -7.32 9.24 3.97
C ASP A 70 -6.43 9.12 2.73
N ASP A 71 -5.18 8.73 2.95
CA ASP A 71 -4.23 8.57 1.85
C ASP A 71 -4.46 7.25 1.12
N VAL A 72 -5.24 6.37 1.72
CA VAL A 72 -5.53 5.07 1.13
C VAL A 72 -6.86 5.10 0.38
N GLU A 73 -6.84 4.69 -0.89
CA GLU A 73 -8.03 4.68 -1.71
C GLU A 73 -8.72 3.31 -1.65
N GLY A 74 -10.01 3.30 -1.94
CA GLY A 74 -10.76 2.05 -1.92
C GLY A 74 -10.77 1.42 -0.54
N ILE A 75 -10.28 2.16 0.45
CA ILE A 75 -10.24 1.65 1.82
C ILE A 75 -11.64 1.44 2.38
N GLU A 76 -12.62 2.11 1.79
CA GLU A 76 -14.01 2.00 2.22
C GLU A 76 -14.63 0.71 1.71
N SER A 77 -13.96 0.08 0.73
CA SER A 77 -14.46 -1.16 0.15
C SER A 77 -13.90 -2.37 0.90
N LEU A 78 -12.98 -2.11 1.81
CA LEU A 78 -12.36 -3.18 2.60
C LEU A 78 -13.24 -3.57 3.78
N ARG A 79 -13.09 -4.80 4.25
CA ARG A 79 -13.87 -5.30 5.38
C ARG A 79 -13.55 -4.50 6.65
N TRP A 80 -14.57 -4.31 7.48
CA TRP A 80 -14.41 -3.56 8.73
C TRP A 80 -13.05 -3.86 9.36
N GLU A 81 -12.81 -5.13 9.67
CA GLU A 81 -11.56 -5.54 10.28
C GLU A 81 -10.37 -4.97 9.52
N ASP A 82 -10.46 -4.96 8.20
CA ASP A 82 -9.40 -4.45 7.34
C ASP A 82 -9.24 -2.94 7.54
N GLN A 83 -10.34 -2.21 7.39
CA GLN A 83 -10.33 -0.76 7.54
C GLN A 83 -9.74 -0.37 8.89
N GLN A 84 -9.85 -1.25 9.87
CA GLN A 84 -9.35 -1.00 11.21
C GLN A 84 -7.82 -1.07 11.23
N LYS A 85 -7.28 -2.05 10.50
CA LYS A 85 -5.83 -2.23 10.43
C LYS A 85 -5.14 -0.97 9.94
N ILE A 86 -5.85 -0.19 9.11
CA ILE A 86 -5.30 1.04 8.58
C ILE A 86 -5.30 2.15 9.62
N ARG A 87 -6.50 2.59 10.01
CA ARG A 87 -6.64 3.64 11.00
C ARG A 87 -5.89 3.29 12.28
N LYS A 88 -5.96 2.03 12.68
CA LYS A 88 -5.28 1.57 13.89
C LYS A 88 -3.77 1.49 13.67
N TYR A 89 -3.34 1.87 12.47
CA TYR A 89 -1.92 1.84 12.13
C TYR A 89 -1.38 3.26 11.93
N VAL A 90 -2.19 4.10 11.30
CA VAL A 90 -1.80 5.48 11.03
C VAL A 90 -1.95 6.35 12.28
N GLU A 91 -2.81 5.90 13.19
CA GLU A 91 -3.06 6.64 14.43
C GLU A 91 -2.11 6.18 15.53
N SER A 92 -2.03 4.86 15.72
CA SER A 92 -1.16 4.29 16.74
C SER A 92 0.08 3.67 16.12
N GLY A 93 -0.14 2.81 15.12
CA GLY A 93 0.97 2.16 14.45
C GLY A 93 1.93 3.14 13.81
N ALA A 94 2.67 2.68 12.81
CA ALA A 94 3.62 3.54 12.11
C ALA A 94 2.91 4.48 11.16
N GLY A 95 2.69 5.72 11.60
CA GLY A 95 2.03 6.70 10.76
C GLY A 95 2.59 8.09 10.94
N SER A 96 2.79 8.49 12.19
CA SER A 96 3.33 9.81 12.50
C SER A 96 4.67 10.03 11.82
N ASN A 97 5.21 11.23 11.95
CA ASN A 97 6.49 11.57 11.34
C ASN A 97 7.59 11.68 12.41
N THR A 98 8.50 10.71 12.42
CA THR A 98 9.58 10.69 13.38
C THR A 98 10.95 10.68 12.68
N SER A 99 11.88 11.45 13.21
CA SER A 99 13.22 11.53 12.64
C SER A 99 14.19 10.59 13.36
N THR A 100 14.42 9.43 12.77
CA THR A 100 15.32 8.44 13.37
C THR A 100 16.27 7.88 12.33
N SER A 101 17.56 7.88 12.65
CA SER A 101 18.59 7.37 11.75
C SER A 101 18.28 5.94 11.33
N THR A 102 18.22 5.04 12.31
CA THR A 102 17.93 3.64 12.06
C THR A 102 16.45 3.42 11.76
N GLY A 103 16.13 3.15 10.50
CA GLY A 103 14.75 2.93 10.11
C GLY A 103 14.61 2.58 8.65
N THR A 104 14.03 3.48 7.87
CA THR A 104 13.83 3.25 6.45
C THR A 104 15.08 2.67 5.81
N SER A 105 14.92 2.12 4.60
CA SER A 105 16.05 1.52 3.88
C SER A 105 16.41 2.36 2.66
N THR A 106 17.48 1.97 1.98
CA THR A 106 17.94 2.68 0.79
C THR A 106 17.90 1.80 -0.44
N SER A 107 17.22 2.26 -1.49
CA SER A 107 17.11 1.50 -2.72
C SER A 107 18.28 1.79 -3.66
N SER A 108 18.38 1.03 -4.74
CA SER A 108 19.44 1.21 -5.71
C SER A 108 19.16 0.44 -6.99
N SER A 109 20.05 0.56 -7.96
CA SER A 109 19.89 -0.13 -9.24
C SER A 109 21.18 -0.05 -10.06
N GLY A 110 21.32 -0.98 -11.01
CA GLY A 110 22.50 -1.01 -11.85
C GLY A 110 22.32 -0.23 -13.13
N PRO A 111 23.37 0.51 -13.54
CA PRO A 111 23.33 1.32 -14.76
C PRO A 111 23.33 0.46 -16.02
N SER A 112 23.18 1.11 -17.17
CA SER A 112 23.15 0.40 -18.45
C SER A 112 24.49 0.51 -19.16
N SER A 113 25.01 -0.61 -19.62
CA SER A 113 26.29 -0.64 -20.32
C SER A 113 26.23 0.19 -21.60
N GLY A 114 25.52 -0.32 -22.60
CA GLY A 114 25.39 0.39 -23.86
C GLY A 114 26.71 0.48 -24.60
N GLY A 1 -6.20 8.51 -22.56
CA GLY A 1 -7.06 9.69 -22.60
C GLY A 1 -7.96 9.79 -21.39
N SER A 2 -7.55 10.59 -20.42
CA SER A 2 -8.32 10.77 -19.19
C SER A 2 -8.29 12.23 -18.74
N SER A 3 -9.15 12.56 -17.79
CA SER A 3 -9.23 13.92 -17.27
C SER A 3 -7.97 14.28 -16.49
N GLY A 4 -7.66 13.46 -15.48
CA GLY A 4 -6.48 13.71 -14.67
C GLY A 4 -6.69 14.81 -13.66
N SER A 5 -5.97 14.73 -12.53
CA SER A 5 -6.09 15.72 -11.48
C SER A 5 -5.01 15.54 -10.43
N SER A 6 -4.66 16.63 -9.74
CA SER A 6 -3.63 16.58 -8.71
C SER A 6 -4.21 16.17 -7.36
N GLY A 7 -3.90 14.95 -6.94
CA GLY A 7 -4.41 14.46 -5.66
C GLY A 7 -4.63 12.96 -5.67
N HIS A 8 -3.73 12.24 -6.33
CA HIS A 8 -3.85 10.79 -6.41
C HIS A 8 -3.33 10.17 -5.11
N LYS A 9 -4.11 9.24 -4.57
CA LYS A 9 -3.76 8.55 -3.34
C LYS A 9 -2.50 7.70 -3.53
N PRO A 10 -1.58 7.81 -2.57
CA PRO A 10 -0.31 7.06 -2.61
C PRO A 10 -0.52 5.56 -2.38
N TRP A 11 -1.54 5.22 -1.62
CA TRP A 11 -1.85 3.83 -1.32
C TRP A 11 -3.25 3.46 -1.81
N ARG A 12 -3.43 2.19 -2.14
CA ARG A 12 -4.72 1.71 -2.63
C ARG A 12 -5.17 0.48 -1.86
N ALA A 13 -6.49 0.26 -1.79
CA ALA A 13 -7.03 -0.89 -1.09
C ALA A 13 -8.07 -1.61 -1.94
N GLU A 14 -7.87 -2.91 -2.14
CA GLU A 14 -8.79 -3.71 -2.94
C GLU A 14 -8.40 -5.18 -2.90
N TYR A 15 -9.40 -6.05 -2.92
CA TYR A 15 -9.16 -7.49 -2.90
C TYR A 15 -8.65 -7.99 -4.23
N ALA A 16 -7.50 -8.66 -4.22
CA ALA A 16 -6.90 -9.18 -5.44
C ALA A 16 -7.86 -10.13 -6.15
N LYS A 17 -8.10 -9.87 -7.43
CA LYS A 17 -8.99 -10.70 -8.23
C LYS A 17 -8.21 -11.76 -9.00
N SER A 18 -7.08 -12.17 -8.44
CA SER A 18 -6.23 -13.18 -9.07
C SER A 18 -5.07 -13.57 -8.17
N SER A 19 -4.28 -14.54 -8.61
CA SER A 19 -3.13 -15.01 -7.83
C SER A 19 -1.88 -15.06 -8.69
N ARG A 20 -1.75 -14.09 -9.60
CA ARG A 20 -0.59 -14.01 -10.48
C ARG A 20 0.49 -13.12 -9.90
N SER A 21 0.07 -12.01 -9.29
CA SER A 21 1.00 -11.07 -8.68
C SER A 21 1.69 -11.68 -7.47
N SER A 22 2.81 -11.08 -7.07
CA SER A 22 3.57 -11.57 -5.92
C SER A 22 4.07 -10.41 -5.07
N CYS A 23 3.81 -10.49 -3.77
CA CYS A 23 4.23 -9.45 -2.84
C CYS A 23 5.69 -9.09 -3.06
N LYS A 24 6.08 -7.89 -2.60
CA LYS A 24 7.45 -7.43 -2.75
C LYS A 24 8.19 -7.49 -1.41
N THR A 25 7.44 -7.35 -0.32
CA THR A 25 8.03 -7.39 1.01
C THR A 25 8.49 -8.79 1.37
N CYS A 26 7.60 -9.77 1.21
CA CYS A 26 7.92 -11.16 1.51
C CYS A 26 8.32 -11.91 0.25
N LYS A 27 7.98 -11.35 -0.91
CA LYS A 27 8.30 -11.97 -2.19
C LYS A 27 7.52 -13.26 -2.38
N SER A 28 6.23 -13.22 -2.05
CA SER A 28 5.38 -14.40 -2.19
C SER A 28 4.20 -14.10 -3.10
N VAL A 29 3.32 -15.09 -3.26
CA VAL A 29 2.13 -14.92 -4.10
C VAL A 29 0.95 -14.41 -3.30
N ILE A 30 0.14 -13.55 -3.92
CA ILE A 30 -1.03 -12.98 -3.27
C ILE A 30 -2.31 -13.60 -3.79
N ASN A 31 -2.75 -14.70 -3.18
CA ASN A 31 -3.96 -15.38 -3.60
C ASN A 31 -5.14 -14.42 -3.61
N LYS A 32 -5.91 -14.45 -4.70
CA LYS A 32 -7.08 -13.59 -4.84
C LYS A 32 -7.99 -13.70 -3.62
N GLU A 33 -8.89 -12.74 -3.47
CA GLU A 33 -9.83 -12.73 -2.35
C GLU A 33 -9.10 -12.37 -1.05
N ASN A 34 -8.00 -11.65 -1.18
CA ASN A 34 -7.22 -11.24 -0.01
C ASN A 34 -7.00 -9.74 -0.01
N PHE A 35 -7.04 -9.14 1.17
CA PHE A 35 -6.84 -7.69 1.31
C PHE A 35 -5.37 -7.33 1.18
N ARG A 36 -5.02 -6.65 0.10
CA ARG A 36 -3.64 -6.24 -0.13
C ARG A 36 -3.52 -4.71 -0.18
N LEU A 37 -2.30 -4.22 -0.38
CA LEU A 37 -2.06 -2.79 -0.45
C LEU A 37 -1.09 -2.45 -1.59
N GLY A 38 -1.49 -1.50 -2.42
CA GLY A 38 -0.64 -1.11 -3.54
C GLY A 38 -0.11 0.30 -3.39
N LYS A 39 1.21 0.43 -3.25
CA LYS A 39 1.84 1.73 -3.09
C LYS A 39 2.03 2.41 -4.45
N LEU A 40 1.10 3.28 -4.80
CA LEU A 40 1.16 4.00 -6.08
C LEU A 40 2.37 4.91 -6.12
N VAL A 41 3.39 4.52 -6.89
CA VAL A 41 4.60 5.31 -7.02
C VAL A 41 4.71 5.92 -8.42
N GLN A 42 5.52 6.97 -8.54
CA GLN A 42 5.71 7.63 -9.82
C GLN A 42 7.07 7.26 -10.42
N SER A 43 7.04 6.82 -11.67
CA SER A 43 8.28 6.44 -12.36
C SER A 43 9.30 7.56 -12.31
N THR A 44 8.97 8.70 -12.92
CA THR A 44 9.86 9.84 -12.95
C THR A 44 9.25 11.02 -12.18
N HIS A 45 8.17 11.57 -12.71
CA HIS A 45 7.51 12.70 -12.08
C HIS A 45 6.02 12.42 -11.97
N PHE A 46 5.35 12.45 -13.12
CA PHE A 46 3.92 12.21 -13.18
C PHE A 46 3.58 11.26 -14.33
N ASP A 47 4.29 10.13 -14.39
CA ASP A 47 4.06 9.14 -15.42
C ASP A 47 4.41 7.74 -14.93
N GLY A 48 3.95 6.72 -15.65
CA GLY A 48 4.22 5.36 -15.26
C GLY A 48 4.00 5.11 -13.78
N ILE A 49 2.82 4.58 -13.45
CA ILE A 49 2.49 4.30 -12.06
C ILE A 49 2.48 2.80 -11.78
N MET A 50 3.43 2.34 -10.98
CA MET A 50 3.53 0.93 -10.64
C MET A 50 3.13 0.69 -9.19
N PRO A 51 1.89 0.21 -8.99
CA PRO A 51 1.35 -0.07 -7.66
C PRO A 51 2.02 -1.27 -7.01
N MET A 52 2.87 -1.01 -6.02
CA MET A 52 3.58 -2.08 -5.31
C MET A 52 2.60 -2.95 -4.53
N TRP A 53 2.21 -4.07 -5.14
CA TRP A 53 1.27 -4.98 -4.50
C TRP A 53 1.94 -5.73 -3.35
N ASN A 54 1.54 -5.41 -2.12
CA ASN A 54 2.10 -6.04 -0.94
C ASN A 54 1.01 -6.39 0.07
N HIS A 55 1.10 -7.59 0.62
CA HIS A 55 0.11 -8.03 1.60
C HIS A 55 -0.16 -6.92 2.61
N ALA A 56 -1.43 -6.68 2.88
CA ALA A 56 -1.84 -5.65 3.82
C ALA A 56 -1.14 -5.83 5.16
N SER A 57 -0.67 -7.05 5.43
CA SER A 57 0.01 -7.34 6.68
C SER A 57 1.52 -7.14 6.53
N CYS A 58 2.00 -7.22 5.30
CA CYS A 58 3.42 -7.05 5.02
C CYS A 58 3.81 -5.58 5.11
N ILE A 59 2.86 -4.69 4.86
CA ILE A 59 3.09 -3.26 4.92
C ILE A 59 2.84 -2.71 6.32
N LEU A 60 1.67 -3.01 6.86
CA LEU A 60 1.30 -2.56 8.19
C LEU A 60 2.37 -2.92 9.21
N LYS A 61 3.02 -4.06 8.99
CA LYS A 61 4.07 -4.53 9.89
C LYS A 61 5.27 -3.59 9.86
N LYS A 62 5.41 -2.85 8.76
CA LYS A 62 6.52 -1.92 8.61
C LYS A 62 6.14 -0.54 9.14
N THR A 63 7.06 0.41 8.99
CA THR A 63 6.81 1.78 9.45
C THR A 63 7.07 2.79 8.35
N LYS A 64 6.55 4.00 8.52
CA LYS A 64 6.74 5.06 7.54
C LYS A 64 6.19 4.63 6.17
N GLN A 65 5.02 4.02 6.17
CA GLN A 65 4.39 3.56 4.94
C GLN A 65 3.18 4.41 4.60
N ILE A 66 2.25 4.52 5.54
CA ILE A 66 1.05 5.32 5.34
C ILE A 66 0.93 6.43 6.37
N LYS A 67 0.45 7.59 5.94
CA LYS A 67 0.30 8.73 6.82
C LYS A 67 -1.09 8.73 7.46
N SER A 68 -2.12 8.56 6.64
CA SER A 68 -3.49 8.54 7.13
C SER A 68 -4.38 7.66 6.24
N VAL A 69 -5.44 7.12 6.82
CA VAL A 69 -6.37 6.27 6.08
C VAL A 69 -6.90 6.99 4.85
N ASP A 70 -6.94 8.31 4.92
CA ASP A 70 -7.43 9.11 3.80
C ASP A 70 -6.55 8.95 2.57
N ASP A 71 -5.25 8.73 2.81
CA ASP A 71 -4.29 8.56 1.73
C ASP A 71 -4.52 7.23 1.01
N VAL A 72 -5.25 6.33 1.67
CA VAL A 72 -5.53 5.01 1.10
C VAL A 72 -6.83 5.04 0.29
N GLU A 73 -6.75 4.49 -0.92
CA GLU A 73 -7.93 4.46 -1.81
C GLU A 73 -8.66 3.12 -1.67
N GLY A 74 -9.96 3.15 -1.94
CA GLY A 74 -10.77 1.94 -1.84
C GLY A 74 -10.71 1.33 -0.45
N ILE A 75 -10.33 2.12 0.54
CA ILE A 75 -10.25 1.65 1.91
C ILE A 75 -11.63 1.43 2.51
N GLU A 76 -12.63 2.13 1.95
CA GLU A 76 -14.00 2.00 2.43
C GLU A 76 -14.65 0.74 1.89
N SER A 77 -14.01 0.12 0.91
CA SER A 77 -14.55 -1.10 0.31
C SER A 77 -14.09 -2.33 1.08
N LEU A 78 -13.03 -2.17 1.86
CA LEU A 78 -12.49 -3.27 2.67
C LEU A 78 -13.42 -3.59 3.84
N ARG A 79 -13.21 -4.75 4.44
CA ARG A 79 -14.03 -5.17 5.58
C ARG A 79 -13.66 -4.38 6.84
N TRP A 80 -14.64 -4.16 7.70
CA TRP A 80 -14.42 -3.41 8.94
C TRP A 80 -13.06 -3.75 9.53
N GLU A 81 -12.84 -5.03 9.83
CA GLU A 81 -11.58 -5.48 10.41
C GLU A 81 -10.39 -4.92 9.62
N ASP A 82 -10.50 -4.95 8.30
CA ASP A 82 -9.43 -4.44 7.44
C ASP A 82 -9.26 -2.94 7.61
N GLN A 83 -10.35 -2.20 7.42
CA GLN A 83 -10.31 -0.75 7.55
C GLN A 83 -9.72 -0.33 8.89
N GLN A 84 -9.95 -1.16 9.92
CA GLN A 84 -9.42 -0.88 11.25
C GLN A 84 -7.90 -0.95 11.27
N LYS A 85 -7.36 -1.96 10.59
CA LYS A 85 -5.91 -2.15 10.52
C LYS A 85 -5.23 -0.89 9.99
N ILE A 86 -5.93 -0.15 9.14
CA ILE A 86 -5.39 1.07 8.56
C ILE A 86 -5.35 2.20 9.59
N ARG A 87 -6.53 2.67 9.99
CA ARG A 87 -6.63 3.74 10.97
C ARG A 87 -5.86 3.40 12.23
N LYS A 88 -5.94 2.15 12.65
CA LYS A 88 -5.23 1.70 13.85
C LYS A 88 -3.74 1.58 13.59
N TYR A 89 -3.32 1.96 12.39
CA TYR A 89 -1.90 1.91 12.03
C TYR A 89 -1.36 3.31 11.79
N VAL A 90 -2.15 4.16 11.15
CA VAL A 90 -1.74 5.53 10.86
C VAL A 90 -1.85 6.41 12.11
N GLU A 91 -2.86 6.14 12.93
CA GLU A 91 -3.07 6.91 14.14
C GLU A 91 -2.01 6.58 15.19
N SER A 92 -1.81 5.28 15.43
CA SER A 92 -0.83 4.83 16.41
C SER A 92 0.52 4.58 15.74
N GLY A 93 1.55 4.36 16.56
CA GLY A 93 2.87 4.10 16.03
C GLY A 93 2.94 2.84 15.20
N ALA A 94 3.31 2.99 13.94
CA ALA A 94 3.41 1.84 13.03
C ALA A 94 4.16 0.69 13.68
N GLY A 95 4.13 -0.47 13.03
CA GLY A 95 4.80 -1.64 13.57
C GLY A 95 6.24 -1.35 13.95
N SER A 96 6.96 -2.38 14.38
CA SER A 96 8.35 -2.24 14.79
C SER A 96 9.24 -1.98 13.57
N ASN A 97 10.31 -1.23 13.78
CA ASN A 97 11.25 -0.91 12.70
C ASN A 97 12.24 -2.05 12.49
N THR A 98 12.64 -2.26 11.24
CA THR A 98 13.58 -3.32 10.91
C THR A 98 14.74 -2.77 10.08
N SER A 99 15.95 -3.26 10.37
CA SER A 99 17.13 -2.82 9.66
C SER A 99 16.94 -2.94 8.15
N THR A 100 16.62 -4.16 7.69
CA THR A 100 16.42 -4.40 6.27
C THR A 100 17.33 -3.54 5.42
N SER A 101 18.58 -3.41 5.84
CA SER A 101 19.56 -2.61 5.12
C SER A 101 19.61 -3.02 3.65
N THR A 102 19.01 -2.19 2.79
CA THR A 102 18.99 -2.46 1.37
C THR A 102 18.07 -3.63 1.04
N GLY A 103 16.92 -3.69 1.71
CA GLY A 103 15.97 -4.76 1.49
C GLY A 103 15.60 -4.91 0.02
N THR A 104 14.87 -3.94 -0.50
CA THR A 104 14.44 -3.96 -1.89
C THR A 104 15.58 -3.54 -2.82
N SER A 105 15.46 -3.90 -4.09
CA SER A 105 16.48 -3.56 -5.09
C SER A 105 15.85 -2.98 -6.35
N THR A 106 16.49 -1.95 -6.89
CA THR A 106 15.98 -1.30 -8.10
C THR A 106 17.07 -1.19 -9.16
N SER A 107 17.02 -2.06 -10.16
CA SER A 107 18.00 -2.07 -11.23
C SER A 107 17.64 -3.08 -12.30
N SER A 108 18.05 -2.80 -13.53
CA SER A 108 17.76 -3.69 -14.66
C SER A 108 16.28 -4.07 -14.68
N SER A 109 15.42 -3.10 -14.43
CA SER A 109 13.98 -3.33 -14.42
C SER A 109 13.26 -2.31 -15.29
N GLY A 110 12.17 -2.75 -15.92
CA GLY A 110 11.40 -1.86 -16.78
C GLY A 110 9.93 -2.22 -16.82
N PRO A 111 9.11 -1.52 -16.02
CA PRO A 111 7.67 -1.77 -15.95
C PRO A 111 6.95 -1.33 -17.23
N SER A 112 5.68 -1.69 -17.32
CA SER A 112 4.88 -1.35 -18.50
C SER A 112 3.41 -1.20 -18.13
N SER A 113 2.78 -0.12 -18.59
CA SER A 113 1.38 0.14 -18.31
C SER A 113 0.84 1.26 -19.18
N GLY A 114 -0.47 1.27 -19.38
CA GLY A 114 -1.09 2.30 -20.20
C GLY A 114 -2.54 1.98 -20.53
N GLY A 1 -0.57 5.01 -16.10
CA GLY A 1 -1.51 5.94 -15.52
C GLY A 1 -2.02 6.96 -16.52
N SER A 2 -3.16 6.67 -17.13
CA SER A 2 -3.75 7.56 -18.12
C SER A 2 -3.56 9.02 -17.72
N SER A 3 -3.98 9.35 -16.50
CA SER A 3 -3.87 10.71 -15.99
C SER A 3 -3.37 10.71 -14.56
N GLY A 4 -2.13 11.17 -14.37
CA GLY A 4 -1.56 11.22 -13.04
C GLY A 4 -0.72 12.46 -12.80
N SER A 5 -1.38 13.56 -12.47
CA SER A 5 -0.70 14.83 -12.24
C SER A 5 -0.97 15.34 -10.83
N SER A 6 -0.21 14.83 -9.85
CA SER A 6 -0.37 15.23 -8.46
C SER A 6 -1.85 15.19 -8.06
N GLY A 7 -2.55 14.15 -8.47
CA GLY A 7 -3.96 14.02 -8.14
C GLY A 7 -4.39 12.58 -8.02
N HIS A 8 -3.80 11.86 -7.07
CA HIS A 8 -4.14 10.46 -6.87
C HIS A 8 -3.55 9.98 -5.54
N LYS A 9 -4.31 9.12 -4.87
CA LYS A 9 -3.89 8.57 -3.58
C LYS A 9 -2.62 7.74 -3.74
N PRO A 10 -1.71 7.85 -2.76
CA PRO A 10 -0.44 7.12 -2.77
C PRO A 10 -0.64 5.62 -2.53
N TRP A 11 -1.59 5.28 -1.68
CA TRP A 11 -1.88 3.88 -1.37
C TRP A 11 -3.24 3.48 -1.91
N ARG A 12 -3.38 2.21 -2.25
CA ARG A 12 -4.64 1.69 -2.78
C ARG A 12 -5.09 0.45 -2.01
N ALA A 13 -6.40 0.25 -1.94
CA ALA A 13 -6.96 -0.89 -1.23
C ALA A 13 -8.01 -1.60 -2.08
N GLU A 14 -7.81 -2.90 -2.30
CA GLU A 14 -8.73 -3.69 -3.10
C GLU A 14 -8.41 -5.18 -2.98
N TYR A 15 -9.46 -6.00 -3.03
CA TYR A 15 -9.31 -7.45 -2.93
C TYR A 15 -8.78 -8.03 -4.22
N ALA A 16 -7.71 -8.82 -4.12
CA ALA A 16 -7.10 -9.45 -5.29
C ALA A 16 -8.13 -10.28 -6.05
N LYS A 17 -7.98 -10.34 -7.37
CA LYS A 17 -8.89 -11.10 -8.21
C LYS A 17 -8.25 -12.42 -8.65
N SER A 18 -6.92 -12.43 -8.72
CA SER A 18 -6.19 -13.63 -9.12
C SER A 18 -4.89 -13.75 -8.34
N SER A 19 -4.40 -14.98 -8.21
CA SER A 19 -3.16 -15.25 -7.48
C SER A 19 -1.95 -15.07 -8.39
N ARG A 20 -1.99 -14.03 -9.22
CA ARG A 20 -0.90 -13.75 -10.14
C ARG A 20 0.10 -12.77 -9.53
N SER A 21 -0.44 -11.70 -8.92
CA SER A 21 0.41 -10.70 -8.28
C SER A 21 1.18 -11.28 -7.11
N SER A 22 2.39 -10.78 -6.90
CA SER A 22 3.23 -11.26 -5.80
C SER A 22 3.76 -10.09 -4.97
N CYS A 23 3.66 -10.23 -3.65
CA CYS A 23 4.12 -9.18 -2.74
C CYS A 23 5.59 -8.86 -3.00
N LYS A 24 6.01 -7.67 -2.56
CA LYS A 24 7.40 -7.24 -2.74
C LYS A 24 8.14 -7.22 -1.40
N THR A 25 7.39 -6.99 -0.32
CA THR A 25 7.98 -6.94 1.01
C THR A 25 8.45 -8.33 1.45
N CYS A 26 7.67 -9.35 1.09
CA CYS A 26 8.01 -10.73 1.45
C CYS A 26 8.35 -11.54 0.20
N LYS A 27 8.01 -11.00 -0.96
CA LYS A 27 8.28 -11.67 -2.23
C LYS A 27 7.50 -12.98 -2.33
N SER A 28 6.22 -12.93 -1.99
CA SER A 28 5.37 -14.11 -2.04
C SER A 28 4.16 -13.87 -2.94
N VAL A 29 3.36 -14.92 -3.12
CA VAL A 29 2.17 -14.83 -3.96
C VAL A 29 0.97 -14.31 -3.17
N ILE A 30 0.17 -13.47 -3.81
CA ILE A 30 -1.01 -12.91 -3.17
C ILE A 30 -2.29 -13.49 -3.76
N ASN A 31 -2.75 -14.59 -3.18
CA ASN A 31 -3.97 -15.25 -3.65
C ASN A 31 -5.14 -14.27 -3.66
N LYS A 32 -6.07 -14.50 -4.58
CA LYS A 32 -7.25 -13.64 -4.70
C LYS A 32 -8.11 -13.72 -3.45
N GLU A 33 -9.06 -12.79 -3.32
CA GLU A 33 -9.95 -12.76 -2.17
C GLU A 33 -9.18 -12.39 -0.90
N ASN A 34 -8.10 -11.64 -1.06
CA ASN A 34 -7.28 -11.24 0.07
C ASN A 34 -7.07 -9.72 0.08
N PHE A 35 -7.07 -9.13 1.27
CA PHE A 35 -6.89 -7.70 1.42
C PHE A 35 -5.41 -7.33 1.31
N ARG A 36 -5.04 -6.67 0.21
CA ARG A 36 -3.66 -6.26 -0.01
C ARG A 36 -3.55 -4.74 -0.09
N LEU A 37 -2.35 -4.25 -0.35
CA LEU A 37 -2.11 -2.81 -0.44
C LEU A 37 -1.13 -2.50 -1.58
N GLY A 38 -1.50 -1.55 -2.43
CA GLY A 38 -0.65 -1.17 -3.54
C GLY A 38 -0.12 0.25 -3.41
N LYS A 39 1.12 0.38 -2.97
CA LYS A 39 1.74 1.69 -2.80
C LYS A 39 2.11 2.29 -4.15
N LEU A 40 1.21 3.09 -4.71
CA LEU A 40 1.44 3.73 -6.00
C LEU A 40 2.66 4.63 -5.95
N VAL A 41 3.59 4.42 -6.86
CA VAL A 41 4.81 5.21 -6.92
C VAL A 41 4.94 5.92 -8.26
N GLN A 42 4.88 7.25 -8.23
CA GLN A 42 4.99 8.05 -9.45
C GLN A 42 6.41 7.97 -10.02
N SER A 43 6.51 7.51 -11.27
CA SER A 43 7.80 7.38 -11.93
C SER A 43 7.72 7.89 -13.37
N THR A 44 8.87 7.95 -14.03
CA THR A 44 8.94 8.41 -15.41
C THR A 44 7.94 7.67 -16.28
N HIS A 45 7.78 8.14 -17.52
CA HIS A 45 6.86 7.49 -18.44
C HIS A 45 6.90 5.98 -18.25
N PHE A 46 8.10 5.44 -18.34
CA PHE A 46 8.31 3.99 -18.18
C PHE A 46 8.08 3.57 -16.73
N ASP A 47 7.20 2.59 -16.55
CA ASP A 47 6.88 2.08 -15.22
C ASP A 47 6.32 3.19 -14.35
N GLY A 48 5.48 4.04 -14.94
CA GLY A 48 4.88 5.14 -14.20
C GLY A 48 3.72 4.68 -13.34
N ILE A 49 3.60 5.27 -12.15
CA ILE A 49 2.53 4.92 -11.22
C ILE A 49 2.43 3.41 -11.04
N MET A 50 3.55 2.79 -10.65
CA MET A 50 3.59 1.35 -10.43
C MET A 50 3.05 1.00 -9.06
N PRO A 51 1.89 0.35 -9.02
CA PRO A 51 1.24 -0.06 -7.77
C PRO A 51 1.99 -1.19 -7.08
N MET A 52 2.82 -0.84 -6.10
CA MET A 52 3.60 -1.82 -5.36
C MET A 52 2.68 -2.72 -4.54
N TRP A 53 2.35 -3.88 -5.10
CA TRP A 53 1.48 -4.83 -4.42
C TRP A 53 2.19 -5.47 -3.24
N ASN A 54 1.56 -5.41 -2.06
CA ASN A 54 2.14 -5.98 -0.85
C ASN A 54 1.05 -6.35 0.15
N HIS A 55 1.13 -7.55 0.69
CA HIS A 55 0.15 -8.02 1.65
C HIS A 55 -0.13 -6.90 2.67
N ALA A 56 -1.41 -6.69 2.95
CA ALA A 56 -1.84 -5.68 3.90
C ALA A 56 -1.12 -5.83 5.23
N SER A 57 -0.68 -7.06 5.52
CA SER A 57 0.03 -7.33 6.77
C SER A 57 1.51 -7.09 6.62
N CYS A 58 1.99 -7.13 5.38
CA CYS A 58 3.42 -6.90 5.11
C CYS A 58 3.76 -5.42 5.18
N ILE A 59 2.78 -4.58 4.86
CA ILE A 59 2.98 -3.13 4.90
C ILE A 59 2.78 -2.59 6.31
N LEU A 60 1.64 -2.89 6.91
CA LEU A 60 1.32 -2.43 8.26
C LEU A 60 2.45 -2.79 9.22
N LYS A 61 3.02 -3.98 9.04
CA LYS A 61 4.11 -4.44 9.90
C LYS A 61 5.34 -3.55 9.74
N LYS A 62 5.48 -2.95 8.57
CA LYS A 62 6.62 -2.07 8.29
C LYS A 62 6.38 -0.69 8.88
N THR A 63 7.38 0.19 8.73
CA THR A 63 7.28 1.55 9.25
C THR A 63 7.35 2.58 8.12
N LYS A 64 6.77 3.75 8.36
CA LYS A 64 6.76 4.82 7.37
C LYS A 64 6.17 4.33 6.05
N GLN A 65 4.98 3.74 6.13
CA GLN A 65 4.31 3.23 4.94
C GLN A 65 3.11 4.12 4.57
N ILE A 66 2.20 4.28 5.52
CA ILE A 66 1.01 5.09 5.29
C ILE A 66 0.89 6.18 6.35
N LYS A 67 0.59 7.40 5.90
CA LYS A 67 0.44 8.54 6.81
C LYS A 67 -0.93 8.52 7.46
N SER A 68 -1.97 8.46 6.64
CA SER A 68 -3.35 8.45 7.14
C SER A 68 -4.25 7.65 6.21
N VAL A 69 -5.32 7.08 6.78
CA VAL A 69 -6.26 6.29 6.01
C VAL A 69 -6.82 7.08 4.84
N ASP A 70 -6.81 8.40 4.96
CA ASP A 70 -7.30 9.28 3.90
C ASP A 70 -6.45 9.14 2.64
N ASP A 71 -5.20 8.74 2.82
CA ASP A 71 -4.28 8.57 1.70
C ASP A 71 -4.55 7.26 0.97
N VAL A 72 -5.16 6.31 1.68
CA VAL A 72 -5.48 5.01 1.09
C VAL A 72 -6.77 5.06 0.28
N GLU A 73 -6.71 4.52 -0.93
CA GLU A 73 -7.89 4.52 -1.81
C GLU A 73 -8.64 3.19 -1.69
N GLY A 74 -9.94 3.23 -1.99
CA GLY A 74 -10.74 2.02 -1.92
C GLY A 74 -10.71 1.39 -0.54
N ILE A 75 -10.30 2.16 0.46
CA ILE A 75 -10.22 1.66 1.82
C ILE A 75 -11.61 1.36 2.38
N GLU A 76 -12.59 2.14 1.96
CA GLU A 76 -13.96 1.95 2.41
C GLU A 76 -14.55 0.65 1.87
N SER A 77 -13.93 0.14 0.81
CA SER A 77 -14.39 -1.10 0.20
C SER A 77 -13.88 -2.32 0.96
N LEU A 78 -12.79 -2.12 1.70
CA LEU A 78 -12.19 -3.19 2.48
C LEU A 78 -13.09 -3.59 3.65
N ARG A 79 -12.97 -4.84 4.09
CA ARG A 79 -13.77 -5.34 5.19
C ARG A 79 -13.54 -4.52 6.46
N TRP A 80 -14.59 -4.31 7.23
CA TRP A 80 -14.50 -3.55 8.47
C TRP A 80 -13.17 -3.81 9.18
N GLU A 81 -12.94 -5.07 9.52
CA GLU A 81 -11.71 -5.46 10.21
C GLU A 81 -10.48 -4.91 9.48
N ASP A 82 -10.52 -4.96 8.15
CA ASP A 82 -9.41 -4.47 7.34
C ASP A 82 -9.25 -2.97 7.49
N GLN A 83 -10.35 -2.24 7.30
CA GLN A 83 -10.33 -0.79 7.43
C GLN A 83 -9.74 -0.36 8.77
N GLN A 84 -10.00 -1.16 9.80
CA GLN A 84 -9.50 -0.86 11.14
C GLN A 84 -7.98 -0.98 11.19
N LYS A 85 -7.45 -2.01 10.54
CA LYS A 85 -6.01 -2.24 10.51
C LYS A 85 -5.28 -1.02 9.99
N ILE A 86 -5.94 -0.25 9.12
CA ILE A 86 -5.35 0.95 8.54
C ILE A 86 -5.32 2.09 9.56
N ARG A 87 -6.50 2.57 9.93
CA ARG A 87 -6.61 3.66 10.89
C ARG A 87 -5.87 3.33 12.18
N LYS A 88 -5.96 2.06 12.60
CA LYS A 88 -5.29 1.61 13.82
C LYS A 88 -3.79 1.49 13.60
N TYR A 89 -3.33 1.86 12.41
CA TYR A 89 -1.92 1.79 12.08
C TYR A 89 -1.34 3.18 11.87
N VAL A 90 -2.11 4.06 11.22
CA VAL A 90 -1.68 5.42 10.95
C VAL A 90 -1.83 6.30 12.20
N GLU A 91 -2.81 5.96 13.04
CA GLU A 91 -3.04 6.71 14.26
C GLU A 91 -2.03 6.36 15.33
N SER A 92 -1.74 5.07 15.47
CA SER A 92 -0.78 4.60 16.47
C SER A 92 0.49 4.08 15.79
N GLY A 93 0.32 3.09 14.90
CA GLY A 93 1.45 2.52 14.20
C GLY A 93 2.19 3.55 13.35
N ALA A 94 2.83 3.08 12.30
CA ALA A 94 3.58 3.95 11.40
C ALA A 94 2.64 4.88 10.64
N GLY A 95 2.45 6.09 11.17
CA GLY A 95 1.57 7.06 10.52
C GLY A 95 2.30 8.33 10.13
N SER A 96 3.47 8.18 9.54
CA SER A 96 4.27 9.32 9.11
C SER A 96 4.30 9.45 7.60
N ASN A 97 4.79 10.58 7.10
CA ASN A 97 4.87 10.82 5.67
C ASN A 97 6.31 11.09 5.24
N THR A 98 6.86 10.20 4.42
CA THR A 98 8.22 10.34 3.94
C THR A 98 8.26 10.51 2.42
N SER A 99 8.59 11.72 1.98
CA SER A 99 8.65 12.01 0.55
C SER A 99 9.70 11.14 -0.14
N THR A 100 9.25 10.09 -0.82
CA THR A 100 10.14 9.18 -1.51
C THR A 100 9.79 9.08 -2.99
N SER A 101 10.80 9.18 -3.85
CA SER A 101 10.58 9.10 -5.29
C SER A 101 11.78 8.46 -5.98
N THR A 102 11.51 7.62 -6.98
CA THR A 102 12.56 6.94 -7.72
C THR A 102 11.99 6.17 -8.91
N GLY A 103 12.61 6.35 -10.07
CA GLY A 103 12.16 5.65 -11.26
C GLY A 103 13.30 5.22 -12.16
N THR A 104 13.81 4.01 -11.92
CA THR A 104 14.91 3.47 -12.70
C THR A 104 14.80 1.96 -12.86
N SER A 105 15.29 1.44 -13.97
CA SER A 105 15.23 0.01 -14.24
C SER A 105 16.31 -0.39 -15.25
N THR A 106 16.41 -1.69 -15.50
CA THR A 106 17.39 -2.22 -16.45
C THR A 106 16.87 -2.17 -17.87
N SER A 107 15.57 -1.96 -18.01
CA SER A 107 14.93 -1.90 -19.33
C SER A 107 14.89 -0.47 -19.83
N SER A 108 14.94 -0.31 -21.15
CA SER A 108 14.90 1.01 -21.77
C SER A 108 13.55 1.26 -22.44
N SER A 109 12.80 0.19 -22.65
CA SER A 109 11.49 0.29 -23.29
C SER A 109 10.78 -1.06 -23.29
N GLY A 110 9.53 -1.06 -23.76
CA GLY A 110 8.77 -2.30 -23.81
C GLY A 110 7.67 -2.26 -24.86
N PRO A 111 7.43 -3.40 -25.52
CA PRO A 111 6.41 -3.51 -26.56
C PRO A 111 5.00 -3.43 -25.99
N SER A 112 4.90 -3.33 -24.67
CA SER A 112 3.60 -3.24 -24.01
C SER A 112 3.33 -1.81 -23.53
N SER A 113 2.62 -1.04 -24.34
CA SER A 113 2.29 0.34 -24.01
C SER A 113 0.89 0.43 -23.40
N GLY A 114 0.82 0.25 -22.08
CA GLY A 114 -0.46 0.31 -21.40
C GLY A 114 -0.65 1.62 -20.66
N GLY A 1 -5.57 18.25 -24.55
CA GLY A 1 -5.76 18.47 -23.12
C GLY A 1 -4.79 17.69 -22.27
N SER A 2 -5.31 16.94 -21.31
CA SER A 2 -4.47 16.13 -20.43
C SER A 2 -5.10 14.76 -20.20
N SER A 3 -4.34 13.72 -20.54
CA SER A 3 -4.83 12.35 -20.38
C SER A 3 -3.93 11.57 -19.41
N GLY A 4 -4.56 10.77 -18.55
CA GLY A 4 -3.81 9.99 -17.58
C GLY A 4 -4.33 10.17 -16.17
N SER A 5 -3.49 9.86 -15.19
CA SER A 5 -3.88 9.97 -13.78
C SER A 5 -3.03 11.01 -13.06
N SER A 6 -3.69 11.96 -12.42
CA SER A 6 -2.99 13.02 -11.70
C SER A 6 -3.74 13.39 -10.41
N GLY A 7 -3.01 13.45 -9.31
CA GLY A 7 -3.62 13.80 -8.03
C GLY A 7 -4.38 12.64 -7.42
N HIS A 8 -3.78 11.45 -7.49
CA HIS A 8 -4.42 10.26 -6.94
C HIS A 8 -3.77 9.91 -5.60
N LYS A 9 -4.46 9.04 -4.85
CA LYS A 9 -3.97 8.60 -3.55
C LYS A 9 -2.68 7.81 -3.69
N PRO A 10 -1.80 7.92 -2.69
CA PRO A 10 -0.52 7.22 -2.67
C PRO A 10 -0.68 5.71 -2.49
N TRP A 11 -1.60 5.32 -1.61
CA TRP A 11 -1.85 3.91 -1.34
C TRP A 11 -3.23 3.50 -1.85
N ARG A 12 -3.37 2.24 -2.23
CA ARG A 12 -4.63 1.72 -2.74
C ARG A 12 -5.09 0.52 -1.92
N ALA A 13 -6.41 0.34 -1.82
CA ALA A 13 -6.98 -0.78 -1.08
C ALA A 13 -8.06 -1.49 -1.89
N GLU A 14 -7.82 -2.75 -2.20
CA GLU A 14 -8.77 -3.53 -2.98
C GLU A 14 -8.46 -5.04 -2.88
N TYR A 15 -9.49 -5.85 -2.93
CA TYR A 15 -9.33 -7.30 -2.85
C TYR A 15 -8.80 -7.87 -4.17
N ALA A 16 -7.71 -8.63 -4.08
CA ALA A 16 -7.11 -9.24 -5.26
C ALA A 16 -8.14 -10.02 -6.07
N LYS A 17 -7.92 -10.11 -7.38
CA LYS A 17 -8.83 -10.83 -8.26
C LYS A 17 -8.22 -12.16 -8.69
N SER A 18 -6.90 -12.18 -8.83
CA SER A 18 -6.19 -13.38 -9.25
C SER A 18 -4.90 -13.57 -8.46
N SER A 19 -4.43 -14.81 -8.36
CA SER A 19 -3.22 -15.11 -7.63
C SER A 19 -1.99 -14.97 -8.53
N ARG A 20 -2.00 -13.94 -9.37
CA ARG A 20 -0.89 -13.69 -10.29
C ARG A 20 0.13 -12.75 -9.66
N SER A 21 -0.36 -11.75 -8.95
CA SER A 21 0.52 -10.78 -8.30
C SER A 21 1.20 -11.38 -7.08
N SER A 22 2.45 -11.01 -6.86
CA SER A 22 3.22 -11.52 -5.72
C SER A 22 3.78 -10.38 -4.89
N CYS A 23 3.69 -10.51 -3.58
CA CYS A 23 4.19 -9.50 -2.66
C CYS A 23 5.68 -9.27 -2.86
N LYS A 24 6.17 -8.11 -2.40
CA LYS A 24 7.58 -7.77 -2.54
C LYS A 24 8.27 -7.83 -1.18
N THR A 25 7.55 -7.48 -0.12
CA THR A 25 8.10 -7.49 1.22
C THR A 25 8.47 -8.90 1.65
N CYS A 26 7.55 -9.84 1.45
CA CYS A 26 7.78 -11.23 1.81
C CYS A 26 8.14 -12.06 0.59
N LYS A 27 7.85 -11.52 -0.60
CA LYS A 27 8.15 -12.21 -1.84
C LYS A 27 7.29 -13.46 -2.00
N SER A 28 6.00 -13.32 -1.72
CA SER A 28 5.08 -14.44 -1.82
C SER A 28 3.94 -14.12 -2.79
N VAL A 29 3.08 -15.10 -3.02
CA VAL A 29 1.95 -14.92 -3.94
C VAL A 29 0.73 -14.40 -3.19
N ILE A 30 0.03 -13.45 -3.82
CA ILE A 30 -1.16 -12.86 -3.22
C ILE A 30 -2.43 -13.42 -3.85
N ASN A 31 -2.93 -14.52 -3.29
CA ASN A 31 -4.14 -15.16 -3.80
C ASN A 31 -5.30 -14.17 -3.84
N LYS A 32 -6.22 -14.37 -4.78
CA LYS A 32 -7.38 -13.51 -4.92
C LYS A 32 -8.27 -13.57 -3.67
N GLU A 33 -9.16 -12.60 -3.54
CA GLU A 33 -10.07 -12.55 -2.41
C GLU A 33 -9.32 -12.21 -1.12
N ASN A 34 -8.19 -11.51 -1.26
CA ASN A 34 -7.38 -11.13 -0.12
C ASN A 34 -7.13 -9.62 -0.10
N PHE A 35 -7.02 -9.06 1.09
CA PHE A 35 -6.78 -7.63 1.24
C PHE A 35 -5.30 -7.30 1.10
N ARG A 36 -4.97 -6.53 0.07
CA ARG A 36 -3.59 -6.14 -0.17
C ARG A 36 -3.45 -4.62 -0.28
N LEU A 37 -2.21 -4.15 -0.42
CA LEU A 37 -1.95 -2.72 -0.53
C LEU A 37 -1.04 -2.42 -1.71
N GLY A 38 -1.38 -1.40 -2.49
CA GLY A 38 -0.58 -1.04 -3.64
C GLY A 38 -0.05 0.38 -3.54
N LYS A 39 1.25 0.51 -3.33
CA LYS A 39 1.88 1.82 -3.22
C LYS A 39 2.08 2.44 -4.60
N LEU A 40 1.17 3.34 -4.98
CA LEU A 40 1.25 4.01 -6.27
C LEU A 40 2.45 4.95 -6.33
N VAL A 41 3.45 4.57 -7.11
CA VAL A 41 4.66 5.39 -7.26
C VAL A 41 4.76 5.97 -8.65
N GLN A 42 5.10 7.25 -8.73
CA GLN A 42 5.24 7.94 -10.01
C GLN A 42 6.70 8.08 -10.41
N SER A 43 7.14 7.26 -11.36
CA SER A 43 8.52 7.30 -11.82
C SER A 43 8.60 7.72 -13.28
N THR A 44 7.68 7.18 -14.10
CA THR A 44 7.64 7.50 -15.52
C THR A 44 7.45 8.99 -15.74
N HIS A 45 7.65 9.43 -16.98
CA HIS A 45 7.48 10.83 -17.30
C HIS A 45 6.14 11.05 -18.02
N PHE A 46 5.96 10.32 -19.11
CA PHE A 46 4.73 10.41 -19.89
C PHE A 46 3.57 9.74 -19.16
N ASP A 47 3.61 8.41 -19.06
CA ASP A 47 2.56 7.67 -18.37
C ASP A 47 3.04 6.27 -18.01
N GLY A 48 2.54 5.75 -16.90
CA GLY A 48 2.94 4.42 -16.45
C GLY A 48 3.22 4.36 -14.96
N ILE A 49 2.34 3.71 -14.22
CA ILE A 49 2.49 3.58 -12.78
C ILE A 49 2.71 2.14 -12.37
N MET A 50 3.59 1.93 -11.39
CA MET A 50 3.89 0.58 -10.91
C MET A 50 3.44 0.42 -9.46
N PRO A 51 2.19 -0.04 -9.28
CA PRO A 51 1.61 -0.26 -7.95
C PRO A 51 2.25 -1.44 -7.22
N MET A 52 3.05 -1.12 -6.20
CA MET A 52 3.71 -2.16 -5.41
C MET A 52 2.70 -3.01 -4.65
N TRP A 53 2.35 -4.16 -5.23
CA TRP A 53 1.39 -5.06 -4.61
C TRP A 53 2.02 -5.79 -3.43
N ASN A 54 1.61 -5.41 -2.22
CA ASN A 54 2.13 -6.04 -1.01
C ASN A 54 1.01 -6.34 -0.02
N HIS A 55 1.11 -7.49 0.64
CA HIS A 55 0.09 -7.88 1.60
C HIS A 55 -0.15 -6.74 2.59
N ALA A 56 -1.41 -6.52 2.90
CA ALA A 56 -1.81 -5.47 3.84
C ALA A 56 -1.09 -5.64 5.18
N SER A 57 -0.69 -6.88 5.48
CA SER A 57 -0.01 -7.17 6.73
C SER A 57 1.50 -6.98 6.58
N CYS A 58 1.97 -7.06 5.34
CA CYS A 58 3.39 -6.91 5.06
C CYS A 58 3.79 -5.44 5.07
N ILE A 59 2.83 -4.56 4.82
CA ILE A 59 3.09 -3.13 4.79
C ILE A 59 2.87 -2.52 6.18
N LEU A 60 1.73 -2.81 6.78
CA LEU A 60 1.40 -2.29 8.11
C LEU A 60 2.54 -2.57 9.09
N LYS A 61 3.19 -3.71 8.91
CA LYS A 61 4.30 -4.10 9.78
C LYS A 61 5.47 -3.15 9.62
N LYS A 62 5.58 -2.54 8.45
CA LYS A 62 6.67 -1.60 8.17
C LYS A 62 6.41 -0.26 8.85
N THR A 63 7.29 0.71 8.59
CA THR A 63 7.16 2.04 9.17
C THR A 63 7.19 3.12 8.10
N LYS A 64 6.67 4.30 8.43
CA LYS A 64 6.65 5.41 7.50
C LYS A 64 6.10 4.97 6.14
N GLN A 65 5.06 4.14 6.17
CA GLN A 65 4.44 3.65 4.94
C GLN A 65 3.21 4.46 4.60
N ILE A 66 2.25 4.52 5.52
CA ILE A 66 1.02 5.27 5.30
C ILE A 66 0.91 6.43 6.29
N LYS A 67 0.34 7.54 5.83
CA LYS A 67 0.16 8.72 6.67
C LYS A 67 -1.19 8.68 7.38
N SER A 68 -2.25 8.40 6.61
CA SER A 68 -3.59 8.34 7.16
C SER A 68 -4.52 7.56 6.23
N VAL A 69 -5.53 6.93 6.82
CA VAL A 69 -6.49 6.14 6.05
C VAL A 69 -7.00 6.92 4.85
N ASP A 70 -7.07 8.24 4.99
CA ASP A 70 -7.55 9.10 3.91
C ASP A 70 -6.66 8.95 2.67
N ASP A 71 -5.37 8.72 2.89
CA ASP A 71 -4.43 8.55 1.79
C ASP A 71 -4.64 7.21 1.09
N VAL A 72 -5.26 6.27 1.80
CA VAL A 72 -5.52 4.95 1.24
C VAL A 72 -6.81 4.94 0.44
N GLU A 73 -6.70 4.61 -0.85
CA GLU A 73 -7.86 4.57 -1.73
C GLU A 73 -8.58 3.23 -1.62
N GLY A 74 -9.84 3.19 -2.06
CA GLY A 74 -10.61 1.97 -1.99
C GLY A 74 -10.56 1.32 -0.62
N ILE A 75 -10.28 2.11 0.40
CA ILE A 75 -10.19 1.61 1.77
C ILE A 75 -11.58 1.36 2.35
N GLU A 76 -12.57 2.02 1.79
CA GLU A 76 -13.95 1.87 2.25
C GLU A 76 -14.55 0.55 1.77
N SER A 77 -13.95 -0.02 0.73
CA SER A 77 -14.42 -1.28 0.17
C SER A 77 -13.86 -2.46 0.95
N LEU A 78 -12.77 -2.22 1.68
CA LEU A 78 -12.14 -3.27 2.48
C LEU A 78 -13.05 -3.71 3.63
N ARG A 79 -12.79 -4.90 4.15
CA ARG A 79 -13.58 -5.43 5.25
C ARG A 79 -13.34 -4.64 6.53
N TRP A 80 -14.40 -4.45 7.31
CA TRP A 80 -14.30 -3.71 8.57
C TRP A 80 -12.97 -4.00 9.27
N GLU A 81 -12.75 -5.27 9.58
CA GLU A 81 -11.53 -5.68 10.26
C GLU A 81 -10.30 -5.13 9.53
N ASP A 82 -10.35 -5.12 8.21
CA ASP A 82 -9.24 -4.62 7.41
C ASP A 82 -9.09 -3.12 7.57
N GLN A 83 -10.17 -2.38 7.35
CA GLN A 83 -10.16 -0.93 7.48
C GLN A 83 -9.59 -0.51 8.83
N GLN A 84 -9.80 -1.35 9.85
CA GLN A 84 -9.32 -1.06 11.19
C GLN A 84 -7.79 -1.15 11.25
N LYS A 85 -7.25 -2.18 10.61
CA LYS A 85 -5.81 -2.38 10.58
C LYS A 85 -5.08 -1.14 10.09
N ILE A 86 -5.77 -0.35 9.26
CA ILE A 86 -5.19 0.88 8.73
C ILE A 86 -5.21 2.00 9.77
N ARG A 87 -6.41 2.45 10.13
CA ARG A 87 -6.57 3.50 11.10
C ARG A 87 -5.82 3.17 12.39
N LYS A 88 -5.86 1.90 12.78
CA LYS A 88 -5.18 1.46 14.00
C LYS A 88 -3.67 1.40 13.79
N TYR A 89 -3.23 1.84 12.62
CA TYR A 89 -1.81 1.84 12.30
C TYR A 89 -1.30 3.27 12.08
N VAL A 90 -2.09 4.06 11.36
CA VAL A 90 -1.73 5.44 11.08
C VAL A 90 -1.93 6.33 12.31
N GLU A 91 -2.90 5.97 13.13
CA GLU A 91 -3.20 6.73 14.34
C GLU A 91 -2.18 6.44 15.43
N SER A 92 -1.98 5.17 15.72
CA SER A 92 -1.05 4.75 16.75
C SER A 92 0.28 4.32 16.13
N GLY A 93 0.22 3.36 15.22
CA GLY A 93 1.42 2.89 14.56
C GLY A 93 2.10 3.95 13.73
N ALA A 94 2.59 3.57 12.56
CA ALA A 94 3.26 4.50 11.66
C ALA A 94 2.25 5.33 10.88
N GLY A 95 2.41 6.64 10.91
CA GLY A 95 1.51 7.53 10.20
C GLY A 95 1.26 8.83 10.94
N SER A 96 1.33 9.94 10.21
CA SER A 96 1.12 11.26 10.79
C SER A 96 -0.33 11.44 11.24
N ASN A 97 -0.57 12.44 12.07
CA ASN A 97 -1.92 12.72 12.57
C ASN A 97 -1.93 13.99 13.41
N THR A 98 -3.13 14.47 13.71
CA THR A 98 -3.29 15.69 14.50
C THR A 98 -2.54 15.58 15.82
N SER A 99 -3.01 14.69 16.69
CA SER A 99 -2.37 14.49 18.00
C SER A 99 -2.26 15.81 18.75
N THR A 100 -3.27 16.66 18.61
CA THR A 100 -3.29 17.95 19.28
C THR A 100 -4.62 18.66 19.09
N SER A 101 -5.13 19.27 20.16
CA SER A 101 -6.40 19.98 20.10
C SER A 101 -6.33 21.28 20.90
N THR A 102 -6.83 22.36 20.30
CA THR A 102 -6.81 23.67 20.94
C THR A 102 -8.07 23.87 21.77
N GLY A 103 -7.96 23.62 23.08
CA GLY A 103 -9.10 23.79 23.97
C GLY A 103 -9.96 22.55 24.04
N THR A 104 -10.14 22.03 25.25
CA THR A 104 -10.94 20.83 25.46
C THR A 104 -12.05 21.08 26.48
N SER A 105 -11.79 21.98 27.42
CA SER A 105 -12.76 22.31 28.45
C SER A 105 -12.31 23.52 29.26
N THR A 106 -13.28 24.22 29.85
CA THR A 106 -12.98 25.41 30.65
C THR A 106 -13.42 25.21 32.09
N SER A 107 -13.07 26.17 32.95
CA SER A 107 -13.42 26.11 34.36
C SER A 107 -14.24 27.33 34.77
N SER A 108 -15.20 27.11 35.66
CA SER A 108 -16.05 28.20 36.14
C SER A 108 -16.94 28.72 35.01
N SER A 109 -17.51 27.80 34.24
CA SER A 109 -18.39 28.16 33.13
C SER A 109 -19.84 28.27 33.59
N GLY A 110 -20.29 27.25 34.33
CA GLY A 110 -21.66 27.25 34.82
C GLY A 110 -21.74 27.57 36.29
N PRO A 111 -22.47 28.65 36.63
CA PRO A 111 -22.65 29.09 38.01
C PRO A 111 -23.52 28.12 38.82
N SER A 112 -23.43 28.22 40.14
CA SER A 112 -24.21 27.36 41.03
C SER A 112 -25.48 28.06 41.49
N SER A 113 -26.62 27.61 40.98
CA SER A 113 -27.91 28.19 41.34
C SER A 113 -29.03 27.17 41.20
N GLY A 114 -29.79 26.98 42.28
CA GLY A 114 -30.88 26.03 42.26
C GLY A 114 -32.07 26.51 43.05
N GLY A 1 -9.06 15.37 -22.38
CA GLY A 1 -9.53 15.95 -21.14
C GLY A 1 -8.39 16.30 -20.20
N SER A 2 -8.18 15.49 -19.18
CA SER A 2 -7.12 15.72 -18.21
C SER A 2 -6.68 14.43 -17.55
N SER A 3 -5.38 14.16 -17.58
CA SER A 3 -4.83 12.94 -16.99
C SER A 3 -4.87 13.01 -15.47
N GLY A 4 -4.48 14.16 -14.91
CA GLY A 4 -4.49 14.34 -13.48
C GLY A 4 -3.23 13.80 -12.83
N SER A 5 -2.33 14.69 -12.44
CA SER A 5 -1.08 14.30 -11.81
C SER A 5 -1.20 14.33 -10.29
N SER A 6 -1.67 15.46 -9.77
CA SER A 6 -1.84 15.62 -8.33
C SER A 6 -3.27 15.26 -7.90
N GLY A 7 -3.37 14.35 -6.94
CA GLY A 7 -4.68 13.93 -6.46
C GLY A 7 -4.74 12.44 -6.18
N HIS A 8 -4.34 11.64 -7.16
CA HIS A 8 -4.35 10.20 -7.00
C HIS A 8 -3.71 9.82 -5.66
N LYS A 9 -4.46 9.04 -4.89
CA LYS A 9 -4.00 8.59 -3.57
C LYS A 9 -2.73 7.75 -3.71
N PRO A 10 -1.85 7.83 -2.70
CA PRO A 10 -0.59 7.09 -2.69
C PRO A 10 -0.81 5.58 -2.50
N TRP A 11 -1.67 5.24 -1.55
CA TRP A 11 -1.97 3.84 -1.26
C TRP A 11 -3.38 3.48 -1.72
N ARG A 12 -3.57 2.22 -2.10
CA ARG A 12 -4.87 1.75 -2.57
C ARG A 12 -5.26 0.45 -1.87
N ALA A 13 -6.55 0.20 -1.78
CA ALA A 13 -7.06 -1.00 -1.13
C ALA A 13 -8.09 -1.71 -2.01
N GLU A 14 -7.90 -3.00 -2.24
CA GLU A 14 -8.81 -3.77 -3.06
C GLU A 14 -8.46 -5.26 -3.01
N TYR A 15 -9.49 -6.10 -3.06
CA TYR A 15 -9.29 -7.55 -3.01
C TYR A 15 -8.83 -8.08 -4.37
N ALA A 16 -7.72 -8.82 -4.36
CA ALA A 16 -7.19 -9.39 -5.58
C ALA A 16 -8.23 -10.24 -6.31
N LYS A 17 -8.09 -10.36 -7.63
CA LYS A 17 -9.01 -11.14 -8.42
C LYS A 17 -8.35 -12.41 -8.93
N SER A 18 -7.02 -12.48 -8.82
CA SER A 18 -6.28 -13.64 -9.27
C SER A 18 -5.01 -13.83 -8.43
N SER A 19 -4.41 -15.01 -8.54
CA SER A 19 -3.20 -15.32 -7.78
C SER A 19 -1.96 -15.17 -8.66
N ARG A 20 -1.98 -14.16 -9.54
CA ARG A 20 -0.86 -13.91 -10.43
C ARG A 20 0.12 -12.92 -9.80
N SER A 21 -0.41 -11.96 -9.05
CA SER A 21 0.43 -10.96 -8.40
C SER A 21 1.22 -11.57 -7.25
N SER A 22 2.36 -10.96 -6.93
CA SER A 22 3.21 -11.45 -5.85
C SER A 22 3.74 -10.29 -5.01
N CYS A 23 3.66 -10.45 -3.69
CA CYS A 23 4.14 -9.41 -2.78
C CYS A 23 5.62 -9.13 -3.00
N LYS A 24 6.07 -7.97 -2.52
CA LYS A 24 7.46 -7.57 -2.66
C LYS A 24 8.19 -7.64 -1.32
N THR A 25 7.50 -7.24 -0.26
CA THR A 25 8.08 -7.26 1.08
C THR A 25 8.50 -8.66 1.48
N CYS A 26 7.62 -9.63 1.25
CA CYS A 26 7.91 -11.02 1.59
C CYS A 26 8.27 -11.82 0.34
N LYS A 27 7.94 -11.27 -0.83
CA LYS A 27 8.23 -11.93 -2.10
C LYS A 27 7.41 -13.21 -2.25
N SER A 28 6.13 -13.12 -1.92
CA SER A 28 5.24 -14.28 -2.03
C SER A 28 4.09 -13.99 -2.99
N VAL A 29 3.21 -14.96 -3.16
CA VAL A 29 2.06 -14.83 -4.05
C VAL A 29 0.83 -14.34 -3.30
N ILE A 30 0.08 -13.43 -3.92
CA ILE A 30 -1.12 -12.89 -3.30
C ILE A 30 -2.38 -13.49 -3.93
N ASN A 31 -2.84 -14.61 -3.36
CA ASN A 31 -4.03 -15.27 -3.87
C ASN A 31 -5.22 -14.32 -3.90
N LYS A 32 -6.15 -14.58 -4.82
CA LYS A 32 -7.33 -13.75 -4.96
C LYS A 32 -8.20 -13.82 -3.71
N GLU A 33 -9.08 -12.83 -3.54
CA GLU A 33 -9.96 -12.79 -2.38
C GLU A 33 -9.19 -12.41 -1.12
N ASN A 34 -8.09 -11.69 -1.31
CA ASN A 34 -7.26 -11.27 -0.18
C ASN A 34 -7.09 -9.75 -0.18
N PHE A 35 -7.02 -9.17 1.02
CA PHE A 35 -6.85 -7.73 1.15
C PHE A 35 -5.38 -7.34 1.09
N ARG A 36 -5.00 -6.69 -0.01
CA ARG A 36 -3.61 -6.26 -0.20
C ARG A 36 -3.52 -4.74 -0.31
N LEU A 37 -2.32 -4.25 -0.51
CA LEU A 37 -2.09 -2.81 -0.63
C LEU A 37 -1.05 -2.50 -1.70
N GLY A 38 -1.35 -1.53 -2.55
CA GLY A 38 -0.42 -1.16 -3.62
C GLY A 38 0.08 0.26 -3.47
N LYS A 39 1.36 0.41 -3.16
CA LYS A 39 1.96 1.73 -2.99
C LYS A 39 2.25 2.36 -4.35
N LEU A 40 1.29 3.09 -4.87
CA LEU A 40 1.44 3.77 -6.17
C LEU A 40 2.57 4.79 -6.12
N VAL A 41 3.52 4.64 -7.04
CA VAL A 41 4.66 5.55 -7.11
C VAL A 41 4.86 6.08 -8.53
N GLN A 42 5.67 7.11 -8.66
CA GLN A 42 5.94 7.71 -9.96
C GLN A 42 7.39 7.46 -10.38
N SER A 43 7.60 7.34 -11.68
CA SER A 43 8.94 7.10 -12.22
C SER A 43 9.43 8.28 -13.04
N THR A 44 10.65 8.18 -13.55
CA THR A 44 11.23 9.24 -14.36
C THR A 44 10.33 9.61 -15.54
N HIS A 45 10.01 8.62 -16.36
CA HIS A 45 9.16 8.85 -17.51
C HIS A 45 7.70 8.57 -17.13
N PHE A 46 6.81 8.87 -18.07
CA PHE A 46 5.39 8.65 -17.85
C PHE A 46 4.89 7.44 -18.65
N ASP A 47 5.67 6.37 -18.61
CA ASP A 47 5.32 5.15 -19.32
C ASP A 47 4.74 4.10 -18.36
N GLY A 48 3.44 4.17 -18.12
CA GLY A 48 2.79 3.23 -17.22
C GLY A 48 3.32 3.33 -15.81
N ILE A 49 2.42 3.34 -14.84
CA ILE A 49 2.80 3.43 -13.44
C ILE A 49 3.30 2.08 -12.91
N MET A 50 4.19 2.13 -11.93
CA MET A 50 4.75 0.91 -11.34
C MET A 50 4.35 0.79 -9.87
N PRO A 51 3.16 0.21 -9.62
CA PRO A 51 2.64 0.03 -8.27
C PRO A 51 3.43 -1.02 -7.49
N MET A 52 3.25 -1.01 -6.16
CA MET A 52 3.95 -1.96 -5.30
C MET A 52 2.95 -2.78 -4.49
N TRP A 53 2.61 -3.96 -5.00
CA TRP A 53 1.67 -4.84 -4.32
C TRP A 53 2.33 -5.54 -3.14
N ASN A 54 1.72 -5.42 -1.96
CA ASN A 54 2.25 -6.04 -0.75
C ASN A 54 1.13 -6.36 0.23
N HIS A 55 1.16 -7.57 0.77
CA HIS A 55 0.15 -8.00 1.72
C HIS A 55 -0.11 -6.88 2.72
N ALA A 56 -1.39 -6.60 2.94
CA ALA A 56 -1.79 -5.56 3.88
C ALA A 56 -1.07 -5.69 5.22
N SER A 57 -0.65 -6.92 5.52
CA SER A 57 0.06 -7.20 6.77
C SER A 57 1.55 -7.00 6.60
N CYS A 58 2.03 -7.12 5.37
CA CYS A 58 3.45 -6.96 5.06
C CYS A 58 3.85 -5.49 5.12
N ILE A 59 2.89 -4.61 4.88
CA ILE A 59 3.14 -3.17 4.90
C ILE A 59 2.90 -2.60 6.30
N LEU A 60 1.75 -2.94 6.87
CA LEU A 60 1.40 -2.46 8.21
C LEU A 60 2.47 -2.82 9.22
N LYS A 61 3.12 -3.96 9.00
CA LYS A 61 4.17 -4.42 9.90
C LYS A 61 5.38 -3.49 9.86
N LYS A 62 5.51 -2.74 8.76
CA LYS A 62 6.61 -1.80 8.60
C LYS A 62 6.23 -0.43 9.13
N THR A 63 7.13 0.54 8.95
CA THR A 63 6.90 1.90 9.40
C THR A 63 7.06 2.90 8.26
N LYS A 64 6.70 4.15 8.53
CA LYS A 64 6.81 5.20 7.52
C LYS A 64 6.27 4.73 6.17
N GLN A 65 5.06 4.19 6.18
CA GLN A 65 4.43 3.70 4.95
C GLN A 65 3.21 4.53 4.60
N ILE A 66 2.29 4.66 5.54
CA ILE A 66 1.07 5.44 5.33
C ILE A 66 0.97 6.60 6.31
N LYS A 67 0.40 7.71 5.86
CA LYS A 67 0.24 8.88 6.70
C LYS A 67 -1.12 8.88 7.40
N SER A 68 -2.16 8.56 6.63
CA SER A 68 -3.52 8.52 7.18
C SER A 68 -4.43 7.71 6.29
N VAL A 69 -5.48 7.14 6.88
CA VAL A 69 -6.43 6.32 6.14
C VAL A 69 -7.01 7.09 4.96
N ASP A 70 -6.93 8.42 5.04
CA ASP A 70 -7.45 9.28 3.97
C ASP A 70 -6.63 9.10 2.70
N ASP A 71 -5.36 8.74 2.85
CA ASP A 71 -4.47 8.55 1.71
C ASP A 71 -4.71 7.18 1.07
N VAL A 72 -5.39 6.30 1.80
CA VAL A 72 -5.69 4.96 1.30
C VAL A 72 -6.97 4.96 0.47
N GLU A 73 -6.84 4.61 -0.80
CA GLU A 73 -8.00 4.56 -1.69
C GLU A 73 -8.70 3.22 -1.60
N GLY A 74 -10.01 3.21 -1.87
CA GLY A 74 -10.78 1.98 -1.81
C GLY A 74 -10.75 1.35 -0.44
N ILE A 75 -10.38 2.14 0.56
CA ILE A 75 -10.31 1.64 1.94
C ILE A 75 -11.71 1.42 2.50
N GLU A 76 -12.69 2.11 1.94
CA GLU A 76 -14.07 1.98 2.39
C GLU A 76 -14.71 0.71 1.84
N SER A 77 -14.02 0.07 0.89
CA SER A 77 -14.52 -1.15 0.28
C SER A 77 -14.02 -2.38 1.04
N LEU A 78 -13.08 -2.17 1.95
CA LEU A 78 -12.51 -3.26 2.74
C LEU A 78 -13.41 -3.58 3.93
N ARG A 79 -13.26 -4.80 4.46
CA ARG A 79 -14.06 -5.23 5.61
C ARG A 79 -13.70 -4.41 6.85
N TRP A 80 -14.69 -4.19 7.70
CA TRP A 80 -14.48 -3.43 8.94
C TRP A 80 -13.12 -3.74 9.54
N GLU A 81 -12.88 -5.02 9.82
CA GLU A 81 -11.61 -5.45 10.41
C GLU A 81 -10.43 -4.89 9.61
N ASP A 82 -10.54 -4.96 8.29
CA ASP A 82 -9.48 -4.46 7.41
C ASP A 82 -9.30 -2.95 7.58
N GLN A 83 -10.40 -2.22 7.45
CA GLN A 83 -10.37 -0.77 7.57
C GLN A 83 -9.75 -0.35 8.90
N GLN A 84 -9.85 -1.22 9.90
CA GLN A 84 -9.30 -0.95 11.22
C GLN A 84 -7.77 -1.07 11.21
N LYS A 85 -7.27 -2.05 10.47
CA LYS A 85 -5.83 -2.27 10.37
C LYS A 85 -5.12 -1.03 9.86
N ILE A 86 -5.84 -0.21 9.09
CA ILE A 86 -5.27 1.01 8.53
C ILE A 86 -5.27 2.13 9.57
N ARG A 87 -6.46 2.57 9.97
CA ARG A 87 -6.59 3.63 10.95
C ARG A 87 -5.81 3.29 12.22
N LYS A 88 -5.88 2.04 12.65
CA LYS A 88 -5.18 1.58 13.84
C LYS A 88 -3.68 1.55 13.61
N TYR A 89 -3.26 1.92 12.40
CA TYR A 89 -1.85 1.93 12.05
C TYR A 89 -1.35 3.36 11.86
N VAL A 90 -2.19 4.19 11.26
CA VAL A 90 -1.82 5.59 11.02
C VAL A 90 -1.91 6.41 12.30
N GLU A 91 -2.83 6.03 13.18
CA GLU A 91 -3.00 6.72 14.45
C GLU A 91 -1.89 6.38 15.43
N SER A 92 -1.61 5.08 15.57
CA SER A 92 -0.56 4.61 16.48
C SER A 92 0.72 4.30 15.71
N GLY A 93 0.59 3.47 14.68
CA GLY A 93 1.75 3.10 13.88
C GLY A 93 2.35 4.28 13.15
N ALA A 94 2.55 4.13 11.84
CA ALA A 94 3.12 5.20 11.03
C ALA A 94 2.05 6.17 10.56
N GLY A 95 2.10 7.40 11.07
CA GLY A 95 1.12 8.40 10.69
C GLY A 95 1.12 9.58 11.64
N SER A 96 2.29 10.16 11.86
CA SER A 96 2.43 11.31 12.75
C SER A 96 3.41 12.33 12.18
N ASN A 97 3.03 13.60 12.23
CA ASN A 97 3.88 14.67 11.72
C ASN A 97 4.40 15.53 12.86
N THR A 98 5.24 16.51 12.52
CA THR A 98 5.82 17.41 13.51
C THR A 98 4.73 18.15 14.28
N SER A 99 4.93 18.29 15.58
CA SER A 99 3.97 18.97 16.44
C SER A 99 4.08 20.49 16.28
N THR A 100 3.01 21.11 15.77
CA THR A 100 3.00 22.55 15.56
C THR A 100 1.57 23.07 15.48
N SER A 101 1.26 24.07 16.30
CA SER A 101 -0.07 24.66 16.32
C SER A 101 -0.36 25.40 15.01
N THR A 102 -1.44 25.00 14.34
CA THR A 102 -1.82 25.61 13.08
C THR A 102 -2.55 26.94 13.31
N GLY A 103 -2.81 27.66 12.23
CA GLY A 103 -3.49 28.94 12.34
C GLY A 103 -4.85 28.80 13.00
N THR A 104 -5.63 29.89 12.95
CA THR A 104 -6.95 29.89 13.56
C THR A 104 -7.71 28.60 13.24
N SER A 105 -8.50 28.13 14.20
CA SER A 105 -9.26 26.91 14.02
C SER A 105 -10.29 26.74 15.15
N THR A 106 -11.34 25.97 14.87
CA THR A 106 -12.39 25.74 15.87
C THR A 106 -12.31 24.31 16.41
N SER A 107 -12.69 24.16 17.67
CA SER A 107 -12.67 22.85 18.32
C SER A 107 -13.68 22.79 19.46
N SER A 108 -14.13 21.58 19.78
CA SER A 108 -15.10 21.37 20.84
C SER A 108 -14.57 20.40 21.88
N SER A 109 -15.19 20.39 23.06
CA SER A 109 -14.79 19.50 24.14
C SER A 109 -15.96 18.64 24.61
N GLY A 110 -17.16 19.01 24.18
CA GLY A 110 -18.34 18.26 24.56
C GLY A 110 -18.78 18.55 25.99
N PRO A 111 -20.09 18.51 26.23
CA PRO A 111 -20.66 18.78 27.55
C PRO A 111 -20.34 17.67 28.55
N SER A 112 -20.82 17.82 29.78
CA SER A 112 -20.59 16.84 30.83
C SER A 112 -21.57 17.02 31.98
N SER A 113 -21.89 15.93 32.66
CA SER A 113 -22.81 15.98 33.79
C SER A 113 -22.45 14.93 34.84
N GLY A 114 -22.76 15.22 36.09
CA GLY A 114 -22.46 14.30 37.17
C GLY A 114 -23.23 13.00 37.06
N GLY A 1 -0.10 15.73 -27.13
CA GLY A 1 1.04 14.92 -26.75
C GLY A 1 1.37 15.03 -25.28
N SER A 2 1.92 16.17 -24.88
CA SER A 2 2.28 16.41 -23.48
C SER A 2 1.07 16.29 -22.58
N SER A 3 1.20 15.48 -21.53
CA SER A 3 0.11 15.27 -20.58
C SER A 3 0.61 15.37 -19.14
N GLY A 4 -0.01 16.26 -18.37
CA GLY A 4 0.38 16.44 -16.98
C GLY A 4 -0.80 16.68 -16.07
N SER A 5 -1.30 15.60 -15.47
CA SER A 5 -2.45 15.69 -14.56
C SER A 5 -2.33 14.69 -13.43
N SER A 6 -2.37 15.19 -12.19
CA SER A 6 -2.26 14.33 -11.03
C SER A 6 -3.52 14.42 -10.17
N GLY A 7 -3.69 13.43 -9.28
CA GLY A 7 -4.86 13.42 -8.42
C GLY A 7 -5.25 12.01 -8.00
N HIS A 8 -4.39 11.36 -7.24
CA HIS A 8 -4.67 10.01 -6.80
C HIS A 8 -3.96 9.75 -5.47
N LYS A 9 -4.54 8.85 -4.69
CA LYS A 9 -3.98 8.50 -3.38
C LYS A 9 -2.66 7.76 -3.54
N PRO A 10 -1.79 7.88 -2.53
CA PRO A 10 -0.48 7.21 -2.53
C PRO A 10 -0.58 5.71 -2.37
N TRP A 11 -1.58 5.26 -1.62
CA TRP A 11 -1.79 3.83 -1.38
C TRP A 11 -3.12 3.38 -1.97
N ARG A 12 -3.21 2.11 -2.32
CA ARG A 12 -4.43 1.55 -2.90
C ARG A 12 -4.93 0.38 -2.06
N ALA A 13 -6.25 0.22 -2.01
CA ALA A 13 -6.87 -0.86 -1.25
C ALA A 13 -7.92 -1.59 -2.08
N GLU A 14 -7.74 -2.89 -2.24
CA GLU A 14 -8.68 -3.70 -3.02
C GLU A 14 -8.34 -5.18 -2.91
N TYR A 15 -9.35 -6.02 -3.04
CA TYR A 15 -9.16 -7.47 -2.96
C TYR A 15 -8.65 -8.03 -4.28
N ALA A 16 -7.62 -8.86 -4.19
CA ALA A 16 -7.03 -9.47 -5.38
C ALA A 16 -8.07 -10.30 -6.14
N LYS A 17 -7.92 -10.35 -7.46
CA LYS A 17 -8.84 -11.11 -8.30
C LYS A 17 -8.24 -12.46 -8.69
N SER A 18 -6.94 -12.47 -8.93
CA SER A 18 -6.25 -13.71 -9.31
C SER A 18 -4.97 -13.88 -8.49
N SER A 19 -4.50 -15.12 -8.40
CA SER A 19 -3.29 -15.43 -7.65
C SER A 19 -2.05 -15.24 -8.52
N ARG A 20 -2.09 -14.26 -9.40
CA ARG A 20 -0.98 -13.98 -10.29
C ARG A 20 0.00 -12.99 -9.67
N SER A 21 -0.55 -11.93 -9.07
CA SER A 21 0.26 -10.90 -8.44
C SER A 21 1.03 -11.48 -7.24
N SER A 22 2.25 -11.00 -7.03
CA SER A 22 3.08 -11.46 -5.94
C SER A 22 3.60 -10.29 -5.11
N CYS A 23 3.56 -10.43 -3.79
CA CYS A 23 4.03 -9.39 -2.88
C CYS A 23 5.49 -9.04 -3.16
N LYS A 24 5.90 -7.86 -2.76
CA LYS A 24 7.27 -7.41 -2.96
C LYS A 24 8.04 -7.43 -1.64
N THR A 25 7.35 -7.15 -0.54
CA THR A 25 7.97 -7.15 0.78
C THR A 25 8.45 -8.54 1.17
N CYS A 26 7.56 -9.51 1.09
CA CYS A 26 7.89 -10.88 1.44
C CYS A 26 8.25 -11.69 0.19
N LYS A 27 7.90 -11.15 -0.97
CA LYS A 27 8.18 -11.81 -2.24
C LYS A 27 7.39 -13.11 -2.37
N SER A 28 6.11 -13.05 -2.02
CA SER A 28 5.25 -14.23 -2.09
C SER A 28 4.07 -13.98 -3.03
N VAL A 29 3.22 -14.99 -3.18
CA VAL A 29 2.05 -14.89 -4.04
C VAL A 29 0.84 -14.36 -3.28
N ILE A 30 0.09 -13.46 -3.90
CA ILE A 30 -1.09 -12.90 -3.28
C ILE A 30 -2.37 -13.49 -3.87
N ASN A 31 -2.83 -14.58 -3.28
CA ASN A 31 -4.04 -15.25 -3.74
C ASN A 31 -5.23 -14.29 -3.74
N LYS A 32 -6.12 -14.45 -4.72
CA LYS A 32 -7.30 -13.60 -4.83
C LYS A 32 -8.15 -13.69 -3.58
N GLU A 33 -9.04 -12.72 -3.40
CA GLU A 33 -9.93 -12.70 -2.25
C GLU A 33 -9.16 -12.35 -0.98
N ASN A 34 -8.09 -11.58 -1.13
CA ASN A 34 -7.26 -11.18 -0.01
C ASN A 34 -7.03 -9.67 -0.01
N PHE A 35 -7.07 -9.08 1.17
CA PHE A 35 -6.87 -7.64 1.31
C PHE A 35 -5.38 -7.28 1.23
N ARG A 36 -4.99 -6.65 0.13
CA ARG A 36 -3.60 -6.26 -0.06
C ARG A 36 -3.47 -4.74 -0.17
N LEU A 37 -2.25 -4.26 -0.31
CA LEU A 37 -1.98 -2.83 -0.43
C LEU A 37 -0.99 -2.55 -1.55
N GLY A 38 -1.27 -1.52 -2.34
CA GLY A 38 -0.40 -1.15 -3.43
C GLY A 38 0.12 0.26 -3.32
N LYS A 39 1.43 0.41 -3.21
CA LYS A 39 2.05 1.74 -3.10
C LYS A 39 2.23 2.37 -4.47
N LEU A 40 1.39 3.36 -4.78
CA LEU A 40 1.45 4.04 -6.06
C LEU A 40 2.63 5.02 -6.10
N VAL A 41 3.60 4.74 -6.95
CA VAL A 41 4.77 5.59 -7.08
C VAL A 41 4.92 6.12 -8.50
N GLN A 42 5.45 7.33 -8.63
CA GLN A 42 5.64 7.94 -9.94
C GLN A 42 7.05 7.71 -10.45
N SER A 43 7.15 7.16 -11.66
CA SER A 43 8.46 6.88 -12.26
C SER A 43 8.81 7.94 -13.32
N THR A 44 10.10 8.10 -13.57
CA THR A 44 10.57 9.07 -14.54
C THR A 44 9.82 8.94 -15.86
N HIS A 45 9.90 7.77 -16.47
CA HIS A 45 9.22 7.52 -17.73
C HIS A 45 7.72 7.32 -17.48
N PHE A 46 6.96 7.28 -18.57
CA PHE A 46 5.52 7.09 -18.49
C PHE A 46 5.14 5.66 -18.85
N ASP A 47 5.91 4.69 -18.36
CA ASP A 47 5.65 3.28 -18.63
C ASP A 47 4.57 2.74 -17.70
N GLY A 48 3.54 3.54 -17.47
CA GLY A 48 2.46 3.12 -16.60
C GLY A 48 2.88 3.05 -15.15
N ILE A 49 1.97 3.43 -14.25
CA ILE A 49 2.26 3.40 -12.82
C ILE A 49 2.57 2.00 -12.35
N MET A 50 3.59 1.89 -11.48
CA MET A 50 3.99 0.58 -10.95
C MET A 50 3.55 0.44 -9.49
N PRO A 51 2.32 -0.05 -9.30
CA PRO A 51 1.75 -0.26 -7.96
C PRO A 51 2.43 -1.40 -7.21
N MET A 52 3.23 -1.05 -6.20
CA MET A 52 3.94 -2.05 -5.41
C MET A 52 2.96 -2.89 -4.59
N TRP A 53 2.58 -4.05 -5.12
CA TRP A 53 1.65 -4.93 -4.44
C TRP A 53 2.30 -5.58 -3.22
N ASN A 54 1.70 -5.38 -2.06
CA ASN A 54 2.21 -5.94 -0.82
C ASN A 54 1.08 -6.31 0.13
N HIS A 55 1.19 -7.49 0.74
CA HIS A 55 0.17 -7.95 1.67
C HIS A 55 -0.14 -6.84 2.67
N ALA A 56 -1.43 -6.67 2.96
CA ALA A 56 -1.88 -5.66 3.90
C ALA A 56 -1.16 -5.82 5.25
N SER A 57 -0.60 -6.99 5.49
CA SER A 57 0.11 -7.26 6.73
C SER A 57 1.61 -7.04 6.56
N CYS A 58 2.07 -7.09 5.32
CA CYS A 58 3.49 -6.90 5.01
C CYS A 58 3.86 -5.42 5.10
N ILE A 59 2.88 -4.56 4.89
CA ILE A 59 3.11 -3.12 4.94
C ILE A 59 2.88 -2.58 6.35
N LEU A 60 1.72 -2.89 6.92
CA LEU A 60 1.39 -2.45 8.27
C LEU A 60 2.49 -2.81 9.25
N LYS A 61 3.15 -3.93 9.01
CA LYS A 61 4.23 -4.40 9.88
C LYS A 61 5.41 -3.43 9.84
N LYS A 62 5.54 -2.71 8.73
CA LYS A 62 6.62 -1.75 8.56
C LYS A 62 6.25 -0.40 9.15
N THR A 63 7.14 0.58 9.02
CA THR A 63 6.90 1.92 9.53
C THR A 63 7.12 2.97 8.45
N LYS A 64 6.49 4.13 8.63
CA LYS A 64 6.62 5.23 7.68
C LYS A 64 6.12 4.81 6.30
N GLN A 65 4.95 4.17 6.26
CA GLN A 65 4.37 3.72 5.00
C GLN A 65 3.14 4.55 4.64
N ILE A 66 2.21 4.65 5.58
CA ILE A 66 0.99 5.41 5.37
C ILE A 66 0.83 6.51 6.42
N LYS A 67 0.41 7.69 5.98
CA LYS A 67 0.21 8.82 6.88
C LYS A 67 -1.15 8.74 7.56
N SER A 68 -2.20 8.54 6.76
CA SER A 68 -3.56 8.46 7.28
C SER A 68 -4.42 7.57 6.40
N VAL A 69 -5.50 7.03 6.97
CA VAL A 69 -6.41 6.17 6.23
C VAL A 69 -6.95 6.88 4.99
N ASP A 70 -7.01 8.19 5.05
CA ASP A 70 -7.50 8.99 3.93
C ASP A 70 -6.59 8.85 2.72
N ASP A 71 -5.32 8.53 2.97
CA ASP A 71 -4.34 8.37 1.90
C ASP A 71 -4.49 7.01 1.23
N VAL A 72 -5.37 6.18 1.79
CA VAL A 72 -5.61 4.85 1.25
C VAL A 72 -6.88 4.82 0.40
N GLU A 73 -6.72 4.50 -0.88
CA GLU A 73 -7.86 4.44 -1.79
C GLU A 73 -8.63 3.13 -1.61
N GLY A 74 -9.83 3.08 -2.18
CA GLY A 74 -10.65 1.89 -2.08
C GLY A 74 -10.58 1.26 -0.70
N ILE A 75 -10.31 2.08 0.30
CA ILE A 75 -10.21 1.59 1.68
C ILE A 75 -11.60 1.31 2.25
N GLU A 76 -12.55 2.16 1.92
CA GLU A 76 -13.92 2.01 2.40
C GLU A 76 -14.54 0.72 1.88
N SER A 77 -13.97 0.20 0.80
CA SER A 77 -14.46 -1.03 0.18
C SER A 77 -14.00 -2.26 0.97
N LEU A 78 -12.94 -2.08 1.75
CA LEU A 78 -12.40 -3.19 2.55
C LEU A 78 -13.34 -3.55 3.69
N ARG A 79 -13.11 -4.70 4.30
CA ARG A 79 -13.94 -5.16 5.41
C ARG A 79 -13.63 -4.38 6.68
N TRP A 80 -14.64 -4.18 7.51
CA TRP A 80 -14.47 -3.46 8.77
C TRP A 80 -13.13 -3.78 9.41
N GLU A 81 -12.93 -5.05 9.75
CA GLU A 81 -11.69 -5.49 10.36
C GLU A 81 -10.48 -4.95 9.61
N ASP A 82 -10.55 -4.98 8.27
CA ASP A 82 -9.48 -4.49 7.43
C ASP A 82 -9.29 -2.98 7.60
N GLN A 83 -10.38 -2.24 7.39
CA GLN A 83 -10.33 -0.78 7.52
C GLN A 83 -9.75 -0.37 8.86
N GLN A 84 -9.97 -1.19 9.88
CA GLN A 84 -9.47 -0.91 11.22
C GLN A 84 -7.95 -0.99 11.25
N LYS A 85 -7.40 -2.01 10.61
CA LYS A 85 -5.96 -2.21 10.57
C LYS A 85 -5.26 -0.96 10.04
N ILE A 86 -5.95 -0.22 9.17
CA ILE A 86 -5.39 0.99 8.60
C ILE A 86 -5.34 2.12 9.63
N ARG A 87 -6.52 2.58 10.04
CA ARG A 87 -6.62 3.65 11.02
C ARG A 87 -5.82 3.31 12.28
N LYS A 88 -5.87 2.05 12.69
CA LYS A 88 -5.17 1.60 13.88
C LYS A 88 -3.66 1.51 13.61
N TYR A 89 -3.26 1.90 12.40
CA TYR A 89 -1.86 1.87 12.02
C TYR A 89 -1.32 3.28 11.78
N VAL A 90 -2.15 4.12 11.18
CA VAL A 90 -1.76 5.50 10.90
C VAL A 90 -1.87 6.37 12.15
N GLU A 91 -2.78 6.01 13.04
CA GLU A 91 -2.98 6.75 14.27
C GLU A 91 -1.92 6.39 15.31
N SER A 92 -1.77 5.10 15.57
CA SER A 92 -0.79 4.62 16.53
C SER A 92 0.59 4.53 15.91
N GLY A 93 1.62 4.45 16.76
CA GLY A 93 2.98 4.35 16.27
C GLY A 93 3.22 3.10 15.44
N ALA A 94 3.32 3.26 14.13
CA ALA A 94 3.55 2.13 13.24
C ALA A 94 4.78 1.34 13.66
N GLY A 95 4.72 0.03 13.47
CA GLY A 95 5.83 -0.83 13.84
C GLY A 95 5.58 -1.60 15.12
N SER A 96 4.92 -2.75 14.99
CA SER A 96 4.60 -3.58 16.14
C SER A 96 5.52 -4.80 16.20
N ASN A 97 5.61 -5.53 15.09
CA ASN A 97 6.46 -6.71 15.01
C ASN A 97 7.93 -6.32 14.93
N THR A 98 8.60 -6.31 16.08
CA THR A 98 10.01 -5.96 16.13
C THR A 98 10.77 -6.51 14.93
N SER A 99 11.61 -5.67 14.33
CA SER A 99 12.38 -6.08 13.16
C SER A 99 13.62 -6.87 13.58
N THR A 100 13.44 -8.17 13.78
CA THR A 100 14.54 -9.04 14.18
C THR A 100 14.52 -10.35 13.42
N SER A 101 15.70 -10.92 13.19
CA SER A 101 15.81 -12.18 12.46
C SER A 101 16.59 -13.21 13.27
N THR A 102 15.90 -14.27 13.68
CA THR A 102 16.53 -15.33 14.47
C THR A 102 17.38 -16.23 13.59
N GLY A 103 18.64 -16.43 14.00
CA GLY A 103 19.53 -17.28 13.23
C GLY A 103 20.69 -17.79 14.07
N THR A 104 21.31 -16.90 14.84
CA THR A 104 22.43 -17.27 15.69
C THR A 104 22.21 -18.64 16.33
N SER A 105 23.00 -19.62 15.90
CA SER A 105 22.89 -20.98 16.42
C SER A 105 23.18 -21.00 17.92
N THR A 106 22.96 -22.16 18.54
CA THR A 106 23.20 -22.31 19.97
C THR A 106 24.19 -23.44 20.24
N SER A 107 24.54 -23.62 21.51
CA SER A 107 25.48 -24.66 21.90
C SER A 107 24.78 -26.01 22.00
N SER A 108 23.96 -26.32 21.01
CA SER A 108 23.22 -27.58 20.98
C SER A 108 23.68 -28.45 19.81
N SER A 109 23.11 -29.65 19.71
CA SER A 109 23.46 -30.58 18.65
C SER A 109 23.53 -29.85 17.30
N GLY A 110 22.47 -29.12 16.97
CA GLY A 110 22.44 -28.40 15.71
C GLY A 110 22.25 -29.31 14.51
N PRO A 111 21.09 -29.19 13.85
CA PRO A 111 20.76 -30.00 12.68
C PRO A 111 21.60 -29.64 11.47
N SER A 112 22.56 -30.50 11.14
CA SER A 112 23.44 -30.27 10.00
C SER A 112 22.93 -31.02 8.77
N SER A 113 23.48 -30.67 7.60
CA SER A 113 23.10 -31.31 6.36
C SER A 113 23.93 -32.56 6.10
N GLY A 114 23.53 -33.35 5.11
CA GLY A 114 24.25 -34.56 4.77
C GLY A 114 25.28 -34.35 3.69
N GLY A 1 3.53 4.92 -23.67
CA GLY A 1 3.42 6.11 -22.85
C GLY A 1 2.01 6.31 -22.31
N SER A 2 1.90 6.44 -20.99
CA SER A 2 0.61 6.63 -20.36
C SER A 2 0.49 8.03 -19.76
N SER A 3 -0.73 8.55 -19.72
CA SER A 3 -0.98 9.89 -19.19
C SER A 3 -1.73 9.80 -17.86
N GLY A 4 -0.97 9.73 -16.77
CA GLY A 4 -1.58 9.64 -15.45
C GLY A 4 -2.16 10.97 -15.00
N SER A 5 -2.16 11.20 -13.69
CA SER A 5 -2.69 12.44 -13.14
C SER A 5 -2.00 12.79 -11.82
N SER A 6 -2.09 14.05 -11.43
CA SER A 6 -1.46 14.52 -10.20
C SER A 6 -2.31 14.16 -8.99
N GLY A 7 -3.63 14.32 -9.13
CA GLY A 7 -4.53 14.01 -8.04
C GLY A 7 -4.83 12.53 -7.94
N HIS A 8 -4.19 11.87 -6.98
CA HIS A 8 -4.39 10.44 -6.80
C HIS A 8 -3.78 10.00 -5.47
N LYS A 9 -4.49 9.11 -4.79
CA LYS A 9 -4.05 8.59 -3.50
C LYS A 9 -2.75 7.82 -3.66
N PRO A 10 -1.86 7.95 -2.66
CA PRO A 10 -0.56 7.26 -2.65
C PRO A 10 -0.70 5.76 -2.47
N TRP A 11 -1.65 5.36 -1.63
CA TRP A 11 -1.89 3.94 -1.36
C TRP A 11 -3.23 3.49 -1.93
N ARG A 12 -3.33 2.20 -2.26
CA ARG A 12 -4.56 1.66 -2.82
C ARG A 12 -5.03 0.45 -2.02
N ALA A 13 -6.34 0.30 -1.90
CA ALA A 13 -6.92 -0.82 -1.16
C ALA A 13 -8.02 -1.50 -1.97
N GLU A 14 -7.83 -2.78 -2.26
CA GLU A 14 -8.80 -3.54 -3.03
C GLU A 14 -8.52 -5.04 -2.95
N TYR A 15 -9.57 -5.85 -3.02
CA TYR A 15 -9.42 -7.30 -2.95
C TYR A 15 -8.91 -7.86 -4.27
N ALA A 16 -7.86 -8.66 -4.19
CA ALA A 16 -7.27 -9.27 -5.38
C ALA A 16 -8.30 -10.08 -6.15
N LYS A 17 -8.13 -10.15 -7.47
CA LYS A 17 -9.04 -10.91 -8.32
C LYS A 17 -8.40 -12.22 -8.78
N SER A 18 -7.09 -12.27 -8.74
CA SER A 18 -6.35 -13.46 -9.16
C SER A 18 -5.08 -13.64 -8.34
N SER A 19 -4.55 -14.86 -8.32
CA SER A 19 -3.33 -15.16 -7.57
C SER A 19 -2.11 -15.08 -8.47
N ARG A 20 -2.11 -14.10 -9.37
CA ARG A 20 -1.00 -13.91 -10.29
C ARG A 20 0.05 -12.97 -9.70
N SER A 21 -0.43 -11.90 -9.04
CA SER A 21 0.46 -10.92 -8.45
C SER A 21 1.18 -11.51 -7.23
N SER A 22 2.42 -11.10 -7.02
CA SER A 22 3.22 -11.60 -5.90
C SER A 22 3.79 -10.44 -5.09
N CYS A 23 3.65 -10.52 -3.77
CA CYS A 23 4.15 -9.48 -2.87
C CYS A 23 5.63 -9.21 -3.13
N LYS A 24 6.10 -8.07 -2.67
CA LYS A 24 7.50 -7.69 -2.83
C LYS A 24 8.23 -7.66 -1.50
N THR A 25 7.49 -7.35 -0.43
CA THR A 25 8.07 -7.30 0.90
C THR A 25 8.46 -8.69 1.40
N CYS A 26 7.64 -9.68 1.05
CA CYS A 26 7.90 -11.06 1.45
C CYS A 26 8.24 -11.93 0.24
N LYS A 27 7.91 -11.42 -0.94
CA LYS A 27 8.18 -12.15 -2.18
C LYS A 27 7.32 -13.40 -2.28
N SER A 28 6.03 -13.26 -1.96
CA SER A 28 5.10 -14.38 -2.00
C SER A 28 3.93 -14.08 -2.93
N VAL A 29 3.06 -15.06 -3.10
CA VAL A 29 1.89 -14.90 -3.97
C VAL A 29 0.69 -14.36 -3.20
N ILE A 30 -0.06 -13.47 -3.83
CA ILE A 30 -1.23 -12.87 -3.20
C ILE A 30 -2.52 -13.44 -3.77
N ASN A 31 -3.00 -14.53 -3.17
CA ASN A 31 -4.22 -15.17 -3.62
C ASN A 31 -5.38 -14.18 -3.66
N LYS A 32 -6.29 -14.38 -4.61
CA LYS A 32 -7.45 -13.51 -4.75
C LYS A 32 -8.35 -13.59 -3.53
N GLU A 33 -9.23 -12.61 -3.38
CA GLU A 33 -10.15 -12.56 -2.25
C GLU A 33 -9.42 -12.20 -0.97
N ASN A 34 -8.29 -11.51 -1.11
CA ASN A 34 -7.49 -11.10 0.03
C ASN A 34 -7.29 -9.58 0.05
N PHE A 35 -6.99 -9.04 1.22
CA PHE A 35 -6.78 -7.61 1.37
C PHE A 35 -5.31 -7.26 1.24
N ARG A 36 -4.95 -6.61 0.14
CA ARG A 36 -3.57 -6.23 -0.11
C ARG A 36 -3.43 -4.71 -0.22
N LEU A 37 -2.19 -4.24 -0.36
CA LEU A 37 -1.93 -2.80 -0.47
C LEU A 37 -0.90 -2.52 -1.56
N GLY A 38 -1.15 -1.50 -2.36
CA GLY A 38 -0.24 -1.14 -3.42
C GLY A 38 0.25 0.29 -3.31
N LYS A 39 1.55 0.45 -3.07
CA LYS A 39 2.15 1.76 -2.94
C LYS A 39 2.39 2.39 -4.31
N LEU A 40 1.51 3.30 -4.71
CA LEU A 40 1.63 3.97 -6.00
C LEU A 40 2.80 4.96 -5.98
N VAL A 41 3.84 4.64 -6.74
CA VAL A 41 5.02 5.50 -6.82
C VAL A 41 5.26 5.96 -8.25
N GLN A 42 5.90 7.12 -8.39
CA GLN A 42 6.19 7.67 -9.71
C GLN A 42 7.69 7.94 -9.87
N SER A 43 8.26 7.43 -10.96
CA SER A 43 9.67 7.60 -11.23
C SER A 43 9.93 8.88 -12.03
N THR A 44 11.20 9.26 -12.14
CA THR A 44 11.57 10.46 -12.87
C THR A 44 10.77 10.58 -14.17
N HIS A 45 10.62 9.48 -14.87
CA HIS A 45 9.87 9.47 -16.12
C HIS A 45 8.54 8.77 -15.92
N PHE A 46 7.56 9.19 -16.71
CA PHE A 46 6.22 8.62 -16.64
C PHE A 46 6.04 7.53 -17.69
N ASP A 47 6.29 6.28 -17.29
CA ASP A 47 6.16 5.15 -18.21
C ASP A 47 5.29 4.05 -17.58
N GLY A 48 4.21 4.46 -16.93
CA GLY A 48 3.33 3.50 -16.31
C GLY A 48 3.63 3.29 -14.84
N ILE A 49 2.85 3.94 -13.97
CA ILE A 49 3.06 3.83 -12.53
C ILE A 49 3.26 2.39 -12.12
N MET A 50 4.23 2.16 -11.23
CA MET A 50 4.52 0.81 -10.75
C MET A 50 4.04 0.64 -9.30
N PRO A 51 2.79 0.17 -9.15
CA PRO A 51 2.19 -0.04 -7.84
C PRO A 51 2.83 -1.23 -7.10
N MET A 52 3.57 -0.92 -6.05
CA MET A 52 4.23 -1.96 -5.25
C MET A 52 3.21 -2.79 -4.49
N TRP A 53 2.84 -3.93 -5.06
CA TRP A 53 1.86 -4.82 -4.42
C TRP A 53 2.47 -5.51 -3.20
N ASN A 54 1.84 -5.32 -2.05
CA ASN A 54 2.32 -5.92 -0.81
C ASN A 54 1.15 -6.29 0.10
N HIS A 55 1.23 -7.45 0.71
CA HIS A 55 0.18 -7.91 1.62
C HIS A 55 -0.14 -6.80 2.63
N ALA A 56 -1.43 -6.63 2.90
CA ALA A 56 -1.88 -5.63 3.85
C ALA A 56 -1.18 -5.77 5.19
N SER A 57 -0.64 -6.96 5.44
CA SER A 57 0.06 -7.23 6.70
C SER A 57 1.56 -7.01 6.52
N CYS A 58 2.03 -7.09 5.28
CA CYS A 58 3.44 -6.91 4.97
C CYS A 58 3.82 -5.42 5.04
N ILE A 59 2.85 -4.56 4.81
CA ILE A 59 3.08 -3.13 4.85
C ILE A 59 2.85 -2.56 6.24
N LEU A 60 1.67 -2.83 6.80
CA LEU A 60 1.33 -2.36 8.14
C LEU A 60 2.42 -2.70 9.14
N LYS A 61 3.02 -3.88 8.97
CA LYS A 61 4.10 -4.33 9.85
C LYS A 61 5.28 -3.36 9.80
N LYS A 62 5.51 -2.77 8.64
CA LYS A 62 6.60 -1.84 8.45
C LYS A 62 6.29 -0.48 9.09
N THR A 63 7.17 0.49 8.89
CA THR A 63 6.98 1.82 9.44
C THR A 63 7.10 2.89 8.36
N LYS A 64 6.54 4.06 8.63
CA LYS A 64 6.59 5.16 7.68
C LYS A 64 6.08 4.73 6.31
N GLN A 65 4.89 4.14 6.29
CA GLN A 65 4.30 3.67 5.03
C GLN A 65 3.06 4.49 4.69
N ILE A 66 2.14 4.59 5.64
CA ILE A 66 0.92 5.34 5.43
C ILE A 66 0.77 6.47 6.45
N LYS A 67 0.27 7.61 6.00
CA LYS A 67 0.09 8.77 6.87
C LYS A 67 -1.29 8.75 7.51
N SER A 68 -2.31 8.55 6.70
CA SER A 68 -3.69 8.51 7.21
C SER A 68 -4.57 7.65 6.30
N VAL A 69 -5.60 7.07 6.90
CA VAL A 69 -6.52 6.21 6.16
C VAL A 69 -7.12 6.95 4.96
N ASP A 70 -7.07 8.28 5.01
CA ASP A 70 -7.61 9.11 3.94
C ASP A 70 -6.75 9.00 2.69
N ASP A 71 -5.47 8.70 2.88
CA ASP A 71 -4.54 8.56 1.76
C ASP A 71 -4.73 7.22 1.06
N VAL A 72 -5.45 6.31 1.72
CA VAL A 72 -5.71 4.99 1.15
C VAL A 72 -6.99 4.98 0.32
N GLU A 73 -6.89 4.51 -0.91
CA GLU A 73 -8.04 4.46 -1.80
C GLU A 73 -8.75 3.10 -1.69
N GLY A 74 -10.01 3.07 -2.10
CA GLY A 74 -10.78 1.84 -2.05
C GLY A 74 -10.73 1.19 -0.67
N ILE A 75 -10.43 2.00 0.35
CA ILE A 75 -10.35 1.49 1.70
C ILE A 75 -11.73 1.19 2.28
N GLU A 76 -12.72 1.95 1.82
CA GLU A 76 -14.09 1.77 2.28
C GLU A 76 -14.67 0.45 1.76
N SER A 77 -14.01 -0.13 0.77
CA SER A 77 -14.46 -1.40 0.19
C SER A 77 -13.89 -2.58 0.97
N LEU A 78 -12.84 -2.33 1.73
CA LEU A 78 -12.20 -3.38 2.52
C LEU A 78 -13.07 -3.76 3.71
N ARG A 79 -12.92 -5.01 4.17
CA ARG A 79 -13.70 -5.51 5.29
C ARG A 79 -13.41 -4.70 6.56
N TRP A 80 -14.43 -4.52 7.38
CA TRP A 80 -14.28 -3.76 8.62
C TRP A 80 -12.92 -4.04 9.27
N GLU A 81 -12.67 -5.30 9.59
CA GLU A 81 -11.41 -5.70 10.22
C GLU A 81 -10.23 -5.07 9.48
N ASP A 82 -10.27 -5.10 8.16
CA ASP A 82 -9.21 -4.54 7.34
C ASP A 82 -9.10 -3.03 7.55
N GLN A 83 -10.21 -2.33 7.36
CA GLN A 83 -10.24 -0.88 7.53
C GLN A 83 -9.68 -0.48 8.88
N GLN A 84 -9.80 -1.38 9.86
CA GLN A 84 -9.31 -1.12 11.20
C GLN A 84 -7.78 -1.21 11.25
N LYS A 85 -7.23 -2.18 10.55
CA LYS A 85 -5.78 -2.37 10.50
C LYS A 85 -5.09 -1.14 9.94
N ILE A 86 -5.82 -0.34 9.18
CA ILE A 86 -5.28 0.87 8.59
C ILE A 86 -5.29 2.02 9.58
N ARG A 87 -6.50 2.44 9.98
CA ARG A 87 -6.65 3.53 10.93
C ARG A 87 -5.85 3.26 12.21
N LYS A 88 -5.83 2.00 12.62
CA LYS A 88 -5.11 1.61 13.83
C LYS A 88 -3.60 1.63 13.59
N TYR A 89 -3.20 2.02 12.38
CA TYR A 89 -1.79 2.09 12.04
C TYR A 89 -1.34 3.53 11.84
N VAL A 90 -2.20 4.33 11.22
CA VAL A 90 -1.90 5.73 10.97
C VAL A 90 -1.94 6.54 12.26
N GLU A 91 -2.86 6.18 13.15
CA GLU A 91 -2.99 6.86 14.43
C GLU A 91 -1.84 6.52 15.36
N SER A 92 -1.53 5.23 15.45
CA SER A 92 -0.44 4.77 16.31
C SER A 92 0.84 5.53 16.03
N GLY A 93 1.94 5.09 16.65
CA GLY A 93 3.22 5.74 16.44
C GLY A 93 3.88 5.34 15.14
N ALA A 94 3.07 4.95 14.16
CA ALA A 94 3.58 4.53 12.87
C ALA A 94 3.78 5.74 11.95
N GLY A 95 2.68 6.39 11.59
CA GLY A 95 2.75 7.55 10.72
C GLY A 95 3.78 7.39 9.63
N SER A 96 4.25 8.51 9.09
CA SER A 96 5.24 8.49 8.02
C SER A 96 5.71 9.90 7.68
N ASN A 97 6.59 10.01 6.69
CA ASN A 97 7.11 11.30 6.26
C ASN A 97 7.52 11.27 4.79
N THR A 98 7.82 12.44 4.25
CA THR A 98 8.24 12.55 2.85
C THR A 98 9.08 11.35 2.43
N SER A 99 8.90 10.90 1.19
CA SER A 99 9.65 9.76 0.68
C SER A 99 9.83 9.87 -0.84
N THR A 100 11.06 10.11 -1.27
CA THR A 100 11.36 10.24 -2.69
C THR A 100 12.49 9.30 -3.09
N SER A 101 12.17 8.32 -3.93
CA SER A 101 13.15 7.36 -4.40
C SER A 101 12.63 6.59 -5.61
N THR A 102 13.45 5.68 -6.13
CA THR A 102 13.08 4.88 -7.29
C THR A 102 13.25 3.39 -7.00
N GLY A 103 12.13 2.66 -7.03
CA GLY A 103 12.18 1.23 -6.78
C GLY A 103 13.35 0.56 -7.47
N THR A 104 13.79 -0.57 -6.93
CA THR A 104 14.90 -1.32 -7.49
C THR A 104 14.41 -2.46 -8.38
N SER A 105 13.49 -3.26 -7.83
CA SER A 105 12.93 -4.39 -8.57
C SER A 105 11.52 -4.69 -8.11
N THR A 106 10.55 -4.44 -8.99
CA THR A 106 9.15 -4.68 -8.67
C THR A 106 8.49 -5.59 -9.71
N SER A 107 7.34 -6.15 -9.37
CA SER A 107 6.62 -7.04 -10.27
C SER A 107 5.17 -6.60 -10.43
N SER A 108 4.57 -6.95 -11.56
CA SER A 108 3.18 -6.58 -11.83
C SER A 108 2.54 -7.59 -12.78
N SER A 109 1.22 -7.52 -12.90
CA SER A 109 0.47 -8.42 -13.77
C SER A 109 -0.81 -7.77 -14.27
N GLY A 110 -1.39 -8.35 -15.31
CA GLY A 110 -2.62 -7.80 -15.88
C GLY A 110 -3.01 -8.49 -17.17
N PRO A 111 -4.20 -9.11 -17.17
CA PRO A 111 -4.72 -9.81 -18.35
C PRO A 111 -5.11 -8.86 -19.48
N SER A 112 -5.60 -9.42 -20.58
CA SER A 112 -6.00 -8.61 -21.73
C SER A 112 -7.21 -7.74 -21.39
N SER A 113 -8.19 -8.35 -20.72
CA SER A 113 -9.40 -7.63 -20.33
C SER A 113 -9.29 -7.10 -18.91
N GLY A 114 -10.13 -6.10 -18.60
CA GLY A 114 -10.11 -5.51 -17.27
C GLY A 114 -11.46 -5.59 -16.58
N GLY A 1 -2.24 16.40 -23.15
CA GLY A 1 -1.67 15.22 -22.53
C GLY A 1 -2.67 14.48 -21.67
N SER A 2 -3.10 15.12 -20.58
CA SER A 2 -4.06 14.50 -19.67
C SER A 2 -5.13 15.50 -19.25
N SER A 3 -6.25 14.98 -18.76
CA SER A 3 -7.36 15.83 -18.32
C SER A 3 -7.75 15.52 -16.88
N GLY A 4 -7.57 16.49 -15.99
CA GLY A 4 -7.91 16.29 -14.60
C GLY A 4 -6.86 15.49 -13.86
N SER A 5 -7.25 14.29 -13.43
CA SER A 5 -6.34 13.43 -12.69
C SER A 5 -5.41 14.23 -11.80
N SER A 6 -5.98 15.22 -11.11
CA SER A 6 -5.20 16.08 -10.21
C SER A 6 -5.45 15.70 -8.75
N GLY A 7 -4.70 14.71 -8.27
CA GLY A 7 -4.85 14.27 -6.90
C GLY A 7 -5.12 12.78 -6.79
N HIS A 8 -4.07 11.99 -6.89
CA HIS A 8 -4.21 10.54 -6.80
C HIS A 8 -3.63 10.05 -5.47
N LYS A 9 -4.39 9.17 -4.82
CA LYS A 9 -3.99 8.62 -3.54
C LYS A 9 -2.68 7.83 -3.68
N PRO A 10 -1.81 7.95 -2.67
CA PRO A 10 -0.52 7.25 -2.65
C PRO A 10 -0.68 5.74 -2.47
N TRP A 11 -1.66 5.34 -1.69
CA TRP A 11 -1.92 3.94 -1.43
C TRP A 11 -3.29 3.52 -1.95
N ARG A 12 -3.42 2.25 -2.32
CA ARG A 12 -4.69 1.74 -2.83
C ARG A 12 -5.16 0.53 -2.02
N ALA A 13 -6.47 0.31 -1.99
CA ALA A 13 -7.04 -0.80 -1.25
C ALA A 13 -8.10 -1.52 -2.08
N GLU A 14 -7.86 -2.79 -2.36
CA GLU A 14 -8.80 -3.59 -3.15
C GLU A 14 -8.45 -5.07 -3.07
N TYR A 15 -9.47 -5.92 -3.11
CA TYR A 15 -9.27 -7.36 -3.05
C TYR A 15 -8.78 -7.91 -4.39
N ALA A 16 -7.68 -8.66 -4.35
CA ALA A 16 -7.10 -9.23 -5.56
C ALA A 16 -8.14 -10.05 -6.32
N LYS A 17 -7.91 -10.22 -7.61
CA LYS A 17 -8.82 -10.98 -8.46
C LYS A 17 -8.20 -12.31 -8.87
N SER A 18 -6.87 -12.35 -8.92
CA SER A 18 -6.15 -13.55 -9.30
C SER A 18 -4.91 -13.74 -8.44
N SER A 19 -4.38 -14.96 -8.44
CA SER A 19 -3.21 -15.28 -7.64
C SER A 19 -1.94 -15.20 -8.50
N ARG A 20 -1.90 -14.22 -9.39
CA ARG A 20 -0.75 -14.03 -10.28
C ARG A 20 0.26 -13.07 -9.65
N SER A 21 -0.25 -12.04 -8.96
CA SER A 21 0.61 -11.07 -8.32
C SER A 21 1.38 -11.68 -7.16
N SER A 22 2.48 -11.04 -6.77
CA SER A 22 3.29 -11.53 -5.67
C SER A 22 3.85 -10.37 -4.84
N CYS A 23 3.72 -10.47 -3.52
CA CYS A 23 4.19 -9.44 -2.63
C CYS A 23 5.68 -9.18 -2.83
N LYS A 24 6.15 -8.03 -2.36
CA LYS A 24 7.55 -7.66 -2.49
C LYS A 24 8.26 -7.72 -1.14
N THR A 25 7.53 -7.40 -0.08
CA THR A 25 8.09 -7.41 1.27
C THR A 25 8.49 -8.83 1.68
N CYS A 26 7.58 -9.78 1.47
CA CYS A 26 7.84 -11.18 1.82
C CYS A 26 8.20 -11.99 0.59
N LYS A 27 7.89 -11.44 -0.58
CA LYS A 27 8.18 -12.12 -1.84
C LYS A 27 7.32 -13.37 -2.01
N SER A 28 6.05 -13.26 -1.62
CA SER A 28 5.13 -14.38 -1.72
C SER A 28 4.01 -14.07 -2.72
N VAL A 29 3.10 -15.01 -2.88
CA VAL A 29 1.98 -14.85 -3.81
C VAL A 29 0.75 -14.30 -3.09
N ILE A 30 -0.01 -13.46 -3.79
CA ILE A 30 -1.21 -12.87 -3.21
C ILE A 30 -2.47 -13.41 -3.89
N ASN A 31 -2.99 -14.51 -3.34
CA ASN A 31 -4.19 -15.13 -3.89
C ASN A 31 -5.34 -14.14 -3.93
N LYS A 32 -6.25 -14.33 -4.88
CA LYS A 32 -7.42 -13.46 -5.02
C LYS A 32 -8.31 -13.54 -3.80
N GLU A 33 -9.20 -12.57 -3.64
CA GLU A 33 -10.13 -12.54 -2.51
C GLU A 33 -9.39 -12.19 -1.22
N ASN A 34 -8.26 -11.51 -1.36
CA ASN A 34 -7.46 -11.11 -0.20
C ASN A 34 -7.23 -9.61 -0.18
N PHE A 35 -7.17 -9.04 1.02
CA PHE A 35 -6.95 -7.61 1.17
C PHE A 35 -5.46 -7.26 1.07
N ARG A 36 -5.09 -6.58 0.00
CA ARG A 36 -3.69 -6.20 -0.21
C ARG A 36 -3.55 -4.68 -0.32
N LEU A 37 -2.34 -4.22 -0.58
CA LEU A 37 -2.07 -2.79 -0.71
C LEU A 37 -1.07 -2.52 -1.81
N GLY A 38 -1.33 -1.48 -2.61
CA GLY A 38 -0.43 -1.14 -3.69
C GLY A 38 0.05 0.30 -3.62
N LYS A 39 1.34 0.47 -3.37
CA LYS A 39 1.92 1.80 -3.26
C LYS A 39 2.11 2.43 -4.64
N LEU A 40 1.20 3.32 -5.01
CA LEU A 40 1.28 3.98 -6.30
C LEU A 40 2.43 4.99 -6.34
N VAL A 41 3.49 4.63 -7.05
CA VAL A 41 4.66 5.49 -7.17
C VAL A 41 4.74 6.11 -8.56
N GLN A 42 5.37 7.28 -8.64
CA GLN A 42 5.52 7.98 -9.92
C GLN A 42 6.73 7.45 -10.69
N SER A 43 6.49 6.69 -11.74
CA SER A 43 7.55 6.13 -12.55
C SER A 43 8.20 7.21 -13.42
N THR A 44 9.48 7.03 -13.71
CA THR A 44 10.22 7.99 -14.54
C THR A 44 9.43 8.36 -15.78
N HIS A 45 9.38 9.64 -16.09
CA HIS A 45 8.66 10.12 -17.26
C HIS A 45 7.29 9.44 -17.31
N PHE A 46 6.71 9.26 -16.14
CA PHE A 46 5.39 8.63 -16.02
C PHE A 46 5.35 7.33 -16.81
N ASP A 47 6.38 6.51 -16.65
CA ASP A 47 6.46 5.23 -17.35
C ASP A 47 5.54 4.20 -16.69
N GLY A 48 4.27 4.22 -17.08
CA GLY A 48 3.31 3.28 -16.52
C GLY A 48 3.54 3.03 -15.05
N ILE A 49 2.93 3.86 -14.19
CA ILE A 49 3.08 3.72 -12.75
C ILE A 49 3.20 2.25 -12.35
N MET A 50 4.11 1.96 -11.43
CA MET A 50 4.32 0.60 -10.96
C MET A 50 3.76 0.42 -9.55
N PRO A 51 2.56 -0.14 -9.45
CA PRO A 51 1.89 -0.38 -8.16
C PRO A 51 2.57 -1.48 -7.36
N MET A 52 3.34 -1.07 -6.35
CA MET A 52 4.04 -2.02 -5.50
C MET A 52 3.06 -2.86 -4.69
N TRP A 53 2.77 -4.06 -5.20
CA TRP A 53 1.83 -4.96 -4.53
C TRP A 53 2.46 -5.56 -3.28
N ASN A 54 1.77 -5.43 -2.15
CA ASN A 54 2.27 -5.96 -0.89
C ASN A 54 1.11 -6.27 0.07
N HIS A 55 1.15 -7.43 0.69
CA HIS A 55 0.11 -7.83 1.61
C HIS A 55 -0.18 -6.68 2.58
N ALA A 56 -1.47 -6.46 2.80
CA ALA A 56 -1.92 -5.40 3.71
C ALA A 56 -1.30 -5.56 5.08
N SER A 57 -0.74 -6.74 5.35
CA SER A 57 -0.13 -7.02 6.65
C SER A 57 1.39 -6.87 6.57
N CYS A 58 1.92 -6.95 5.34
CA CYS A 58 3.36 -6.83 5.13
C CYS A 58 3.79 -5.36 5.17
N ILE A 59 2.88 -4.47 4.79
CA ILE A 59 3.18 -3.04 4.79
C ILE A 59 2.96 -2.44 6.17
N LEU A 60 1.82 -2.73 6.78
CA LEU A 60 1.50 -2.22 8.11
C LEU A 60 2.62 -2.53 9.09
N LYS A 61 3.16 -3.75 9.01
CA LYS A 61 4.24 -4.18 9.89
C LYS A 61 5.45 -3.26 9.74
N LYS A 62 5.60 -2.67 8.56
CA LYS A 62 6.72 -1.77 8.29
C LYS A 62 6.47 -0.41 8.91
N THR A 63 7.40 0.52 8.68
CA THR A 63 7.29 1.87 9.21
C THR A 63 7.30 2.90 8.09
N LYS A 64 6.80 4.10 8.39
CA LYS A 64 6.76 5.18 7.40
C LYS A 64 6.18 4.68 6.08
N GLN A 65 4.99 4.09 6.15
CA GLN A 65 4.33 3.58 4.95
C GLN A 65 3.11 4.42 4.61
N ILE A 66 2.23 4.62 5.59
CA ILE A 66 1.02 5.40 5.39
C ILE A 66 0.91 6.52 6.42
N LYS A 67 0.39 7.66 6.00
CA LYS A 67 0.21 8.81 6.89
C LYS A 67 -1.17 8.79 7.54
N SER A 68 -2.19 8.58 6.72
CA SER A 68 -3.56 8.56 7.20
C SER A 68 -4.43 7.66 6.33
N VAL A 69 -5.51 7.14 6.91
CA VAL A 69 -6.43 6.27 6.19
C VAL A 69 -7.05 6.98 5.00
N ASP A 70 -7.03 8.31 5.03
CA ASP A 70 -7.60 9.11 3.96
C ASP A 70 -6.74 9.00 2.69
N ASP A 71 -5.46 8.71 2.88
CA ASP A 71 -4.53 8.57 1.76
C ASP A 71 -4.77 7.27 1.02
N VAL A 72 -5.39 6.31 1.70
CA VAL A 72 -5.68 5.01 1.11
C VAL A 72 -6.97 5.05 0.29
N GLU A 73 -6.90 4.54 -0.93
CA GLU A 73 -8.07 4.52 -1.81
C GLU A 73 -8.81 3.20 -1.69
N GLY A 74 -10.10 3.22 -2.05
CA GLY A 74 -10.91 2.02 -1.97
C GLY A 74 -10.81 1.34 -0.62
N ILE A 75 -10.43 2.10 0.40
CA ILE A 75 -10.29 1.56 1.75
C ILE A 75 -11.65 1.34 2.39
N GLU A 76 -12.64 2.11 1.95
CA GLU A 76 -14.00 1.99 2.49
C GLU A 76 -14.67 0.73 1.97
N SER A 77 -14.05 0.09 0.99
CA SER A 77 -14.60 -1.14 0.40
C SER A 77 -14.08 -2.37 1.12
N LEU A 78 -13.06 -2.17 1.96
CA LEU A 78 -12.48 -3.27 2.72
C LEU A 78 -13.35 -3.64 3.90
N ARG A 79 -13.13 -4.84 4.45
CA ARG A 79 -13.90 -5.32 5.58
C ARG A 79 -13.53 -4.56 6.86
N TRP A 80 -14.49 -4.37 7.73
CA TRP A 80 -14.27 -3.65 8.98
C TRP A 80 -12.90 -3.98 9.55
N GLU A 81 -12.64 -5.26 9.79
CA GLU A 81 -11.38 -5.71 10.34
C GLU A 81 -10.21 -5.13 9.54
N ASP A 82 -10.37 -5.10 8.22
CA ASP A 82 -9.33 -4.57 7.34
C ASP A 82 -9.16 -3.07 7.54
N GLN A 83 -10.27 -2.34 7.43
CA GLN A 83 -10.24 -0.89 7.59
C GLN A 83 -9.62 -0.50 8.94
N GLN A 84 -9.79 -1.37 9.93
CA GLN A 84 -9.24 -1.12 11.26
C GLN A 84 -7.72 -1.25 11.26
N LYS A 85 -7.22 -2.21 10.50
CA LYS A 85 -5.78 -2.44 10.41
C LYS A 85 -5.06 -1.18 9.93
N ILE A 86 -5.77 -0.35 9.18
CA ILE A 86 -5.20 0.88 8.66
C ILE A 86 -5.22 1.99 9.70
N ARG A 87 -6.42 2.43 10.08
CA ARG A 87 -6.58 3.47 11.07
C ARG A 87 -5.82 3.13 12.35
N LYS A 88 -5.86 1.85 12.73
CA LYS A 88 -5.18 1.39 13.93
C LYS A 88 -3.67 1.35 13.72
N TYR A 89 -3.23 1.79 12.55
CA TYR A 89 -1.81 1.80 12.22
C TYR A 89 -1.31 3.23 12.04
N VAL A 90 -2.11 4.06 11.40
CA VAL A 90 -1.75 5.45 11.16
C VAL A 90 -1.89 6.28 12.43
N GLU A 91 -2.89 5.94 13.25
CA GLU A 91 -3.13 6.66 14.49
C GLU A 91 -2.04 6.35 15.52
N SER A 92 -1.81 5.06 15.76
CA SER A 92 -0.80 4.63 16.72
C SER A 92 0.58 4.59 16.07
N GLY A 93 1.62 4.45 16.90
CA GLY A 93 2.97 4.41 16.39
C GLY A 93 3.21 3.21 15.48
N ALA A 94 3.46 3.49 14.21
CA ALA A 94 3.71 2.43 13.23
C ALA A 94 4.71 1.41 13.77
N GLY A 95 4.23 0.20 14.04
CA GLY A 95 5.09 -0.84 14.56
C GLY A 95 4.60 -1.41 15.88
N SER A 96 4.60 -2.73 15.99
CA SER A 96 4.14 -3.41 17.20
C SER A 96 5.31 -4.07 17.93
N ASN A 97 5.95 -5.01 17.26
CA ASN A 97 7.08 -5.73 17.84
C ASN A 97 8.02 -4.76 18.55
N THR A 98 8.57 -5.20 19.68
CA THR A 98 9.48 -4.38 20.46
C THR A 98 10.75 -4.06 19.67
N SER A 99 11.30 -5.07 19.00
CA SER A 99 12.51 -4.89 18.22
C SER A 99 12.30 -3.83 17.14
N THR A 100 13.40 -3.34 16.59
CA THR A 100 13.35 -2.32 15.55
C THR A 100 13.89 -2.85 14.22
N SER A 101 15.11 -3.36 14.25
CA SER A 101 15.75 -3.90 13.05
C SER A 101 15.87 -2.83 11.97
N THR A 102 16.23 -1.62 12.39
CA THR A 102 16.38 -0.51 11.45
C THR A 102 17.74 -0.54 10.77
N GLY A 103 17.74 -0.67 9.44
CA GLY A 103 18.98 -0.72 8.69
C GLY A 103 19.10 0.43 7.70
N THR A 104 18.23 0.43 6.69
CA THR A 104 18.24 1.47 5.68
C THR A 104 16.83 1.98 5.39
N SER A 105 16.66 3.29 5.44
CA SER A 105 15.35 3.90 5.19
C SER A 105 15.13 4.12 3.69
N THR A 106 16.15 4.68 3.03
CA THR A 106 16.06 4.94 1.59
C THR A 106 15.68 3.67 0.83
N SER A 107 14.73 3.81 -0.10
CA SER A 107 14.27 2.68 -0.89
C SER A 107 15.18 2.46 -2.11
N SER A 108 14.97 1.37 -2.82
CA SER A 108 15.76 1.04 -3.99
C SER A 108 15.10 1.59 -5.26
N SER A 109 15.81 2.47 -5.96
CA SER A 109 15.30 3.07 -7.18
C SER A 109 16.29 2.90 -8.32
N GLY A 110 15.78 2.89 -9.56
CA GLY A 110 16.65 2.74 -10.71
C GLY A 110 16.59 1.35 -11.30
N PRO A 111 16.54 1.26 -12.64
CA PRO A 111 16.48 -0.02 -13.36
C PRO A 111 17.79 -0.79 -13.27
N SER A 112 17.69 -2.09 -13.00
CA SER A 112 18.87 -2.94 -12.89
C SER A 112 19.29 -3.48 -14.25
N SER A 113 18.35 -4.11 -14.94
CA SER A 113 18.61 -4.67 -16.26
C SER A 113 18.04 -3.79 -17.36
N GLY A 114 18.91 -3.17 -18.13
CA GLY A 114 18.47 -2.31 -19.21
C GLY A 114 18.05 -3.08 -20.45
#